data_2JMP
#
_entry.id   2JMP
#
_cell.length_a   1.000
_cell.length_b   1.000
_cell.length_c   1.000
_cell.angle_alpha   90.00
_cell.angle_beta   90.00
_cell.angle_gamma   90.00
#
_symmetry.space_group_name_H-M   'P 1'
#
_entity_poly.entity_id   1
_entity_poly.type   'polypeptide(L)'
_entity_poly.pdbx_seq_one_letter_code
;MGGGGGGMEQFNAFKSLLKKHYEKTIGFHDKYIKDINRFVFKNNVLLILLENEFARNSLNDNSEIIHLAESLYEGIKSVN
FVNEQDFFFNLAKLEENSRDTLYQNSG
;
_entity_poly.pdbx_strand_id   A
#
# COMPACT_ATOMS: atom_id res chain seq x y z
N MET A 8 -12.10 5.67 -7.23
CA MET A 8 -13.36 5.12 -7.80
C MET A 8 -13.17 3.64 -8.12
N GLU A 9 -13.20 3.31 -9.41
CA GLU A 9 -13.03 1.93 -9.83
C GLU A 9 -11.58 1.49 -9.63
N GLN A 10 -10.69 2.47 -9.50
CA GLN A 10 -9.27 2.17 -9.29
C GLN A 10 -9.09 1.05 -8.27
N PHE A 11 -9.33 1.38 -7.01
CA PHE A 11 -9.21 0.39 -5.94
C PHE A 11 -9.83 -0.93 -6.38
N ASN A 12 -11.04 -0.85 -6.91
CA ASN A 12 -11.74 -2.03 -7.36
C ASN A 12 -10.95 -2.74 -8.45
N ALA A 13 -10.18 -1.97 -9.22
CA ALA A 13 -9.38 -2.54 -10.30
C ALA A 13 -8.10 -3.19 -9.76
N PHE A 14 -7.28 -2.40 -9.07
CA PHE A 14 -6.03 -2.91 -8.52
C PHE A 14 -6.31 -4.00 -7.47
N LYS A 15 -7.24 -3.71 -6.57
CA LYS A 15 -7.57 -4.66 -5.51
C LYS A 15 -8.15 -5.95 -6.09
N SER A 16 -9.16 -5.84 -6.95
CA SER A 16 -9.76 -7.03 -7.52
C SER A 16 -8.68 -7.85 -8.22
N LEU A 17 -7.64 -7.16 -8.68
CA LEU A 17 -6.53 -7.83 -9.34
C LEU A 17 -5.91 -8.84 -8.37
N LEU A 18 -5.72 -8.40 -7.13
CA LEU A 18 -5.16 -9.28 -6.12
C LEU A 18 -6.01 -10.53 -5.98
N LYS A 19 -7.32 -10.35 -5.90
CA LYS A 19 -8.22 -11.51 -5.79
C LYS A 19 -7.69 -12.65 -6.64
N LYS A 20 -7.60 -12.43 -7.95
CA LYS A 20 -7.09 -13.44 -8.87
C LYS A 20 -5.80 -14.04 -8.31
N HIS A 21 -4.96 -13.19 -7.74
CA HIS A 21 -3.70 -13.63 -7.17
C HIS A 21 -3.92 -14.47 -5.91
N TYR A 22 -4.60 -13.88 -4.94
CA TYR A 22 -4.88 -14.56 -3.68
C TYR A 22 -6.22 -15.27 -3.72
N GLU A 23 -6.61 -15.75 -4.91
CA GLU A 23 -7.87 -16.45 -5.05
C GLU A 23 -7.80 -17.84 -4.42
N LYS A 24 -6.86 -18.01 -3.50
CA LYS A 24 -6.71 -19.29 -2.82
C LYS A 24 -6.15 -19.08 -1.41
N THR A 25 -5.44 -17.97 -1.22
CA THR A 25 -4.86 -17.66 0.08
C THR A 25 -5.93 -17.11 1.03
N ILE A 26 -7.15 -17.63 0.90
CA ILE A 26 -8.25 -17.18 1.75
C ILE A 26 -7.77 -17.06 3.20
N GLY A 27 -7.60 -18.20 3.87
CA GLY A 27 -7.16 -18.22 5.26
C GLY A 27 -6.33 -16.98 5.61
N PHE A 28 -5.34 -16.67 4.77
CA PHE A 28 -4.49 -15.51 5.01
C PHE A 28 -5.37 -14.27 5.16
N HIS A 29 -6.26 -14.06 4.19
CA HIS A 29 -7.18 -12.93 4.23
C HIS A 29 -7.99 -12.96 5.53
N ASP A 30 -8.73 -14.05 5.75
CA ASP A 30 -9.52 -14.15 6.96
C ASP A 30 -8.66 -13.97 8.21
N LYS A 31 -7.34 -13.91 8.01
CA LYS A 31 -6.41 -13.76 9.12
C LYS A 31 -6.16 -12.28 9.44
N TYR A 32 -5.35 -11.61 8.64
CA TYR A 32 -5.03 -10.20 8.89
C TYR A 32 -5.63 -9.29 7.82
N ILE A 33 -5.09 -9.35 6.61
CA ILE A 33 -5.57 -8.51 5.52
C ILE A 33 -7.08 -8.31 5.59
N LYS A 34 -7.77 -9.28 6.21
CA LYS A 34 -9.23 -9.23 6.36
C LYS A 34 -9.84 -8.06 5.58
N ASP A 35 -10.19 -6.99 6.29
CA ASP A 35 -10.78 -5.82 5.64
C ASP A 35 -10.25 -4.53 6.25
N ILE A 36 -9.07 -4.12 5.83
CA ILE A 36 -8.46 -2.89 6.34
C ILE A 36 -9.14 -1.68 5.71
N ASN A 37 -8.48 -0.52 5.80
CA ASN A 37 -9.04 0.69 5.22
C ASN A 37 -8.03 1.83 5.24
N ARG A 38 -6.74 1.51 5.30
CA ARG A 38 -5.71 2.53 5.32
C ARG A 38 -4.63 2.22 4.27
N PHE A 39 -4.77 2.85 3.12
CA PHE A 39 -3.83 2.68 2.02
C PHE A 39 -3.86 3.91 1.13
N VAL A 40 -2.72 4.36 0.63
CA VAL A 40 -2.70 5.55 -0.20
C VAL A 40 -1.60 5.51 -1.27
N PHE A 41 -1.86 6.23 -2.36
CA PHE A 41 -0.92 6.32 -3.48
C PHE A 41 -0.67 7.79 -3.83
N LYS A 42 0.59 8.18 -3.97
CA LYS A 42 0.92 9.56 -4.31
C LYS A 42 2.43 9.79 -4.25
N ASN A 43 3.20 8.87 -4.83
CA ASN A 43 4.64 8.99 -4.84
C ASN A 43 5.26 7.80 -5.54
N ASN A 44 4.65 7.37 -6.64
CA ASN A 44 5.14 6.23 -7.40
C ASN A 44 5.19 4.99 -6.52
N VAL A 45 4.92 5.18 -5.22
CA VAL A 45 4.93 4.08 -4.27
C VAL A 45 3.55 3.92 -3.63
N LEU A 46 3.29 2.76 -3.05
CA LEU A 46 2.01 2.49 -2.40
C LEU A 46 2.24 1.93 -1.01
N LEU A 47 1.54 2.49 -0.01
CA LEU A 47 1.69 2.00 1.37
C LEU A 47 0.36 1.46 1.88
N ILE A 48 0.42 0.38 2.66
CA ILE A 48 -0.79 -0.24 3.20
C ILE A 48 -0.59 -0.70 4.64
N LEU A 49 -1.60 -0.48 5.46
CA LEU A 49 -1.56 -0.85 6.87
C LEU A 49 -1.29 -2.34 7.06
N LEU A 50 -0.41 -2.64 8.02
CA LEU A 50 -0.07 -4.02 8.35
C LEU A 50 0.84 -4.06 9.58
N GLU A 51 0.23 -4.23 10.75
CA GLU A 51 0.98 -4.27 12.00
C GLU A 51 1.54 -5.68 12.26
N ASN A 52 0.73 -6.69 11.97
CA ASN A 52 1.15 -8.07 12.18
C ASN A 52 2.60 -8.27 11.76
N GLU A 53 3.45 -8.61 12.71
CA GLU A 53 4.87 -8.82 12.45
C GLU A 53 5.08 -9.95 11.44
N PHE A 54 4.42 -11.07 11.68
CA PHE A 54 4.56 -12.22 10.80
C PHE A 54 4.06 -11.89 9.40
N ALA A 55 2.75 -11.67 9.29
CA ALA A 55 2.15 -11.34 8.00
C ALA A 55 3.06 -10.42 7.19
N ARG A 56 3.70 -9.48 7.89
CA ARG A 56 4.59 -8.55 7.24
C ARG A 56 5.92 -9.20 6.90
N ASN A 57 6.36 -10.12 7.76
CA ASN A 57 7.62 -10.81 7.53
C ASN A 57 7.62 -11.50 6.17
N SER A 58 6.69 -12.45 6.04
CA SER A 58 6.52 -13.23 4.82
C SER A 58 6.23 -12.33 3.61
N LEU A 59 5.26 -11.44 3.77
CA LEU A 59 4.89 -10.54 2.68
C LEU A 59 6.11 -9.84 2.08
N ASN A 60 6.92 -9.24 2.95
CA ASN A 60 8.11 -8.52 2.49
C ASN A 60 9.25 -9.49 2.14
N ASP A 61 9.14 -10.73 2.58
CA ASP A 61 10.18 -11.72 2.28
C ASP A 61 10.09 -12.15 0.82
N ASN A 62 8.89 -12.04 0.26
CA ASN A 62 8.66 -12.42 -1.13
C ASN A 62 7.20 -12.21 -1.51
N SER A 63 6.88 -11.03 -2.04
CA SER A 63 5.51 -10.72 -2.44
C SER A 63 5.48 -10.17 -3.86
N GLU A 64 5.97 -8.95 -4.03
CA GLU A 64 6.01 -8.31 -5.35
C GLU A 64 4.61 -7.90 -5.79
N ILE A 65 3.89 -7.20 -4.92
CA ILE A 65 2.54 -6.74 -5.26
C ILE A 65 2.56 -5.90 -6.52
N ILE A 66 3.74 -5.71 -7.09
CA ILE A 66 3.89 -4.92 -8.31
C ILE A 66 3.66 -5.83 -9.51
N HIS A 67 3.97 -7.11 -9.32
CA HIS A 67 3.79 -8.12 -10.35
C HIS A 67 2.37 -8.09 -10.93
N LEU A 68 1.44 -7.46 -10.22
CA LEU A 68 0.05 -7.38 -10.71
C LEU A 68 -0.40 -5.93 -10.79
N ALA A 69 -0.06 -5.16 -9.77
CA ALA A 69 -0.44 -3.75 -9.72
C ALA A 69 0.22 -2.96 -10.83
N GLU A 70 1.01 -3.65 -11.67
CA GLU A 70 1.70 -2.97 -12.77
C GLU A 70 0.82 -2.97 -14.03
N SER A 71 -0.47 -3.19 -13.84
CA SER A 71 -1.41 -3.22 -14.96
C SER A 71 -2.41 -2.06 -14.86
N LEU A 72 -2.73 -1.67 -13.63
CA LEU A 72 -3.67 -0.59 -13.41
C LEU A 72 -2.99 0.77 -13.61
N TYR A 73 -1.68 0.80 -13.41
CA TYR A 73 -0.92 2.04 -13.56
C TYR A 73 0.14 1.87 -14.65
N GLU A 74 0.73 2.99 -15.05
CA GLU A 74 1.76 2.96 -16.09
C GLU A 74 2.81 1.90 -15.77
N GLY A 75 3.31 1.92 -14.54
CA GLY A 75 4.32 0.95 -14.11
C GLY A 75 4.74 1.20 -12.67
N ILE A 76 4.03 0.59 -11.73
CA ILE A 76 4.35 0.77 -10.32
C ILE A 76 5.85 0.57 -10.07
N LYS A 77 6.36 1.26 -9.06
CA LYS A 77 7.76 1.16 -8.70
C LYS A 77 7.98 0.10 -7.63
N SER A 78 7.01 -0.03 -6.73
CA SER A 78 7.11 -1.02 -5.66
C SER A 78 5.90 -0.93 -4.73
N VAL A 79 5.93 -1.73 -3.67
CA VAL A 79 4.85 -1.75 -2.68
C VAL A 79 5.40 -2.15 -1.32
N ASN A 80 4.77 -1.65 -0.25
CA ASN A 80 5.23 -1.94 1.10
C ASN A 80 4.11 -1.76 2.13
N PHE A 81 4.19 -2.52 3.21
CA PHE A 81 3.23 -2.47 4.29
C PHE A 81 3.94 -2.24 5.61
N VAL A 82 3.29 -1.53 6.54
CA VAL A 82 3.90 -1.26 7.83
C VAL A 82 2.84 -1.21 8.94
N ASN A 83 3.20 -0.60 10.07
CA ASN A 83 2.27 -0.50 11.19
C ASN A 83 1.58 0.86 11.21
N GLU A 84 0.45 0.93 11.90
CA GLU A 84 -0.33 2.17 11.98
C GLU A 84 0.57 3.35 12.33
N GLN A 85 1.56 3.11 13.19
CA GLN A 85 2.46 4.19 13.60
C GLN A 85 3.41 4.55 12.45
N ASP A 86 4.08 3.55 11.91
CA ASP A 86 5.01 3.77 10.81
C ASP A 86 4.27 4.37 9.61
N PHE A 87 3.17 3.74 9.23
CA PHE A 87 2.37 4.23 8.12
C PHE A 87 2.07 5.72 8.32
N PHE A 88 1.76 6.09 9.56
CA PHE A 88 1.45 7.48 9.89
C PHE A 88 2.64 8.38 9.59
N PHE A 89 3.85 7.86 9.82
CA PHE A 89 5.05 8.65 9.56
C PHE A 89 5.19 8.94 8.08
N ASN A 90 4.64 8.04 7.27
CA ASN A 90 4.72 8.20 5.82
C ASN A 90 3.88 9.40 5.33
N LEU A 91 2.67 9.57 5.86
CA LEU A 91 1.82 10.69 5.46
C LEU A 91 2.18 11.95 6.24
N ALA A 92 2.88 11.77 7.35
CA ALA A 92 3.27 12.91 8.18
C ALA A 92 4.41 13.68 7.53
N LYS A 93 5.16 13.01 6.67
CA LYS A 93 6.29 13.64 5.99
C LYS A 93 5.90 15.04 5.49
N LEU A 94 4.73 15.13 4.87
CA LEU A 94 4.24 16.40 4.35
C LEU A 94 4.44 17.51 5.39
N GLU A 95 5.04 18.62 4.96
CA GLU A 95 5.28 19.74 5.86
C GLU A 95 3.98 20.50 6.12
N GLU A 96 4.05 21.82 6.03
CA GLU A 96 2.87 22.66 6.25
C GLU A 96 2.00 22.68 5.00
N ASN A 97 2.63 22.58 3.84
CA ASN A 97 1.90 22.59 2.58
C ASN A 97 1.25 21.24 2.31
N SER A 98 0.38 21.20 1.31
CA SER A 98 -0.31 19.96 0.96
C SER A 98 -1.01 20.11 -0.39
N ARG A 99 -2.34 19.95 -0.39
CA ARG A 99 -3.11 20.07 -1.62
C ARG A 99 -3.25 21.53 -2.02
N ASP A 100 -2.12 22.17 -2.33
CA ASP A 100 -2.13 23.56 -2.72
C ASP A 100 -2.65 23.73 -4.15
N THR A 101 -2.82 22.61 -4.84
CA THR A 101 -3.32 22.65 -6.21
C THR A 101 -4.78 23.07 -6.24
N LEU A 102 -5.12 23.96 -7.17
CA LEU A 102 -6.50 24.44 -7.29
C LEU A 102 -6.96 24.35 -8.75
N TYR A 103 -7.77 23.33 -9.05
CA TYR A 103 -8.27 23.13 -10.40
C TYR A 103 -9.80 23.20 -10.41
N GLN A 104 -10.40 22.91 -11.56
CA GLN A 104 -11.85 22.94 -11.69
C GLN A 104 -12.31 22.01 -12.80
N ASN A 105 -13.42 21.32 -12.57
CA ASN A 105 -13.96 20.40 -13.56
C ASN A 105 -14.55 21.16 -14.74
N SER A 106 -13.88 22.23 -15.14
CA SER A 106 -14.36 23.05 -16.26
C SER A 106 -13.30 24.08 -16.65
N GLY A 107 -12.11 23.59 -16.99
CA GLY A 107 -11.02 24.48 -17.39
C GLY A 107 -11.30 25.09 -18.77
N MET A 8 -13.76 4.99 -4.48
CA MET A 8 -12.49 4.22 -4.54
C MET A 8 -12.76 2.84 -5.16
N GLU A 9 -13.29 2.84 -6.38
CA GLU A 9 -13.59 1.60 -7.08
C GLU A 9 -12.37 1.09 -7.83
N GLN A 10 -11.66 2.01 -8.49
CA GLN A 10 -10.48 1.62 -9.25
C GLN A 10 -9.48 0.93 -8.32
N PHE A 11 -9.40 1.41 -7.08
CA PHE A 11 -8.52 0.81 -6.10
C PHE A 11 -8.96 -0.61 -5.82
N ASN A 12 -10.26 -0.78 -5.58
CA ASN A 12 -10.82 -2.11 -5.32
C ASN A 12 -10.52 -3.03 -6.49
N ALA A 13 -10.57 -2.48 -7.69
CA ALA A 13 -10.29 -3.27 -8.89
C ALA A 13 -8.89 -3.86 -8.78
N PHE A 14 -7.96 -3.08 -8.27
CA PHE A 14 -6.59 -3.55 -8.09
C PHE A 14 -6.59 -4.68 -7.06
N LYS A 15 -7.48 -4.56 -6.08
CA LYS A 15 -7.63 -5.56 -5.05
C LYS A 15 -8.09 -6.88 -5.65
N SER A 16 -9.14 -6.82 -6.47
CA SER A 16 -9.66 -8.04 -7.08
C SER A 16 -8.56 -8.67 -7.92
N LEU A 17 -7.61 -7.83 -8.36
CA LEU A 17 -6.49 -8.33 -9.14
C LEU A 17 -5.64 -9.25 -8.28
N LEU A 18 -5.47 -8.87 -7.01
CA LEU A 18 -4.69 -9.68 -6.09
C LEU A 18 -5.32 -11.06 -5.98
N LYS A 19 -6.65 -11.11 -5.91
CA LYS A 19 -7.36 -12.38 -5.83
C LYS A 19 -6.65 -13.42 -6.70
N LYS A 20 -6.50 -13.11 -7.99
CA LYS A 20 -5.81 -14.00 -8.90
C LYS A 20 -4.47 -14.42 -8.31
N HIS A 21 -3.78 -13.46 -7.71
CA HIS A 21 -2.49 -13.70 -7.09
C HIS A 21 -2.64 -14.61 -5.87
N TYR A 22 -3.37 -14.11 -4.87
CA TYR A 22 -3.57 -14.87 -3.65
C TYR A 22 -4.77 -15.80 -3.78
N GLU A 23 -5.08 -16.22 -4.99
CA GLU A 23 -6.20 -17.12 -5.23
C GLU A 23 -6.12 -18.32 -4.29
N LYS A 24 -4.99 -19.02 -4.33
CA LYS A 24 -4.80 -20.18 -3.47
C LYS A 24 -4.42 -19.73 -2.05
N THR A 25 -4.38 -18.42 -1.85
CA THR A 25 -4.03 -17.87 -0.54
C THR A 25 -5.14 -16.95 -0.03
N ILE A 26 -6.36 -17.49 0.04
CA ILE A 26 -7.49 -16.71 0.52
C ILE A 26 -7.50 -16.65 2.04
N GLY A 27 -7.63 -17.81 2.69
CA GLY A 27 -7.63 -17.85 4.15
C GLY A 27 -6.81 -16.72 4.75
N PHE A 28 -5.52 -16.72 4.44
CA PHE A 28 -4.64 -15.67 4.93
C PHE A 28 -5.33 -14.31 4.80
N HIS A 29 -5.84 -14.04 3.60
CA HIS A 29 -6.53 -12.78 3.34
C HIS A 29 -7.75 -12.66 4.26
N ASP A 30 -8.58 -13.70 4.33
CA ASP A 30 -9.75 -13.67 5.19
C ASP A 30 -9.31 -13.50 6.64
N LYS A 31 -7.99 -13.49 6.85
CA LYS A 31 -7.42 -13.35 8.18
C LYS A 31 -7.05 -11.90 8.49
N TYR A 32 -5.97 -11.40 7.90
CA TYR A 32 -5.56 -10.02 8.19
C TYR A 32 -5.96 -9.06 7.08
N ILE A 33 -5.22 -9.10 5.96
CA ILE A 33 -5.51 -8.20 4.84
C ILE A 33 -7.01 -8.03 4.66
N LYS A 34 -7.79 -9.02 5.11
CA LYS A 34 -9.25 -8.99 5.00
C LYS A 34 -9.71 -7.83 4.11
N ASP A 35 -10.32 -6.83 4.72
CA ASP A 35 -10.81 -5.67 3.98
C ASP A 35 -10.79 -4.43 4.87
N ILE A 36 -9.60 -3.98 5.25
CA ILE A 36 -9.46 -2.82 6.11
C ILE A 36 -10.08 -1.59 5.44
N ASN A 37 -9.40 -0.46 5.55
CA ASN A 37 -9.90 0.77 4.96
C ASN A 37 -8.88 1.89 5.11
N ARG A 38 -7.61 1.54 5.07
CA ARG A 38 -6.54 2.54 5.21
C ARG A 38 -5.40 2.24 4.25
N PHE A 39 -5.46 2.86 3.08
CA PHE A 39 -4.45 2.70 2.04
C PHE A 39 -4.34 4.00 1.25
N VAL A 40 -3.11 4.44 0.99
CA VAL A 40 -2.90 5.68 0.25
C VAL A 40 -1.96 5.47 -0.94
N PHE A 41 -2.40 5.92 -2.11
CA PHE A 41 -1.60 5.78 -3.32
C PHE A 41 -1.53 7.13 -4.04
N LYS A 42 -1.11 8.16 -3.32
CA LYS A 42 -1.01 9.50 -3.89
C LYS A 42 0.44 9.99 -3.81
N ASN A 43 1.37 9.12 -4.19
CA ASN A 43 2.78 9.47 -4.16
C ASN A 43 3.57 8.52 -5.08
N ASN A 44 2.87 7.95 -6.05
CA ASN A 44 3.50 7.03 -7.00
C ASN A 44 3.73 5.68 -6.33
N VAL A 45 3.58 5.65 -5.01
CA VAL A 45 3.76 4.42 -4.24
C VAL A 45 2.47 4.05 -3.52
N LEU A 46 2.43 2.84 -2.97
CA LEU A 46 1.23 2.39 -2.26
C LEU A 46 1.59 1.84 -0.89
N LEU A 47 0.95 2.40 0.14
CA LEU A 47 1.18 1.96 1.51
C LEU A 47 -0.13 1.46 2.10
N ILE A 48 -0.03 0.47 3.00
CA ILE A 48 -1.23 -0.09 3.62
C ILE A 48 -0.97 -0.42 5.08
N LEU A 49 -1.95 -0.11 5.93
CA LEU A 49 -1.83 -0.39 7.36
C LEU A 49 -1.72 -1.89 7.60
N LEU A 50 -0.76 -2.29 8.43
CA LEU A 50 -0.54 -3.70 8.74
C LEU A 50 0.10 -3.85 10.11
N GLU A 51 -0.67 -4.36 11.07
CA GLU A 51 -0.18 -4.54 12.44
C GLU A 51 0.45 -5.93 12.62
N ASN A 52 -0.33 -6.97 12.37
CA ASN A 52 0.15 -8.33 12.53
C ASN A 52 1.61 -8.45 12.10
N GLU A 53 2.52 -8.26 13.05
CA GLU A 53 3.95 -8.34 12.79
C GLU A 53 4.27 -9.50 11.86
N PHE A 54 3.42 -10.52 11.88
CA PHE A 54 3.63 -11.69 11.03
C PHE A 54 3.37 -11.33 9.57
N ALA A 55 2.10 -11.12 9.25
CA ALA A 55 1.71 -10.78 7.89
C ALA A 55 2.71 -9.83 7.24
N ARG A 56 3.36 -8.98 8.05
CA ARG A 56 4.33 -8.03 7.52
C ARG A 56 5.68 -8.72 7.33
N ASN A 57 5.96 -9.70 8.20
CA ASN A 57 7.22 -10.43 8.12
C ASN A 57 7.41 -11.06 6.75
N SER A 58 6.33 -11.67 6.25
CA SER A 58 6.34 -12.35 4.96
C SER A 58 6.00 -11.42 3.80
N LEU A 59 4.91 -10.67 3.94
CA LEU A 59 4.49 -9.77 2.87
C LEU A 59 5.65 -8.93 2.37
N ASN A 60 6.34 -8.25 3.27
CA ASN A 60 7.46 -7.41 2.86
C ASN A 60 8.65 -8.27 2.45
N ASP A 61 8.58 -9.57 2.73
CA ASP A 61 9.66 -10.47 2.35
C ASP A 61 9.63 -10.70 0.85
N ASN A 62 8.42 -10.64 0.28
CA ASN A 62 8.23 -10.83 -1.15
C ASN A 62 6.91 -10.21 -1.58
N SER A 63 6.90 -8.88 -1.76
CA SER A 63 5.69 -8.17 -2.16
C SER A 63 5.79 -7.71 -3.61
N GLU A 64 5.97 -8.66 -4.51
CA GLU A 64 6.07 -8.34 -5.93
C GLU A 64 4.70 -7.97 -6.48
N ILE A 65 3.86 -7.39 -5.63
CA ILE A 65 2.51 -6.99 -6.04
C ILE A 65 2.56 -6.05 -7.24
N ILE A 66 3.71 -5.43 -7.47
CA ILE A 66 3.88 -4.53 -8.60
C ILE A 66 3.81 -5.33 -9.90
N HIS A 67 3.62 -6.64 -9.74
CA HIS A 67 3.50 -7.56 -10.87
C HIS A 67 2.13 -7.47 -11.53
N LEU A 68 1.13 -7.02 -10.78
CA LEU A 68 -0.23 -6.91 -11.33
C LEU A 68 -0.74 -5.49 -11.20
N ALA A 69 -0.46 -4.85 -10.07
CA ALA A 69 -0.90 -3.49 -9.84
C ALA A 69 -0.57 -2.59 -11.04
N GLU A 70 0.51 -2.92 -11.74
CA GLU A 70 0.93 -2.12 -12.89
C GLU A 70 -0.02 -2.31 -14.07
N SER A 71 -1.31 -2.52 -13.77
CA SER A 71 -2.30 -2.70 -14.83
C SER A 71 -3.50 -1.79 -14.60
N LEU A 72 -3.98 -1.75 -13.37
CA LEU A 72 -5.13 -0.91 -13.03
C LEU A 72 -4.79 0.55 -13.30
N TYR A 73 -3.49 0.86 -13.31
CA TYR A 73 -3.00 2.20 -13.59
C TYR A 73 -1.48 2.25 -13.46
N GLU A 74 -0.80 2.43 -14.59
CA GLU A 74 0.65 2.48 -14.61
C GLU A 74 1.16 3.58 -13.66
N GLY A 75 2.46 3.51 -13.35
CA GLY A 75 3.07 4.50 -12.46
C GLY A 75 3.45 3.87 -11.13
N ILE A 76 3.17 2.58 -10.99
CA ILE A 76 3.50 1.87 -9.75
C ILE A 76 5.00 1.80 -9.55
N LYS A 77 5.46 2.23 -8.37
CA LYS A 77 6.89 2.20 -8.07
C LYS A 77 7.19 0.98 -7.19
N SER A 78 6.20 0.59 -6.39
CA SER A 78 6.35 -0.55 -5.51
C SER A 78 5.13 -0.68 -4.59
N VAL A 79 5.22 -1.57 -3.62
CA VAL A 79 4.13 -1.79 -2.67
C VAL A 79 4.70 -2.18 -1.31
N ASN A 80 4.02 -1.73 -0.24
CA ASN A 80 4.49 -2.04 1.10
C ASN A 80 3.41 -1.81 2.15
N PHE A 81 3.59 -2.47 3.29
CA PHE A 81 2.66 -2.38 4.42
C PHE A 81 3.45 -2.34 5.71
N VAL A 82 2.98 -1.58 6.69
CA VAL A 82 3.70 -1.48 7.96
C VAL A 82 2.73 -1.26 9.12
N ASN A 83 3.25 -0.78 10.24
CA ASN A 83 2.42 -0.53 11.42
C ASN A 83 1.95 0.92 11.47
N GLU A 84 0.92 1.16 12.26
CA GLU A 84 0.35 2.50 12.39
C GLU A 84 1.44 3.57 12.37
N GLN A 85 2.23 3.65 13.43
CA GLN A 85 3.29 4.64 13.51
C GLN A 85 4.12 4.65 12.23
N ASP A 86 4.61 3.49 11.85
CA ASP A 86 5.42 3.38 10.64
C ASP A 86 4.71 4.04 9.47
N PHE A 87 3.56 3.49 9.07
CA PHE A 87 2.79 4.05 7.97
C PHE A 87 2.76 5.58 8.09
N PHE A 88 2.45 6.07 9.27
CA PHE A 88 2.40 7.51 9.50
C PHE A 88 3.73 8.14 9.12
N PHE A 89 4.78 7.83 9.88
CA PHE A 89 6.11 8.37 9.63
C PHE A 89 6.31 8.68 8.15
N ASN A 90 5.81 7.79 7.28
CA ASN A 90 5.92 8.00 5.84
C ASN A 90 4.96 9.09 5.39
N LEU A 91 3.70 8.95 5.80
CA LEU A 91 2.67 9.92 5.43
C LEU A 91 2.85 11.21 6.24
N ALA A 92 3.58 11.12 7.34
CA ALA A 92 3.83 12.28 8.17
C ALA A 92 4.82 13.23 7.52
N LYS A 93 5.59 12.70 6.57
CA LYS A 93 6.59 13.50 5.87
C LYS A 93 5.92 14.62 5.07
N LEU A 94 5.12 14.24 4.09
CA LEU A 94 4.43 15.23 3.26
C LEU A 94 3.91 16.38 4.11
N GLU A 95 2.67 16.26 4.58
CA GLU A 95 2.07 17.31 5.39
C GLU A 95 2.37 17.07 6.87
N GLU A 96 1.76 17.88 7.74
CA GLU A 96 1.96 17.75 9.17
C GLU A 96 3.42 18.01 9.54
N ASN A 97 3.75 19.27 9.78
CA ASN A 97 5.11 19.65 10.15
C ASN A 97 6.08 19.26 9.03
N SER A 98 7.37 19.35 9.33
CA SER A 98 8.40 19.00 8.35
C SER A 98 9.71 18.65 9.05
N ARG A 99 9.67 17.59 9.86
CA ARG A 99 10.86 17.15 10.58
C ARG A 99 11.53 18.33 11.28
N ASP A 100 10.78 19.01 12.13
CA ASP A 100 11.32 20.15 12.86
C ASP A 100 10.48 20.45 14.10
N THR A 101 11.04 20.14 15.27
CA THR A 101 10.32 20.38 16.52
C THR A 101 10.55 21.81 17.01
N LEU A 102 9.65 22.71 16.61
CA LEU A 102 9.77 24.11 17.00
C LEU A 102 9.82 24.23 18.53
N TYR A 103 8.71 23.90 19.18
CA TYR A 103 8.64 23.98 20.63
C TYR A 103 7.51 23.10 21.16
N GLN A 104 7.88 22.02 21.85
CA GLN A 104 6.89 21.10 22.40
C GLN A 104 7.53 20.20 23.46
N ASN A 105 8.85 20.30 23.59
CA ASN A 105 9.57 19.50 24.57
C ASN A 105 8.96 19.66 25.97
N SER A 106 9.69 20.31 26.86
CA SER A 106 9.21 20.52 28.22
C SER A 106 10.13 21.49 28.97
N GLY A 107 10.38 21.18 30.24
CA GLY A 107 11.25 22.03 31.05
C GLY A 107 10.62 23.40 31.28
N MET A 8 -15.46 3.84 -7.67
CA MET A 8 -15.05 3.08 -6.46
C MET A 8 -14.64 1.66 -6.86
N GLU A 9 -14.46 1.45 -8.15
CA GLU A 9 -14.06 0.14 -8.66
C GLU A 9 -12.55 -0.05 -8.55
N GLN A 10 -11.82 1.07 -8.51
CA GLN A 10 -10.36 1.02 -8.41
C GLN A 10 -9.91 -0.05 -7.44
N PHE A 11 -10.02 0.25 -6.15
CA PHE A 11 -9.63 -0.70 -5.11
C PHE A 11 -10.13 -2.10 -5.47
N ASN A 12 -11.41 -2.18 -5.83
CA ASN A 12 -12.01 -3.45 -6.19
C ASN A 12 -11.34 -4.03 -7.44
N ALA A 13 -10.73 -3.16 -8.24
CA ALA A 13 -10.06 -3.61 -9.46
C ALA A 13 -8.65 -4.12 -9.15
N PHE A 14 -7.80 -3.24 -8.66
CA PHE A 14 -6.43 -3.61 -8.33
C PHE A 14 -6.46 -4.79 -7.34
N LYS A 15 -7.36 -4.70 -6.38
CA LYS A 15 -7.51 -5.74 -5.36
C LYS A 15 -7.99 -7.05 -5.98
N SER A 16 -8.99 -6.95 -6.86
CA SER A 16 -9.53 -8.14 -7.48
C SER A 16 -8.43 -8.85 -8.26
N LEU A 17 -7.39 -8.10 -8.61
CA LEU A 17 -6.26 -8.67 -9.34
C LEU A 17 -5.52 -9.63 -8.42
N LEU A 18 -5.38 -9.24 -7.15
CA LEU A 18 -4.71 -10.10 -6.19
C LEU A 18 -5.44 -11.43 -6.12
N LYS A 19 -6.76 -11.36 -6.04
CA LYS A 19 -7.57 -12.59 -6.00
C LYS A 19 -6.96 -13.66 -6.91
N LYS A 20 -6.77 -13.29 -8.17
CA LYS A 20 -6.17 -14.21 -9.15
C LYS A 20 -4.86 -14.77 -8.59
N HIS A 21 -4.06 -13.88 -7.99
CA HIS A 21 -2.78 -14.26 -7.41
C HIS A 21 -2.97 -15.13 -6.17
N TYR A 22 -3.62 -14.57 -5.16
CA TYR A 22 -3.87 -15.29 -3.91
C TYR A 22 -5.14 -16.12 -4.01
N GLU A 23 -5.47 -16.56 -5.22
CA GLU A 23 -6.68 -17.37 -5.42
C GLU A 23 -6.68 -18.59 -4.50
N LYS A 24 -5.49 -19.02 -4.07
CA LYS A 24 -5.37 -20.18 -3.19
C LYS A 24 -5.22 -19.72 -1.74
N THR A 25 -4.40 -18.70 -1.53
CA THR A 25 -4.16 -18.19 -0.19
C THR A 25 -5.25 -17.21 0.22
N ILE A 26 -6.50 -17.60 -0.02
CA ILE A 26 -7.63 -16.73 0.34
C ILE A 26 -7.64 -16.46 1.84
N GLY A 27 -7.83 -17.52 2.63
CA GLY A 27 -7.87 -17.38 4.09
C GLY A 27 -7.03 -16.20 4.56
N PHE A 28 -5.73 -16.24 4.28
CA PHE A 28 -4.85 -15.16 4.67
C PHE A 28 -5.49 -13.83 4.34
N HIS A 29 -6.00 -13.72 3.11
CA HIS A 29 -6.65 -12.49 2.67
C HIS A 29 -7.94 -12.28 3.46
N ASP A 30 -8.47 -13.35 4.02
CA ASP A 30 -9.68 -13.24 4.84
C ASP A 30 -9.31 -12.83 6.25
N LYS A 31 -8.01 -12.80 6.51
CA LYS A 31 -7.47 -12.43 7.81
C LYS A 31 -7.18 -10.93 7.91
N TYR A 32 -6.18 -10.46 7.17
CA TYR A 32 -5.80 -9.04 7.22
C TYR A 32 -6.16 -8.32 5.92
N ILE A 33 -5.48 -8.69 4.83
CA ILE A 33 -5.73 -8.05 3.54
C ILE A 33 -7.23 -7.85 3.31
N LYS A 34 -8.04 -8.57 4.09
CA LYS A 34 -9.49 -8.47 4.00
C LYS A 34 -9.94 -7.23 3.22
N ASP A 35 -10.28 -6.18 3.95
CA ASP A 35 -10.72 -4.93 3.33
C ASP A 35 -10.31 -3.75 4.19
N ILE A 36 -9.03 -3.69 4.55
CA ILE A 36 -8.52 -2.61 5.38
C ILE A 36 -9.12 -1.27 4.93
N ASN A 37 -8.99 -0.26 5.78
CA ASN A 37 -9.51 1.07 5.48
C ASN A 37 -8.41 2.12 5.59
N ARG A 38 -7.16 1.68 5.49
CA ARG A 38 -6.03 2.59 5.58
C ARG A 38 -4.99 2.28 4.49
N PHE A 39 -5.19 2.90 3.34
CA PHE A 39 -4.29 2.73 2.19
C PHE A 39 -4.26 4.02 1.39
N VAL A 40 -3.06 4.53 1.14
CA VAL A 40 -2.91 5.78 0.38
C VAL A 40 -2.12 5.59 -0.90
N PHE A 41 -2.71 6.04 -2.00
CA PHE A 41 -2.08 5.95 -3.32
C PHE A 41 -2.01 7.35 -3.93
N LYS A 42 -0.82 7.72 -4.41
CA LYS A 42 -0.62 9.03 -5.01
C LYS A 42 -0.15 8.89 -6.45
N ASN A 43 0.97 8.19 -6.62
CA ASN A 43 1.55 7.98 -7.94
C ASN A 43 3.02 7.60 -7.80
N ASN A 44 3.61 8.01 -6.68
CA ASN A 44 5.00 7.71 -6.40
C ASN A 44 5.15 6.36 -5.72
N VAL A 45 4.32 6.15 -4.72
CA VAL A 45 4.35 4.90 -3.96
C VAL A 45 2.99 4.59 -3.34
N LEU A 46 2.84 3.36 -2.86
CA LEU A 46 1.60 2.93 -2.22
C LEU A 46 1.91 2.36 -0.84
N LEU A 47 1.28 2.93 0.20
CA LEU A 47 1.53 2.47 1.57
C LEU A 47 0.24 1.93 2.18
N ILE A 48 0.36 0.88 2.99
CA ILE A 48 -0.81 0.27 3.63
C ILE A 48 -0.49 -0.12 5.07
N LEU A 49 -1.41 0.20 5.98
CA LEU A 49 -1.22 -0.12 7.39
C LEU A 49 -1.17 -1.61 7.63
N LEU A 50 -0.18 -2.05 8.40
CA LEU A 50 -0.03 -3.47 8.72
C LEU A 50 0.87 -3.64 9.94
N GLU A 51 0.27 -3.72 11.12
CA GLU A 51 1.02 -3.89 12.35
C GLU A 51 1.28 -5.37 12.61
N ASN A 52 0.44 -6.22 12.03
CA ASN A 52 0.59 -7.66 12.20
C ASN A 52 2.03 -8.09 11.95
N GLU A 53 2.68 -8.60 12.99
CA GLU A 53 4.06 -9.05 12.88
C GLU A 53 4.19 -10.20 11.90
N PHE A 54 3.17 -11.05 11.84
CA PHE A 54 3.20 -12.20 10.94
C PHE A 54 2.99 -11.76 9.49
N ALA A 55 1.76 -11.37 9.16
CA ALA A 55 1.44 -10.93 7.81
C ALA A 55 2.56 -10.08 7.22
N ARG A 56 3.24 -9.32 8.08
CA ARG A 56 4.33 -8.47 7.62
C ARG A 56 5.60 -9.30 7.43
N ASN A 57 5.80 -10.28 8.30
CA ASN A 57 6.98 -11.12 8.23
C ASN A 57 7.13 -11.76 6.85
N SER A 58 6.01 -12.27 6.34
CA SER A 58 5.98 -12.94 5.04
C SER A 58 5.76 -11.97 3.88
N LEU A 59 4.79 -11.07 4.03
CA LEU A 59 4.50 -10.13 2.96
C LEU A 59 5.77 -9.47 2.42
N ASN A 60 6.56 -8.88 3.31
CA ASN A 60 7.79 -8.21 2.88
C ASN A 60 8.87 -9.23 2.51
N ASP A 61 8.62 -10.51 2.81
CA ASP A 61 9.58 -11.55 2.48
C ASP A 61 9.51 -11.88 0.99
N ASN A 62 8.32 -11.73 0.41
CA ASN A 62 8.14 -12.01 -1.01
C ASN A 62 6.82 -11.43 -1.50
N SER A 63 6.66 -10.12 -1.38
CA SER A 63 5.43 -9.46 -1.82
C SER A 63 5.46 -9.19 -3.33
N GLU A 64 5.92 -7.99 -3.70
CA GLU A 64 5.98 -7.60 -5.11
C GLU A 64 4.58 -7.39 -5.66
N ILE A 65 3.76 -6.68 -4.91
CA ILE A 65 2.38 -6.41 -5.32
C ILE A 65 2.34 -5.56 -6.58
N ILE A 66 3.52 -5.26 -7.12
CA ILE A 66 3.60 -4.47 -8.35
C ILE A 66 3.48 -5.40 -9.55
N HIS A 67 4.03 -6.61 -9.40
CA HIS A 67 3.98 -7.63 -10.44
C HIS A 67 2.58 -7.77 -11.04
N LEU A 68 1.58 -7.17 -10.39
CA LEU A 68 0.21 -7.26 -10.90
C LEU A 68 -0.44 -5.87 -10.94
N ALA A 69 -0.31 -5.15 -9.84
CA ALA A 69 -0.89 -3.82 -9.74
C ALA A 69 -0.39 -2.90 -10.85
N GLU A 70 0.75 -3.26 -11.45
CA GLU A 70 1.31 -2.43 -12.51
C GLU A 70 0.36 -2.31 -13.71
N SER A 71 -0.81 -2.93 -13.59
CA SER A 71 -1.79 -2.90 -14.68
C SER A 71 -2.82 -1.79 -14.47
N LEU A 72 -3.68 -1.96 -13.47
CA LEU A 72 -4.71 -0.97 -13.18
C LEU A 72 -4.19 0.45 -13.37
N TYR A 73 -2.86 0.60 -13.27
CA TYR A 73 -2.24 1.91 -13.44
C TYR A 73 -1.28 1.89 -14.61
N GLU A 74 -0.56 3.00 -14.81
CA GLU A 74 0.40 3.08 -15.90
C GLU A 74 1.60 2.19 -15.62
N GLY A 75 2.04 2.19 -14.38
CA GLY A 75 3.19 1.38 -13.98
C GLY A 75 3.62 1.70 -12.55
N ILE A 76 2.88 1.16 -11.59
CA ILE A 76 3.18 1.40 -10.18
C ILE A 76 4.69 1.33 -9.94
N LYS A 77 5.19 2.20 -9.06
CA LYS A 77 6.60 2.23 -8.73
C LYS A 77 6.94 1.11 -7.75
N SER A 78 6.02 0.89 -6.81
CA SER A 78 6.23 -0.15 -5.80
C SER A 78 5.03 -0.23 -4.85
N VAL A 79 5.13 -1.13 -3.89
CA VAL A 79 4.09 -1.33 -2.88
C VAL A 79 4.73 -1.79 -1.58
N ASN A 80 4.14 -1.40 -0.45
CA ASN A 80 4.72 -1.80 0.83
C ASN A 80 3.74 -1.62 1.99
N PHE A 81 3.86 -2.52 2.95
CA PHE A 81 3.03 -2.50 4.15
C PHE A 81 3.93 -2.29 5.37
N VAL A 82 3.45 -1.51 6.34
CA VAL A 82 4.25 -1.25 7.53
C VAL A 82 3.38 -1.18 8.78
N ASN A 83 3.96 -0.67 9.87
CA ASN A 83 3.24 -0.58 11.14
C ASN A 83 2.68 0.83 11.36
N GLU A 84 1.65 0.91 12.20
CA GLU A 84 1.00 2.18 12.51
C GLU A 84 2.00 3.33 12.62
N GLN A 85 3.09 3.12 13.34
CA GLN A 85 4.09 4.19 13.50
C GLN A 85 4.82 4.46 12.18
N ASP A 86 5.28 3.41 11.52
CA ASP A 86 5.98 3.59 10.26
C ASP A 86 5.15 4.46 9.31
N PHE A 87 3.97 3.95 8.94
CA PHE A 87 3.09 4.70 8.05
C PHE A 87 2.94 6.12 8.58
N PHE A 88 2.89 6.26 9.90
CA PHE A 88 2.76 7.57 10.52
C PHE A 88 4.00 8.42 10.22
N PHE A 89 5.14 7.77 10.10
CA PHE A 89 6.38 8.47 9.80
C PHE A 89 6.24 9.14 8.43
N ASN A 90 5.45 8.51 7.56
CA ASN A 90 5.21 9.05 6.23
C ASN A 90 3.97 9.95 6.22
N LEU A 91 3.56 10.39 7.41
CA LEU A 91 2.40 11.26 7.54
C LEU A 91 2.78 12.73 7.52
N ALA A 92 4.06 13.03 7.76
CA ALA A 92 4.52 14.42 7.77
C ALA A 92 5.29 14.77 6.51
N LYS A 93 5.89 13.79 5.87
CA LYS A 93 6.65 14.04 4.66
C LYS A 93 5.88 14.99 3.75
N LEU A 94 4.64 14.65 3.47
CA LEU A 94 3.78 15.48 2.62
C LEU A 94 4.02 16.96 2.92
N GLU A 95 3.62 17.82 1.99
CA GLU A 95 3.78 19.26 2.18
C GLU A 95 2.90 20.03 1.20
N GLU A 96 2.48 21.23 1.61
CA GLU A 96 1.62 22.06 0.78
C GLU A 96 2.09 23.51 0.81
N ASN A 97 2.16 24.08 2.01
CA ASN A 97 2.59 25.46 2.17
C ASN A 97 4.10 25.59 1.88
N SER A 98 4.53 26.81 1.56
CA SER A 98 5.94 27.04 1.27
C SER A 98 6.17 28.52 0.94
N ARG A 99 6.67 29.27 1.91
CA ARG A 99 6.93 30.69 1.70
C ARG A 99 7.81 31.24 2.83
N ASP A 100 8.19 30.37 3.76
CA ASP A 100 9.03 30.77 4.88
C ASP A 100 10.43 31.15 4.40
N THR A 101 11.43 30.77 5.17
CA THR A 101 12.82 31.08 4.82
C THR A 101 13.37 30.03 3.86
N LEU A 102 14.23 30.45 2.94
CA LEU A 102 14.82 29.53 1.98
C LEU A 102 16.07 30.14 1.36
N TYR A 103 16.64 31.13 2.03
CA TYR A 103 17.85 31.79 1.54
C TYR A 103 18.99 30.79 1.41
N GLN A 104 19.01 30.06 0.30
CA GLN A 104 20.06 29.07 0.07
C GLN A 104 20.08 28.64 -1.40
N ASN A 105 18.94 28.15 -1.88
CA ASN A 105 18.84 27.70 -3.27
C ASN A 105 17.39 27.50 -3.66
N SER A 106 16.68 26.66 -2.88
CA SER A 106 15.28 26.38 -3.16
C SER A 106 14.65 25.62 -2.00
N GLY A 107 14.64 24.30 -2.11
CA GLY A 107 14.06 23.46 -1.07
C GLY A 107 12.54 23.55 -1.07
N MET A 8 -13.74 3.44 -4.78
CA MET A 8 -14.97 2.77 -5.28
C MET A 8 -14.56 1.56 -6.11
N GLU A 9 -14.46 1.76 -7.43
CA GLU A 9 -14.07 0.68 -8.34
C GLU A 9 -12.57 0.47 -8.30
N GLN A 10 -11.82 1.57 -8.23
CA GLN A 10 -10.36 1.51 -8.19
C GLN A 10 -9.88 0.40 -7.29
N PHE A 11 -9.91 0.64 -5.99
CA PHE A 11 -9.47 -0.36 -5.03
C PHE A 11 -10.06 -1.72 -5.39
N ASN A 12 -11.34 -1.74 -5.72
CA ASN A 12 -11.98 -2.99 -6.10
C ASN A 12 -11.30 -3.57 -7.34
N ALA A 13 -10.72 -2.69 -8.16
CA ALA A 13 -10.06 -3.12 -9.38
C ALA A 13 -8.66 -3.67 -9.08
N PHE A 14 -7.81 -2.83 -8.51
CA PHE A 14 -6.45 -3.26 -8.18
C PHE A 14 -6.50 -4.39 -7.17
N LYS A 15 -7.34 -4.25 -6.15
CA LYS A 15 -7.48 -5.28 -5.14
C LYS A 15 -7.96 -6.59 -5.76
N SER A 16 -9.03 -6.51 -6.57
CA SER A 16 -9.53 -7.72 -7.19
C SER A 16 -8.42 -8.36 -8.01
N LEU A 17 -7.43 -7.55 -8.37
CA LEU A 17 -6.29 -8.07 -9.13
C LEU A 17 -5.52 -9.04 -8.25
N LEU A 18 -5.42 -8.70 -6.96
CA LEU A 18 -4.72 -9.56 -6.03
C LEU A 18 -5.41 -10.91 -5.94
N LYS A 19 -6.74 -10.91 -5.85
CA LYS A 19 -7.48 -12.16 -5.78
C LYS A 19 -6.85 -13.18 -6.72
N LYS A 20 -6.69 -12.79 -7.98
CA LYS A 20 -6.05 -13.66 -8.97
C LYS A 20 -4.71 -14.15 -8.44
N HIS A 21 -3.97 -13.23 -7.82
CA HIS A 21 -2.67 -13.55 -7.24
C HIS A 21 -2.82 -14.51 -6.07
N TYR A 22 -3.51 -14.06 -5.03
CA TYR A 22 -3.72 -14.86 -3.83
C TYR A 22 -4.98 -15.71 -3.97
N GLU A 23 -5.32 -16.07 -5.21
CA GLU A 23 -6.51 -16.89 -5.45
C GLU A 23 -6.52 -18.10 -4.52
N LYS A 24 -5.48 -18.92 -4.61
CA LYS A 24 -5.39 -20.10 -3.76
C LYS A 24 -4.86 -19.72 -2.38
N THR A 25 -4.75 -18.42 -2.14
CA THR A 25 -4.26 -17.92 -0.86
C THR A 25 -5.26 -16.92 -0.26
N ILE A 26 -6.50 -17.35 -0.13
CA ILE A 26 -7.55 -16.48 0.42
C ILE A 26 -7.54 -16.54 1.95
N GLY A 27 -7.77 -17.73 2.50
CA GLY A 27 -7.79 -17.90 3.95
C GLY A 27 -6.89 -16.90 4.64
N PHE A 28 -5.58 -16.99 4.36
CA PHE A 28 -4.61 -16.07 4.95
C PHE A 28 -5.19 -14.66 4.95
N HIS A 29 -5.70 -14.24 3.80
CA HIS A 29 -6.28 -12.91 3.68
C HIS A 29 -7.50 -12.78 4.58
N ASP A 30 -8.52 -13.61 4.33
CA ASP A 30 -9.74 -13.56 5.14
C ASP A 30 -9.41 -13.65 6.63
N LYS A 31 -8.17 -14.03 6.94
CA LYS A 31 -7.75 -14.17 8.33
C LYS A 31 -6.91 -12.98 8.78
N TYR A 32 -5.78 -12.75 8.13
CA TYR A 32 -4.91 -11.66 8.53
C TYR A 32 -5.48 -10.30 8.07
N ILE A 33 -5.42 -10.05 6.77
CA ILE A 33 -5.91 -8.79 6.22
C ILE A 33 -7.42 -8.67 6.42
N LYS A 34 -8.17 -9.54 5.77
CA LYS A 34 -9.63 -9.52 5.89
C LYS A 34 -10.20 -8.26 5.24
N ASP A 35 -9.99 -7.12 5.90
CA ASP A 35 -10.50 -5.86 5.38
C ASP A 35 -9.98 -4.68 6.21
N ILE A 36 -8.96 -4.00 5.67
CA ILE A 36 -8.40 -2.85 6.38
C ILE A 36 -9.22 -1.61 6.10
N ASN A 37 -8.58 -0.44 6.12
CA ASN A 37 -9.29 0.81 5.86
C ASN A 37 -8.31 1.97 5.69
N ARG A 38 -7.05 1.66 5.39
CA ARG A 38 -6.04 2.70 5.20
C ARG A 38 -5.08 2.32 4.08
N PHE A 39 -5.31 2.89 2.91
CA PHE A 39 -4.47 2.63 1.74
C PHE A 39 -4.46 3.89 0.87
N VAL A 40 -3.28 4.48 0.69
CA VAL A 40 -3.16 5.70 -0.10
C VAL A 40 -2.11 5.58 -1.20
N PHE A 41 -2.39 6.22 -2.34
CA PHE A 41 -1.49 6.21 -3.47
C PHE A 41 -1.30 7.63 -4.00
N LYS A 42 -0.78 8.51 -3.15
CA LYS A 42 -0.56 9.91 -3.53
C LYS A 42 0.88 10.32 -3.27
N ASN A 43 1.81 9.43 -3.57
CA ASN A 43 3.23 9.70 -3.36
C ASN A 43 4.08 8.81 -4.24
N ASN A 44 3.59 8.54 -5.45
CA ASN A 44 4.31 7.68 -6.39
C ASN A 44 4.58 6.32 -5.76
N VAL A 45 3.85 6.01 -4.70
CA VAL A 45 3.99 4.73 -4.01
C VAL A 45 2.67 4.31 -3.39
N LEU A 46 2.56 3.03 -3.02
CA LEU A 46 1.34 2.51 -2.41
C LEU A 46 1.64 1.97 -1.02
N LEU A 47 1.04 2.59 0.00
CA LEU A 47 1.25 2.16 1.38
C LEU A 47 -0.07 1.69 1.98
N ILE A 48 0.00 0.68 2.83
CA ILE A 48 -1.20 0.14 3.49
C ILE A 48 -0.90 -0.28 4.92
N LEU A 49 -1.83 0.03 5.82
CA LEU A 49 -1.66 -0.31 7.23
C LEU A 49 -1.62 -1.82 7.43
N LEU A 50 -0.72 -2.27 8.30
CA LEU A 50 -0.57 -3.69 8.61
C LEU A 50 0.05 -3.88 9.98
N GLU A 51 -0.77 -4.23 10.96
CA GLU A 51 -0.28 -4.42 12.32
C GLU A 51 0.21 -5.87 12.51
N ASN A 52 -0.46 -6.81 11.84
CA ASN A 52 -0.09 -8.21 11.95
C ASN A 52 1.42 -8.38 11.84
N GLU A 53 2.05 -8.82 12.93
CA GLU A 53 3.49 -9.03 12.95
C GLU A 53 3.90 -10.16 12.02
N PHE A 54 3.23 -11.30 12.15
CA PHE A 54 3.54 -12.44 11.29
C PHE A 54 3.39 -12.07 9.82
N ALA A 55 2.17 -11.73 9.45
CA ALA A 55 1.89 -11.33 8.06
C ALA A 55 3.01 -10.46 7.53
N ARG A 56 3.03 -9.21 7.99
CA ARG A 56 4.05 -8.26 7.57
C ARG A 56 5.41 -8.94 7.38
N ASN A 57 5.71 -9.90 8.25
CA ASN A 57 6.98 -10.62 8.17
C ASN A 57 7.15 -11.23 6.78
N SER A 58 6.18 -12.05 6.39
CA SER A 58 6.19 -12.74 5.11
C SER A 58 5.84 -11.80 3.95
N LEU A 59 4.75 -11.05 4.12
CA LEU A 59 4.31 -10.14 3.08
C LEU A 59 5.48 -9.32 2.52
N ASN A 60 6.18 -8.60 3.40
CA ASN A 60 7.30 -7.79 2.96
C ASN A 60 8.48 -8.67 2.55
N ASP A 61 8.40 -9.96 2.84
CA ASP A 61 9.47 -10.88 2.46
C ASP A 61 9.40 -11.12 0.96
N ASN A 62 8.20 -11.01 0.41
CA ASN A 62 7.98 -11.20 -1.02
C ASN A 62 6.72 -10.47 -1.46
N SER A 63 6.79 -9.14 -1.51
CA SER A 63 5.64 -8.33 -1.91
C SER A 63 5.80 -7.82 -3.34
N GLU A 64 6.02 -8.74 -4.27
CA GLU A 64 6.18 -8.38 -5.68
C GLU A 64 4.84 -7.92 -6.25
N ILE A 65 4.10 -7.14 -5.48
CA ILE A 65 2.80 -6.64 -5.91
C ILE A 65 2.95 -5.67 -7.09
N ILE A 66 4.17 -5.22 -7.35
CA ILE A 66 4.42 -4.30 -8.45
C ILE A 66 4.29 -5.05 -9.77
N HIS A 67 4.13 -6.36 -9.66
CA HIS A 67 3.96 -7.25 -10.82
C HIS A 67 2.56 -7.11 -11.41
N LEU A 68 1.57 -6.90 -10.57
CA LEU A 68 0.18 -6.78 -11.03
C LEU A 68 -0.33 -5.36 -10.84
N ALA A 69 -0.02 -4.78 -9.69
CA ALA A 69 -0.48 -3.43 -9.39
C ALA A 69 -0.29 -2.50 -10.59
N GLU A 70 0.74 -2.77 -11.39
CA GLU A 70 1.02 -1.93 -12.56
C GLU A 70 -0.11 -2.04 -13.58
N SER A 71 -1.32 -2.27 -13.10
CA SER A 71 -2.49 -2.38 -13.97
C SER A 71 -3.65 -1.59 -13.39
N LEU A 72 -3.82 -0.35 -13.87
CA LEU A 72 -4.89 0.54 -13.41
C LEU A 72 -4.41 1.99 -13.43
N TYR A 73 -3.10 2.17 -13.28
CA TYR A 73 -2.52 3.52 -13.25
C TYR A 73 -1.53 3.68 -14.41
N GLU A 74 -0.86 4.83 -14.43
CA GLU A 74 0.10 5.11 -15.47
C GLU A 74 1.31 4.17 -15.35
N GLY A 75 1.55 3.68 -14.13
CA GLY A 75 2.66 2.76 -13.89
C GLY A 75 3.06 2.78 -12.42
N ILE A 76 2.35 2.00 -11.61
CA ILE A 76 2.64 1.94 -10.18
C ILE A 76 4.13 1.73 -9.96
N LYS A 77 4.59 2.12 -8.77
CA LYS A 77 6.00 1.96 -8.41
C LYS A 77 6.17 0.73 -7.53
N SER A 78 6.41 0.97 -6.24
CA SER A 78 6.58 -0.11 -5.29
C SER A 78 5.33 -0.29 -4.44
N VAL A 79 5.34 -1.30 -3.57
CA VAL A 79 4.20 -1.57 -2.69
C VAL A 79 4.71 -2.10 -1.36
N ASN A 80 4.04 -1.72 -0.27
CA ASN A 80 4.45 -2.18 1.05
C ASN A 80 3.43 -1.83 2.14
N PHE A 81 3.50 -2.58 3.23
CA PHE A 81 2.60 -2.37 4.37
C PHE A 81 3.44 -2.23 5.64
N VAL A 82 2.96 -1.45 6.60
CA VAL A 82 3.70 -1.26 7.84
C VAL A 82 2.75 -1.10 9.03
N ASN A 83 3.24 -0.45 10.09
CA ASN A 83 2.43 -0.25 11.29
C ASN A 83 2.00 1.22 11.41
N GLU A 84 0.98 1.46 12.24
CA GLU A 84 0.47 2.80 12.45
C GLU A 84 1.56 3.86 12.41
N GLN A 85 2.41 3.86 13.42
CA GLN A 85 3.49 4.84 13.49
C GLN A 85 4.28 4.87 12.19
N ASP A 86 4.72 3.71 11.74
CA ASP A 86 5.48 3.63 10.50
C ASP A 86 4.74 4.36 9.37
N PHE A 87 3.55 3.87 9.02
CA PHE A 87 2.76 4.49 7.97
C PHE A 87 2.82 6.01 8.10
N PHE A 88 2.57 6.50 9.32
CA PHE A 88 2.61 7.93 9.58
C PHE A 88 3.94 8.51 9.12
N PHE A 89 5.02 8.07 9.77
CA PHE A 89 6.36 8.53 9.44
C PHE A 89 6.49 8.86 7.95
N ASN A 90 5.87 8.03 7.11
CA ASN A 90 5.92 8.24 5.66
C ASN A 90 4.95 9.34 5.24
N LEU A 91 3.70 9.21 5.65
CA LEU A 91 2.68 10.19 5.30
C LEU A 91 2.91 11.48 6.08
N ALA A 92 3.79 11.42 7.08
CA ALA A 92 4.08 12.61 7.87
C ALA A 92 5.12 13.47 7.17
N LYS A 93 5.92 12.85 6.29
CA LYS A 93 6.95 13.57 5.56
C LYS A 93 6.46 13.93 4.16
N LEU A 94 5.16 14.18 4.05
CA LEU A 94 4.57 14.54 2.77
C LEU A 94 5.22 15.79 2.17
N GLU A 95 4.47 16.48 1.33
CA GLU A 95 4.97 17.69 0.68
C GLU A 95 5.61 18.63 1.71
N GLU A 96 5.36 18.36 2.98
CA GLU A 96 5.90 19.17 4.07
C GLU A 96 5.11 20.46 4.21
N ASN A 97 3.97 20.37 4.90
CA ASN A 97 3.12 21.53 5.12
C ASN A 97 2.03 21.22 6.14
N SER A 98 1.72 22.18 6.99
CA SER A 98 0.70 21.99 8.01
C SER A 98 0.21 23.35 8.53
N ARG A 99 -0.36 24.15 7.63
CA ARG A 99 -0.87 25.46 8.01
C ARG A 99 -2.39 25.41 8.18
N ASP A 100 -2.99 26.58 8.36
CA ASP A 100 -4.44 26.66 8.53
C ASP A 100 -5.17 26.15 7.30
N THR A 101 -5.69 24.94 7.38
CA THR A 101 -6.41 24.33 6.27
C THR A 101 -7.88 24.08 6.63
N LEU A 102 -8.50 25.07 7.27
CA LEU A 102 -9.89 24.95 7.67
C LEU A 102 -10.81 25.08 6.46
N TYR A 103 -10.23 24.97 5.27
CA TYR A 103 -11.00 25.07 4.04
C TYR A 103 -11.80 26.38 4.00
N GLN A 104 -11.50 27.22 3.03
CA GLN A 104 -12.19 28.49 2.89
C GLN A 104 -11.92 29.10 1.51
N ASN A 105 -10.72 28.88 0.99
CA ASN A 105 -10.35 29.42 -0.31
C ASN A 105 -9.15 28.67 -0.88
N SER A 106 -9.41 27.82 -1.87
CA SER A 106 -8.33 27.05 -2.50
C SER A 106 -8.79 26.50 -3.84
N GLY A 107 -10.05 26.07 -3.91
CA GLY A 107 -10.60 25.52 -5.15
C GLY A 107 -10.42 26.50 -6.30
N MET A 8 -13.61 4.20 -5.45
CA MET A 8 -14.72 3.68 -6.30
C MET A 8 -14.37 2.28 -6.79
N GLU A 9 -14.41 2.10 -8.11
CA GLU A 9 -14.09 0.80 -8.70
C GLU A 9 -12.58 0.54 -8.63
N GLN A 10 -11.81 1.61 -8.65
CA GLN A 10 -10.35 1.51 -8.59
C GLN A 10 -9.93 0.43 -7.60
N PHE A 11 -10.00 0.74 -6.32
CA PHE A 11 -9.62 -0.23 -5.30
C PHE A 11 -10.24 -1.58 -5.62
N ASN A 12 -11.50 -1.57 -6.02
CA ASN A 12 -12.18 -2.80 -6.38
C ASN A 12 -11.52 -3.46 -7.58
N ALA A 13 -10.86 -2.65 -8.39
CA ALA A 13 -10.18 -3.16 -9.59
C ALA A 13 -8.80 -3.71 -9.24
N PHE A 14 -7.91 -2.85 -8.76
CA PHE A 14 -6.57 -3.29 -8.39
C PHE A 14 -6.65 -4.43 -7.38
N LYS A 15 -7.58 -4.32 -6.44
CA LYS A 15 -7.76 -5.36 -5.42
C LYS A 15 -8.30 -6.65 -6.03
N SER A 16 -9.28 -6.52 -6.91
CA SER A 16 -9.87 -7.71 -7.52
C SER A 16 -8.82 -8.43 -8.35
N LEU A 17 -7.74 -7.71 -8.68
CA LEU A 17 -6.65 -8.31 -9.46
C LEU A 17 -5.83 -9.21 -8.53
N LEU A 18 -5.79 -8.87 -7.25
CA LEU A 18 -5.05 -9.66 -6.28
C LEU A 18 -5.75 -11.01 -6.14
N LYS A 19 -7.08 -10.98 -6.07
CA LYS A 19 -7.85 -12.23 -5.96
C LYS A 19 -7.22 -13.31 -6.82
N LYS A 20 -6.97 -13.00 -8.09
CA LYS A 20 -6.35 -13.95 -8.99
C LYS A 20 -5.08 -14.51 -8.35
N HIS A 21 -4.31 -13.61 -7.75
CA HIS A 21 -3.07 -13.97 -7.08
C HIS A 21 -3.34 -14.78 -5.82
N TYR A 22 -4.05 -14.17 -4.87
CA TYR A 22 -4.35 -14.83 -3.61
C TYR A 22 -5.67 -15.59 -3.69
N GLU A 23 -5.99 -16.08 -4.89
CA GLU A 23 -7.23 -16.82 -5.08
C GLU A 23 -7.48 -17.79 -3.93
N LYS A 24 -6.69 -18.85 -3.87
CA LYS A 24 -6.83 -19.85 -2.81
C LYS A 24 -6.29 -19.31 -1.49
N THR A 25 -5.36 -18.36 -1.57
CA THR A 25 -4.76 -17.79 -0.38
C THR A 25 -5.76 -16.86 0.33
N ILE A 26 -7.02 -17.30 0.40
CA ILE A 26 -8.05 -16.51 1.05
C ILE A 26 -7.83 -16.47 2.56
N GLY A 27 -7.89 -17.63 3.21
CA GLY A 27 -7.70 -17.72 4.65
C GLY A 27 -6.81 -16.61 5.18
N PHE A 28 -5.77 -16.28 4.42
CA PHE A 28 -4.84 -15.23 4.83
C PHE A 28 -5.46 -13.86 4.60
N HIS A 29 -6.02 -13.67 3.41
CA HIS A 29 -6.65 -12.40 3.08
C HIS A 29 -7.89 -12.18 3.94
N ASP A 30 -8.39 -13.24 4.56
CA ASP A 30 -9.55 -13.12 5.44
C ASP A 30 -9.05 -12.86 6.86
N LYS A 31 -7.74 -12.89 7.01
CA LYS A 31 -7.10 -12.67 8.31
C LYS A 31 -6.78 -11.19 8.54
N TYR A 32 -5.80 -10.65 7.81
CA TYR A 32 -5.42 -9.24 8.00
C TYR A 32 -5.76 -8.39 6.78
N ILE A 33 -5.20 -8.73 5.63
CA ILE A 33 -5.45 -7.95 4.43
C ILE A 33 -6.92 -7.57 4.34
N LYS A 34 -7.79 -8.56 4.54
CA LYS A 34 -9.25 -8.35 4.50
C LYS A 34 -9.59 -7.05 3.78
N ASP A 35 -10.44 -6.24 4.42
CA ASP A 35 -10.86 -4.97 3.84
C ASP A 35 -10.59 -3.83 4.83
N ILE A 36 -9.33 -3.55 5.07
CA ILE A 36 -8.94 -2.49 6.01
C ILE A 36 -9.54 -1.15 5.57
N ASN A 37 -8.81 -0.07 5.80
CA ASN A 37 -9.28 1.26 5.42
C ASN A 37 -8.15 2.27 5.51
N ARG A 38 -6.90 1.80 5.43
CA ARG A 38 -5.75 2.69 5.50
C ARG A 38 -4.72 2.32 4.41
N PHE A 39 -4.92 2.91 3.25
CA PHE A 39 -4.03 2.70 2.11
C PHE A 39 -4.01 3.95 1.25
N VAL A 40 -2.82 4.47 0.98
CA VAL A 40 -2.68 5.69 0.18
C VAL A 40 -1.66 5.51 -0.94
N PHE A 41 -1.96 6.11 -2.08
CA PHE A 41 -1.08 6.05 -3.23
C PHE A 41 -0.93 7.44 -3.86
N LYS A 42 -0.49 8.39 -3.04
CA LYS A 42 -0.30 9.77 -3.50
C LYS A 42 1.15 10.21 -3.29
N ASN A 43 2.08 9.41 -3.79
CA ASN A 43 3.49 9.72 -3.64
C ASN A 43 4.34 8.71 -4.41
N ASN A 44 4.02 8.54 -5.70
CA ASN A 44 4.75 7.61 -6.55
C ASN A 44 5.02 6.30 -5.83
N VAL A 45 4.29 6.06 -4.74
CA VAL A 45 4.48 4.83 -3.96
C VAL A 45 3.17 4.40 -3.32
N LEU A 46 3.09 3.13 -2.94
CA LEU A 46 1.88 2.59 -2.32
C LEU A 46 2.18 2.01 -0.94
N LEU A 47 1.54 2.58 0.08
CA LEU A 47 1.73 2.11 1.45
C LEU A 47 0.40 1.60 2.01
N ILE A 48 0.47 0.54 2.82
CA ILE A 48 -0.74 -0.04 3.39
C ILE A 48 -0.53 -0.45 4.85
N LEU A 49 -1.52 -0.14 5.68
CA LEU A 49 -1.47 -0.44 7.11
C LEU A 49 -1.30 -1.94 7.36
N LEU A 50 -0.37 -2.28 8.24
CA LEU A 50 -0.13 -3.68 8.60
C LEU A 50 0.57 -3.76 9.95
N GLU A 51 -0.17 -4.21 10.96
CA GLU A 51 0.40 -4.35 12.30
C GLU A 51 1.00 -5.73 12.50
N ASN A 52 0.24 -6.77 12.15
CA ASN A 52 0.71 -8.14 12.31
C ASN A 52 2.17 -8.26 11.87
N GLU A 53 3.03 -8.66 12.81
CA GLU A 53 4.45 -8.81 12.52
C GLU A 53 4.67 -9.97 11.55
N PHE A 54 3.87 -11.02 11.70
CA PHE A 54 3.99 -12.19 10.83
C PHE A 54 3.70 -11.79 9.39
N ALA A 55 2.43 -11.46 9.13
CA ALA A 55 2.02 -11.06 7.79
C ALA A 55 3.07 -10.16 7.16
N ARG A 56 3.62 -9.26 7.97
CA ARG A 56 4.64 -8.33 7.50
C ARG A 56 5.94 -9.07 7.22
N ASN A 57 6.26 -10.03 8.09
CA ASN A 57 7.48 -10.80 7.95
C ASN A 57 7.60 -11.39 6.53
N SER A 58 6.52 -12.03 6.10
CA SER A 58 6.47 -12.68 4.79
C SER A 58 6.09 -11.70 3.66
N LEU A 59 5.10 -10.85 3.90
CA LEU A 59 4.67 -9.91 2.88
C LEU A 59 5.85 -9.13 2.32
N ASN A 60 6.68 -8.59 3.20
CA ASN A 60 7.84 -7.82 2.76
C ASN A 60 8.95 -8.76 2.31
N ASP A 61 8.81 -10.04 2.62
CA ASP A 61 9.82 -11.02 2.21
C ASP A 61 9.72 -11.25 0.70
N ASN A 62 8.52 -11.05 0.18
CA ASN A 62 8.28 -11.23 -1.26
C ASN A 62 7.14 -10.30 -1.72
N SER A 63 7.32 -9.01 -1.49
CA SER A 63 6.31 -8.02 -1.89
C SER A 63 6.37 -7.77 -3.39
N GLU A 64 6.45 -8.85 -4.16
CA GLU A 64 6.50 -8.74 -5.61
C GLU A 64 5.14 -8.34 -6.16
N ILE A 65 4.37 -7.60 -5.37
CA ILE A 65 3.05 -7.17 -5.79
C ILE A 65 3.14 -6.25 -7.01
N ILE A 66 4.32 -5.68 -7.24
CA ILE A 66 4.51 -4.79 -8.39
C ILE A 66 4.42 -5.61 -9.68
N HIS A 67 4.14 -6.90 -9.52
CA HIS A 67 3.98 -7.82 -10.65
C HIS A 67 2.61 -7.66 -11.29
N LEU A 68 1.57 -7.66 -10.48
CA LEU A 68 0.20 -7.54 -10.99
C LEU A 68 -0.32 -6.11 -10.82
N ALA A 69 -0.02 -5.51 -9.67
CA ALA A 69 -0.46 -4.16 -9.39
C ALA A 69 -0.22 -3.24 -10.59
N GLU A 70 0.86 -3.49 -11.32
CA GLU A 70 1.20 -2.67 -12.47
C GLU A 70 0.40 -3.06 -13.70
N SER A 71 -0.81 -3.58 -13.51
CA SER A 71 -1.63 -3.97 -14.66
C SER A 71 -2.82 -3.02 -14.81
N LEU A 72 -3.34 -2.53 -13.69
CA LEU A 72 -4.46 -1.61 -13.74
C LEU A 72 -3.98 -0.25 -14.21
N TYR A 73 -3.33 0.49 -13.31
CA TYR A 73 -2.81 1.81 -13.66
C TYR A 73 -1.30 1.85 -13.48
N GLU A 74 -0.58 2.01 -14.58
CA GLU A 74 0.88 2.06 -14.54
C GLU A 74 1.36 3.13 -13.56
N GLY A 75 2.59 2.98 -13.08
CA GLY A 75 3.15 3.93 -12.14
C GLY A 75 3.57 3.24 -10.85
N ILE A 76 3.14 1.99 -10.69
CA ILE A 76 3.47 1.23 -9.49
C ILE A 76 4.98 1.10 -9.31
N LYS A 77 5.56 2.06 -8.61
CA LYS A 77 7.00 2.03 -8.34
C LYS A 77 7.35 0.86 -7.45
N SER A 78 6.44 0.54 -6.53
CA SER A 78 6.65 -0.57 -5.61
C SER A 78 5.46 -0.69 -4.65
N VAL A 79 5.56 -1.63 -3.72
CA VAL A 79 4.50 -1.85 -2.74
C VAL A 79 5.11 -2.24 -1.39
N ASN A 80 4.54 -1.73 -0.30
CA ASN A 80 5.05 -2.03 1.03
C ASN A 80 3.99 -1.84 2.11
N PHE A 81 4.15 -2.58 3.21
CA PHE A 81 3.23 -2.52 4.34
C PHE A 81 4.02 -2.28 5.63
N VAL A 82 3.42 -1.53 6.56
CA VAL A 82 4.10 -1.23 7.83
C VAL A 82 3.10 -1.13 8.97
N ASN A 83 3.57 -0.65 10.12
CA ASN A 83 2.71 -0.50 11.29
C ASN A 83 2.06 0.88 11.34
N GLU A 84 0.91 0.95 12.02
CA GLU A 84 0.18 2.21 12.14
C GLU A 84 1.11 3.40 12.38
N GLN A 85 2.10 3.21 13.24
CA GLN A 85 3.03 4.29 13.54
C GLN A 85 3.94 4.57 12.34
N ASP A 86 4.55 3.51 11.82
CA ASP A 86 5.44 3.65 10.67
C ASP A 86 4.70 4.32 9.50
N PHE A 87 3.56 3.76 9.14
CA PHE A 87 2.77 4.32 8.05
C PHE A 87 2.45 5.78 8.34
N PHE A 88 2.06 6.06 9.58
CA PHE A 88 1.75 7.44 9.98
C PHE A 88 2.95 8.33 9.77
N PHE A 89 4.14 7.79 10.00
CA PHE A 89 5.36 8.55 9.83
C PHE A 89 5.56 8.91 8.36
N ASN A 90 5.01 8.06 7.49
CA ASN A 90 5.13 8.28 6.05
C ASN A 90 4.32 9.50 5.60
N LEU A 91 3.10 9.65 6.11
CA LEU A 91 2.27 10.79 5.72
C LEU A 91 2.56 12.02 6.56
N ALA A 92 3.20 11.82 7.71
CA ALA A 92 3.51 12.95 8.59
C ALA A 92 4.81 13.65 8.15
N LYS A 93 5.69 12.92 7.50
CA LYS A 93 6.95 13.49 7.04
C LYS A 93 6.71 14.49 5.93
N LEU A 94 6.02 14.05 4.87
CA LEU A 94 5.73 14.92 3.74
C LEU A 94 5.27 16.30 4.22
N GLU A 95 6.09 17.31 3.93
CA GLU A 95 5.76 18.67 4.34
C GLU A 95 6.48 19.67 3.43
N GLU A 96 7.05 19.17 2.34
CA GLU A 96 7.75 20.02 1.39
C GLU A 96 7.77 19.37 0.00
N ASN A 97 7.97 18.06 -0.03
CA ASN A 97 8.00 17.32 -1.28
C ASN A 97 8.06 15.82 -1.03
N SER A 98 8.99 15.15 -1.71
CA SER A 98 9.13 13.70 -1.54
C SER A 98 10.59 13.29 -1.75
N ARG A 99 10.97 12.16 -1.17
CA ARG A 99 12.34 11.67 -1.28
C ARG A 99 12.46 10.28 -0.67
N ASP A 100 13.37 9.47 -1.19
CA ASP A 100 13.57 8.12 -0.68
C ASP A 100 14.37 8.15 0.61
N THR A 101 14.48 6.99 1.25
CA THR A 101 15.23 6.89 2.51
C THR A 101 16.71 7.14 2.26
N LEU A 102 17.51 6.97 3.32
CA LEU A 102 18.95 7.19 3.21
C LEU A 102 19.51 6.42 2.01
N TYR A 103 20.58 6.94 1.43
CA TYR A 103 21.21 6.30 0.27
C TYR A 103 22.69 6.64 0.21
N GLN A 104 22.97 7.92 0.10
CA GLN A 104 24.34 8.41 0.04
C GLN A 104 24.38 9.93 0.04
N ASN A 105 25.47 10.50 0.54
CA ASN A 105 25.61 11.95 0.60
C ASN A 105 25.83 12.51 -0.81
N SER A 106 25.14 13.60 -1.10
CA SER A 106 25.25 14.24 -2.42
C SER A 106 24.62 15.62 -2.41
N GLY A 107 23.31 15.66 -2.27
CA GLY A 107 22.58 16.93 -2.25
C GLY A 107 22.90 17.75 -3.49
N MET A 8 -13.52 4.83 -10.23
CA MET A 8 -14.61 4.39 -9.29
C MET A 8 -14.31 2.97 -8.82
N GLU A 9 -14.35 2.02 -9.75
CA GLU A 9 -14.08 0.62 -9.41
C GLU A 9 -12.59 0.38 -9.28
N GLN A 10 -11.82 1.45 -9.16
CA GLN A 10 -10.37 1.34 -9.03
C GLN A 10 -10.00 0.26 -8.02
N PHE A 11 -10.18 0.57 -6.74
CA PHE A 11 -9.87 -0.40 -5.69
C PHE A 11 -10.38 -1.78 -6.08
N ASN A 12 -11.64 -1.83 -6.46
CA ASN A 12 -12.25 -3.09 -6.86
C ASN A 12 -11.51 -3.69 -8.06
N ALA A 13 -10.88 -2.81 -8.85
CA ALA A 13 -10.14 -3.26 -10.02
C ALA A 13 -8.76 -3.80 -9.64
N PHE A 14 -7.94 -2.94 -9.04
CA PHE A 14 -6.60 -3.34 -8.62
C PHE A 14 -6.68 -4.47 -7.59
N LYS A 15 -7.56 -4.32 -6.62
CA LYS A 15 -7.72 -5.33 -5.59
C LYS A 15 -8.16 -6.67 -6.19
N SER A 16 -9.20 -6.63 -7.03
CA SER A 16 -9.69 -7.86 -7.63
C SER A 16 -8.57 -8.56 -8.39
N LEU A 17 -7.60 -7.78 -8.87
CA LEU A 17 -6.48 -8.35 -9.59
C LEU A 17 -5.64 -9.21 -8.64
N LEU A 18 -5.63 -8.84 -7.36
CA LEU A 18 -4.89 -9.62 -6.37
C LEU A 18 -5.57 -10.97 -6.20
N LYS A 19 -6.90 -10.96 -6.09
CA LYS A 19 -7.65 -12.21 -5.97
C LYS A 19 -6.98 -13.29 -6.83
N LYS A 20 -6.82 -12.99 -8.11
CA LYS A 20 -6.19 -13.93 -9.04
C LYS A 20 -4.83 -14.36 -8.49
N HIS A 21 -4.10 -13.41 -7.92
CA HIS A 21 -2.79 -13.69 -7.36
C HIS A 21 -2.88 -14.51 -6.08
N TYR A 22 -3.52 -13.94 -5.06
CA TYR A 22 -3.66 -14.62 -3.78
C TYR A 22 -4.77 -15.68 -3.84
N GLU A 23 -5.09 -16.15 -5.04
CA GLU A 23 -6.12 -17.16 -5.19
C GLU A 23 -5.91 -18.31 -4.21
N LYS A 24 -4.65 -18.53 -3.82
CA LYS A 24 -4.32 -19.59 -2.89
C LYS A 24 -4.34 -19.08 -1.45
N THR A 25 -3.72 -17.92 -1.22
CA THR A 25 -3.67 -17.35 0.12
C THR A 25 -5.04 -16.81 0.52
N ILE A 26 -6.09 -17.57 0.22
CA ILE A 26 -7.44 -17.17 0.56
C ILE A 26 -7.56 -16.95 2.07
N GLY A 27 -7.82 -18.03 2.82
CA GLY A 27 -7.96 -17.93 4.27
C GLY A 27 -7.12 -16.78 4.82
N PHE A 28 -5.82 -16.82 4.55
CA PHE A 28 -4.92 -15.76 5.00
C PHE A 28 -5.61 -14.41 4.85
N HIS A 29 -6.20 -14.18 3.68
CA HIS A 29 -6.90 -12.94 3.41
C HIS A 29 -8.08 -12.78 4.38
N ASP A 30 -8.93 -13.79 4.46
CA ASP A 30 -10.07 -13.72 5.38
C ASP A 30 -9.56 -13.53 6.81
N LYS A 31 -8.25 -13.53 6.96
CA LYS A 31 -7.61 -13.37 8.26
C LYS A 31 -7.19 -11.92 8.50
N TYR A 32 -6.13 -11.45 7.84
CA TYR A 32 -5.67 -10.08 8.06
C TYR A 32 -6.07 -9.15 6.91
N ILE A 33 -5.51 -9.38 5.73
CA ILE A 33 -5.81 -8.53 4.57
C ILE A 33 -7.28 -8.15 4.54
N LYS A 34 -8.11 -8.95 5.19
CA LYS A 34 -9.55 -8.68 5.22
C LYS A 34 -9.88 -7.63 6.30
N ASP A 35 -9.19 -7.73 7.43
CA ASP A 35 -9.43 -6.80 8.53
C ASP A 35 -8.94 -5.40 8.17
N ILE A 36 -7.85 -5.34 7.42
CA ILE A 36 -7.29 -4.05 7.03
C ILE A 36 -8.40 -3.09 6.59
N ASN A 37 -8.10 -1.80 6.64
CA ASN A 37 -9.09 -0.79 6.24
C ASN A 37 -8.42 0.57 6.01
N ARG A 38 -7.10 0.57 5.85
CA ARG A 38 -6.37 1.81 5.62
C ARG A 38 -5.35 1.65 4.50
N PHE A 39 -5.58 2.34 3.39
CA PHE A 39 -4.69 2.28 2.24
C PHE A 39 -4.80 3.59 1.45
N VAL A 40 -3.65 4.20 1.16
CA VAL A 40 -3.64 5.46 0.43
C VAL A 40 -2.66 5.43 -0.75
N PHE A 41 -3.08 6.09 -1.84
CA PHE A 41 -2.27 6.16 -3.05
C PHE A 41 -2.20 7.62 -3.53
N LYS A 42 -1.77 8.52 -2.64
CA LYS A 42 -1.68 9.93 -2.99
C LYS A 42 -0.36 10.52 -2.49
N ASN A 43 0.67 10.46 -3.34
CA ASN A 43 1.98 10.99 -2.99
C ASN A 43 3.02 10.54 -4.01
N ASN A 44 2.91 9.27 -4.42
CA ASN A 44 3.82 8.66 -5.40
C ASN A 44 4.13 7.21 -5.02
N VAL A 45 3.40 6.68 -4.04
CA VAL A 45 3.60 5.30 -3.59
C VAL A 45 2.31 4.77 -2.99
N LEU A 46 2.30 3.46 -2.70
CA LEU A 46 1.12 2.82 -2.12
C LEU A 46 1.48 2.25 -0.76
N LEU A 47 0.86 2.79 0.30
CA LEU A 47 1.14 2.30 1.65
C LEU A 47 -0.12 1.75 2.30
N ILE A 48 0.04 0.70 3.11
CA ILE A 48 -1.09 0.09 3.78
C ILE A 48 -0.73 -0.30 5.22
N LEU A 49 -1.62 0.01 6.15
CA LEU A 49 -1.38 -0.28 7.56
C LEU A 49 -1.36 -1.80 7.81
N LEU A 50 -0.36 -2.24 8.55
CA LEU A 50 -0.22 -3.66 8.89
C LEU A 50 0.49 -3.81 10.24
N GLU A 51 -0.27 -4.23 11.24
CA GLU A 51 0.29 -4.42 12.58
C GLU A 51 0.80 -5.84 12.75
N ASN A 52 0.05 -6.81 12.23
CA ASN A 52 0.43 -8.22 12.33
C ASN A 52 1.92 -8.39 12.09
N GLU A 53 2.64 -8.81 13.13
CA GLU A 53 4.09 -9.02 13.03
C GLU A 53 4.41 -10.20 12.12
N PHE A 54 3.61 -11.26 12.23
CA PHE A 54 3.84 -12.44 11.41
C PHE A 54 3.69 -12.10 9.94
N ALA A 55 2.47 -11.75 9.54
CA ALA A 55 2.21 -11.39 8.15
C ALA A 55 3.33 -10.48 7.64
N ARG A 56 3.37 -9.26 8.15
CA ARG A 56 4.37 -8.29 7.77
C ARG A 56 5.72 -8.95 7.50
N ASN A 57 6.07 -9.92 8.34
CA ASN A 57 7.35 -10.62 8.18
C ASN A 57 7.44 -11.26 6.79
N SER A 58 6.36 -11.95 6.44
CA SER A 58 6.26 -12.66 5.17
C SER A 58 5.87 -11.75 4.02
N LEU A 59 4.78 -11.05 4.20
CA LEU A 59 4.28 -10.14 3.18
C LEU A 59 5.42 -9.30 2.59
N ASN A 60 6.15 -8.62 3.47
CA ASN A 60 7.26 -7.79 3.00
C ASN A 60 8.42 -8.65 2.50
N ASP A 61 8.35 -9.95 2.76
CA ASP A 61 9.40 -10.86 2.30
C ASP A 61 9.27 -11.03 0.79
N ASN A 62 8.04 -10.91 0.31
CA ASN A 62 7.75 -11.02 -1.11
C ASN A 62 6.55 -10.16 -1.47
N SER A 63 6.69 -8.84 -1.28
CA SER A 63 5.60 -7.90 -1.57
C SER A 63 5.75 -7.31 -2.97
N GLU A 64 5.92 -8.15 -3.97
CA GLU A 64 6.06 -7.68 -5.34
C GLU A 64 4.70 -7.35 -5.91
N ILE A 65 3.90 -6.61 -5.14
CA ILE A 65 2.56 -6.24 -5.57
C ILE A 65 2.59 -5.37 -6.82
N ILE A 66 3.79 -5.09 -7.33
CA ILE A 66 3.91 -4.27 -8.54
C ILE A 66 3.85 -5.16 -9.78
N HIS A 67 4.30 -6.41 -9.62
CA HIS A 67 4.27 -7.39 -10.70
C HIS A 67 2.86 -7.55 -11.25
N LEU A 68 1.87 -7.05 -10.53
CA LEU A 68 0.48 -7.15 -10.98
C LEU A 68 -0.15 -5.76 -11.00
N ALA A 69 0.01 -5.04 -9.89
CA ALA A 69 -0.54 -3.71 -9.78
C ALA A 69 0.05 -2.77 -10.83
N GLU A 70 0.80 -3.32 -11.78
CA GLU A 70 1.41 -2.51 -12.83
C GLU A 70 0.47 -2.40 -14.03
N SER A 71 -0.82 -2.54 -13.78
CA SER A 71 -1.82 -2.46 -14.84
C SER A 71 -2.83 -1.34 -14.57
N LEU A 72 -3.65 -1.56 -13.55
CA LEU A 72 -4.67 -0.58 -13.17
C LEU A 72 -4.13 0.85 -13.28
N TYR A 73 -2.81 0.99 -13.13
CA TYR A 73 -2.18 2.31 -13.20
C TYR A 73 -1.17 2.33 -14.34
N GLU A 74 -0.65 3.53 -14.64
CA GLU A 74 0.33 3.68 -15.71
C GLU A 74 1.56 2.83 -15.41
N GLY A 75 1.87 2.67 -14.12
CA GLY A 75 3.03 1.88 -13.72
C GLY A 75 3.45 2.22 -12.30
N ILE A 76 2.81 1.58 -11.33
CA ILE A 76 3.13 1.82 -9.92
C ILE A 76 4.64 1.82 -9.70
N LYS A 77 5.11 2.64 -8.77
CA LYS A 77 6.53 2.71 -8.47
C LYS A 77 6.91 1.61 -7.49
N SER A 78 6.04 1.35 -6.52
CA SER A 78 6.30 0.32 -5.53
C SER A 78 5.10 0.14 -4.60
N VAL A 79 5.19 -0.84 -3.71
CA VAL A 79 4.12 -1.12 -2.77
C VAL A 79 4.69 -1.67 -1.46
N ASN A 80 4.03 -1.36 -0.34
CA ASN A 80 4.51 -1.84 0.95
C ASN A 80 3.53 -1.51 2.08
N PHE A 81 3.68 -2.25 3.18
CA PHE A 81 2.83 -2.07 4.36
C PHE A 81 3.71 -1.99 5.59
N VAL A 82 3.27 -1.23 6.59
CA VAL A 82 4.07 -1.09 7.82
C VAL A 82 3.17 -1.03 9.04
N ASN A 83 3.67 -0.42 10.12
CA ASN A 83 2.89 -0.30 11.35
C ASN A 83 2.38 1.12 11.54
N GLU A 84 1.37 1.27 12.39
CA GLU A 84 0.77 2.57 12.66
C GLU A 84 1.82 3.68 12.64
N GLN A 85 2.70 3.68 13.62
CA GLN A 85 3.73 4.71 13.71
C GLN A 85 4.50 4.83 12.38
N ASP A 86 4.97 3.71 11.88
CA ASP A 86 5.72 3.72 10.62
C ASP A 86 4.95 4.48 9.53
N PHE A 87 3.77 3.97 9.19
CA PHE A 87 2.95 4.60 8.16
C PHE A 87 2.98 6.12 8.33
N PHE A 88 2.80 6.59 9.56
CA PHE A 88 2.83 8.01 9.84
C PHE A 88 4.12 8.63 9.35
N PHE A 89 5.23 8.26 9.99
CA PHE A 89 6.55 8.78 9.62
C PHE A 89 6.65 8.98 8.11
N ASN A 90 5.95 8.14 7.36
CA ASN A 90 5.98 8.23 5.90
C ASN A 90 5.15 9.41 5.41
N LEU A 91 3.90 9.50 5.87
CA LEU A 91 3.02 10.58 5.45
C LEU A 91 3.31 11.84 6.27
N ALA A 92 4.03 11.66 7.37
CA ALA A 92 4.38 12.78 8.24
C ALA A 92 5.53 13.58 7.64
N LYS A 93 6.43 12.89 6.94
CA LYS A 93 7.58 13.54 6.33
C LYS A 93 7.12 14.71 5.45
N LEU A 94 6.69 14.38 4.23
CA LEU A 94 6.22 15.41 3.30
C LEU A 94 7.08 16.67 3.39
N GLU A 95 6.56 17.77 2.89
CA GLU A 95 7.29 19.03 2.91
C GLU A 95 8.61 18.90 2.15
N GLU A 96 9.69 19.39 2.75
CA GLU A 96 11.00 19.32 2.11
C GLU A 96 10.91 19.74 0.64
N ASN A 97 10.49 20.98 0.41
CA ASN A 97 10.36 21.50 -0.94
C ASN A 97 11.58 21.11 -1.78
N SER A 98 11.35 20.85 -3.07
CA SER A 98 12.43 20.47 -3.96
C SER A 98 12.11 20.90 -5.39
N ARG A 99 13.16 21.10 -6.20
CA ARG A 99 12.97 21.50 -7.58
C ARG A 99 12.75 20.28 -8.47
N ASP A 100 13.57 20.17 -9.52
CA ASP A 100 13.45 19.04 -10.45
C ASP A 100 13.29 17.73 -9.69
N THR A 101 12.56 16.79 -10.30
CA THR A 101 12.33 15.50 -9.68
C THR A 101 13.34 14.48 -10.17
N LEU A 102 13.58 13.45 -9.37
CA LEU A 102 14.55 12.41 -9.73
C LEU A 102 15.84 13.05 -10.23
N TYR A 103 16.82 13.15 -9.33
CA TYR A 103 18.11 13.73 -9.70
C TYR A 103 18.73 12.99 -10.87
N GLN A 104 18.34 13.36 -12.08
CA GLN A 104 18.87 12.71 -13.28
C GLN A 104 18.45 13.48 -14.54
N ASN A 105 17.18 13.32 -14.93
CA ASN A 105 16.67 14.00 -16.11
C ASN A 105 15.17 14.19 -16.00
N SER A 106 14.53 14.41 -17.15
CA SER A 106 13.08 14.61 -17.19
C SER A 106 12.41 13.57 -18.07
N GLY A 107 12.54 13.75 -19.39
CA GLY A 107 11.95 12.81 -20.34
C GLY A 107 10.43 12.95 -20.36
N MET A 8 -14.29 4.08 -5.69
CA MET A 8 -15.09 3.55 -6.84
C MET A 8 -14.69 2.11 -7.11
N GLU A 9 -14.60 1.76 -8.39
CA GLU A 9 -14.22 0.40 -8.78
C GLU A 9 -12.71 0.21 -8.70
N GLN A 10 -11.99 1.33 -8.65
CA GLN A 10 -10.54 1.30 -8.59
C GLN A 10 -10.04 0.23 -7.63
N PHE A 11 -10.12 0.53 -6.33
CA PHE A 11 -9.67 -0.42 -5.32
C PHE A 11 -10.19 -1.81 -5.65
N ASN A 12 -11.47 -1.90 -6.01
CA ASN A 12 -12.07 -3.17 -6.36
C ASN A 12 -11.37 -3.78 -7.57
N ALA A 13 -10.81 -2.91 -8.43
CA ALA A 13 -10.14 -3.38 -9.63
C ALA A 13 -8.74 -3.90 -9.32
N PHE A 14 -7.88 -3.03 -8.80
CA PHE A 14 -6.52 -3.42 -8.47
C PHE A 14 -6.54 -4.60 -7.49
N LYS A 15 -7.44 -4.52 -6.53
CA LYS A 15 -7.57 -5.58 -5.54
C LYS A 15 -8.10 -6.86 -6.16
N SER A 16 -9.14 -6.74 -7.00
CA SER A 16 -9.70 -7.93 -7.60
C SER A 16 -8.62 -8.65 -8.39
N LEU A 17 -7.59 -7.90 -8.75
CA LEU A 17 -6.46 -8.45 -9.49
C LEU A 17 -5.67 -9.38 -8.58
N LEU A 18 -5.40 -8.92 -7.36
CA LEU A 18 -4.67 -9.73 -6.39
C LEU A 18 -5.31 -11.10 -6.29
N LYS A 19 -6.64 -11.12 -6.21
CA LYS A 19 -7.37 -12.39 -6.11
C LYS A 19 -6.71 -13.44 -7.01
N LYS A 20 -6.70 -13.18 -8.31
CA LYS A 20 -6.08 -14.08 -9.27
C LYS A 20 -4.74 -14.59 -8.72
N HIS A 21 -3.99 -13.67 -8.10
CA HIS A 21 -2.70 -14.01 -7.53
C HIS A 21 -2.85 -14.86 -6.28
N TYR A 22 -3.53 -14.31 -5.27
CA TYR A 22 -3.73 -15.01 -4.01
C TYR A 22 -5.04 -15.81 -4.05
N GLU A 23 -5.40 -16.28 -5.24
CA GLU A 23 -6.63 -17.07 -5.39
C GLU A 23 -6.72 -18.15 -4.32
N LYS A 24 -5.63 -18.89 -4.13
CA LYS A 24 -5.61 -19.95 -3.14
C LYS A 24 -5.05 -19.44 -1.82
N THR A 25 -4.74 -18.14 -1.78
CA THR A 25 -4.20 -17.52 -0.57
C THR A 25 -5.05 -16.33 -0.15
N ILE A 26 -6.37 -16.53 -0.14
CA ILE A 26 -7.29 -15.45 0.24
C ILE A 26 -7.52 -15.45 1.75
N GLY A 27 -8.03 -16.56 2.28
CA GLY A 27 -8.29 -16.67 3.71
C GLY A 27 -7.31 -15.83 4.52
N PHE A 28 -6.02 -16.12 4.37
CA PHE A 28 -4.98 -15.38 5.08
C PHE A 28 -5.34 -13.90 5.09
N HIS A 29 -5.73 -13.39 3.94
CA HIS A 29 -6.11 -11.99 3.82
C HIS A 29 -7.33 -11.69 4.68
N ASP A 30 -8.42 -12.40 4.43
CA ASP A 30 -9.65 -12.20 5.18
C ASP A 30 -9.43 -12.43 6.67
N LYS A 31 -8.31 -13.06 7.03
CA LYS A 31 -8.01 -13.34 8.43
C LYS A 31 -7.02 -12.33 9.01
N TYR A 32 -5.85 -12.23 8.39
CA TYR A 32 -4.82 -11.31 8.87
C TYR A 32 -5.13 -9.86 8.46
N ILE A 33 -4.94 -9.57 7.18
CA ILE A 33 -5.18 -8.22 6.68
C ILE A 33 -6.64 -7.81 6.85
N LYS A 34 -7.53 -8.53 6.19
CA LYS A 34 -8.95 -8.24 6.26
C LYS A 34 -9.25 -6.88 5.63
N ASP A 35 -10.51 -6.47 5.71
CA ASP A 35 -10.91 -5.19 5.15
C ASP A 35 -10.09 -4.05 5.74
N ILE A 36 -8.88 -3.87 5.23
CA ILE A 36 -8.01 -2.81 5.72
C ILE A 36 -8.74 -1.47 5.68
N ASN A 37 -8.20 -0.48 6.40
CA ASN A 37 -8.82 0.84 6.45
C ASN A 37 -7.76 1.93 6.56
N ARG A 38 -6.49 1.54 6.42
CA ARG A 38 -5.39 2.50 6.50
C ARG A 38 -4.36 2.21 5.41
N PHE A 39 -4.58 2.82 4.25
CA PHE A 39 -3.69 2.66 3.10
C PHE A 39 -3.90 3.83 2.14
N VAL A 40 -2.83 4.28 1.48
CA VAL A 40 -2.94 5.40 0.55
C VAL A 40 -1.93 5.29 -0.59
N PHE A 41 -2.29 5.86 -1.73
CA PHE A 41 -1.42 5.83 -2.91
C PHE A 41 -1.41 7.19 -3.58
N LYS A 42 -0.92 8.20 -2.86
CA LYS A 42 -0.86 9.56 -3.39
C LYS A 42 0.59 10.06 -3.44
N ASN A 43 1.53 9.13 -3.45
CA ASN A 43 2.94 9.47 -3.50
C ASN A 43 3.62 8.71 -4.64
N ASN A 44 2.84 8.41 -5.67
CA ASN A 44 3.36 7.67 -6.81
C ASN A 44 3.53 6.19 -6.46
N VAL A 45 3.56 5.93 -5.16
CA VAL A 45 3.74 4.57 -4.66
C VAL A 45 2.52 4.14 -3.85
N LEU A 46 2.53 2.90 -3.37
CA LEU A 46 1.43 2.37 -2.58
C LEU A 46 1.91 1.89 -1.21
N LEU A 47 1.34 2.47 -0.16
CA LEU A 47 1.72 2.10 1.20
C LEU A 47 0.50 1.54 1.94
N ILE A 48 0.74 0.55 2.79
CA ILE A 48 -0.35 -0.07 3.54
C ILE A 48 0.05 -0.27 5.01
N LEU A 49 -0.82 0.15 5.91
CA LEU A 49 -0.56 0.02 7.33
C LEU A 49 -0.82 -1.41 7.80
N LEU A 50 0.22 -2.24 7.75
CA LEU A 50 0.12 -3.64 8.18
C LEU A 50 0.67 -3.79 9.60
N GLU A 51 -0.17 -4.27 10.51
CA GLU A 51 0.24 -4.44 11.90
C GLU A 51 0.79 -5.85 12.16
N ASN A 52 -0.10 -6.84 12.15
CA ASN A 52 0.27 -8.23 12.40
C ASN A 52 1.71 -8.53 11.96
N GLU A 53 2.61 -8.64 12.94
CA GLU A 53 4.02 -8.91 12.68
C GLU A 53 4.19 -10.09 11.71
N PHE A 54 3.37 -11.13 11.88
CA PHE A 54 3.47 -12.29 11.00
C PHE A 54 3.21 -11.87 9.55
N ALA A 55 1.98 -11.46 9.30
CA ALA A 55 1.59 -11.04 7.95
C ALA A 55 2.69 -10.22 7.28
N ARG A 56 3.45 -9.45 8.06
CA ARG A 56 4.54 -8.66 7.49
C ARG A 56 5.78 -9.53 7.31
N ASN A 57 5.94 -10.49 8.21
CA ASN A 57 7.07 -11.40 8.17
C ASN A 57 7.22 -12.07 6.80
N SER A 58 6.10 -12.57 6.29
CA SER A 58 6.07 -13.27 5.01
C SER A 58 5.81 -12.33 3.83
N LEU A 59 4.85 -11.43 3.97
CA LEU A 59 4.51 -10.52 2.89
C LEU A 59 5.77 -9.88 2.30
N ASN A 60 6.57 -9.23 3.14
CA ASN A 60 7.78 -8.58 2.63
C ASN A 60 8.84 -9.62 2.27
N ASP A 61 8.60 -10.87 2.62
CA ASP A 61 9.54 -11.94 2.30
C ASP A 61 9.43 -12.31 0.82
N ASN A 62 8.24 -12.18 0.27
CA ASN A 62 8.01 -12.51 -1.14
C ASN A 62 6.67 -11.96 -1.61
N SER A 63 6.58 -10.63 -1.69
CA SER A 63 5.35 -9.99 -2.14
C SER A 63 5.36 -9.77 -3.64
N GLU A 64 5.84 -8.60 -4.06
CA GLU A 64 5.92 -8.26 -5.48
C GLU A 64 4.52 -7.99 -6.04
N ILE A 65 3.77 -7.13 -5.36
CA ILE A 65 2.42 -6.80 -5.80
C ILE A 65 2.48 -5.93 -7.06
N ILE A 66 3.69 -5.62 -7.51
CA ILE A 66 3.88 -4.83 -8.71
C ILE A 66 3.79 -5.74 -9.93
N HIS A 67 3.67 -7.03 -9.63
CA HIS A 67 3.57 -8.07 -10.66
C HIS A 67 2.18 -8.08 -11.29
N LEU A 68 1.25 -7.35 -10.70
CA LEU A 68 -0.12 -7.30 -11.24
C LEU A 68 -0.67 -5.88 -11.17
N ALA A 69 -0.29 -5.16 -10.13
CA ALA A 69 -0.75 -3.79 -9.96
C ALA A 69 -0.32 -2.90 -11.11
N GLU A 70 0.77 -3.27 -11.78
CA GLU A 70 1.29 -2.47 -12.88
C GLU A 70 0.34 -2.52 -14.08
N SER A 71 -0.96 -2.56 -13.81
CA SER A 71 -1.95 -2.62 -14.88
C SER A 71 -3.04 -1.57 -14.66
N LEU A 72 -3.34 -1.26 -13.39
CA LEU A 72 -4.36 -0.27 -13.08
C LEU A 72 -3.76 1.14 -13.07
N TYR A 73 -2.45 1.22 -12.80
CA TYR A 73 -1.76 2.51 -12.76
C TYR A 73 -0.69 2.56 -13.84
N GLU A 74 0.12 3.62 -13.81
CA GLU A 74 1.18 3.78 -14.80
C GLU A 74 2.47 3.13 -14.32
N GLY A 75 2.69 1.89 -14.74
CA GLY A 75 3.89 1.16 -14.35
C GLY A 75 4.22 1.39 -12.87
N ILE A 76 3.44 0.80 -11.98
CA ILE A 76 3.67 0.95 -10.55
C ILE A 76 5.18 0.94 -10.26
N LYS A 77 5.60 1.77 -9.31
CA LYS A 77 7.02 1.84 -8.96
C LYS A 77 7.37 0.76 -7.95
N SER A 78 6.47 0.53 -7.00
CA SER A 78 6.70 -0.49 -5.98
C SER A 78 5.51 -0.58 -5.01
N VAL A 79 5.64 -1.45 -4.03
CA VAL A 79 4.59 -1.65 -3.02
C VAL A 79 5.22 -2.06 -1.70
N ASN A 80 4.61 -1.64 -0.60
CA ASN A 80 5.14 -1.98 0.72
C ASN A 80 4.12 -1.71 1.82
N PHE A 81 4.38 -2.26 3.00
CA PHE A 81 3.49 -2.09 4.15
C PHE A 81 4.28 -1.62 5.38
N VAL A 82 3.56 -1.14 6.39
CA VAL A 82 4.20 -0.65 7.60
C VAL A 82 3.24 -0.78 8.80
N ASN A 83 3.57 -0.09 9.90
CA ASN A 83 2.74 -0.14 11.11
C ASN A 83 2.27 1.25 11.53
N GLU A 84 1.48 1.29 12.59
CA GLU A 84 0.93 2.53 13.12
C GLU A 84 1.88 3.71 12.94
N GLN A 85 2.88 3.78 13.80
CA GLN A 85 3.85 4.87 13.77
C GLN A 85 4.50 4.99 12.39
N ASP A 86 5.02 3.89 11.89
CA ASP A 86 5.68 3.91 10.58
C ASP A 86 4.76 4.52 9.54
N PHE A 87 3.61 3.90 9.31
CA PHE A 87 2.64 4.42 8.35
C PHE A 87 2.49 5.93 8.51
N PHE A 88 2.40 6.37 9.77
CA PHE A 88 2.26 7.79 10.04
C PHE A 88 3.46 8.55 9.50
N PHE A 89 4.63 8.29 10.11
CA PHE A 89 5.86 8.94 9.69
C PHE A 89 5.82 9.29 8.20
N ASN A 90 5.23 8.42 7.40
CA ASN A 90 5.13 8.65 5.97
C ASN A 90 4.01 9.66 5.68
N LEU A 91 2.84 9.42 6.25
CA LEU A 91 1.70 10.30 6.06
C LEU A 91 1.88 11.58 6.86
N ALA A 92 2.66 11.50 7.94
CA ALA A 92 2.90 12.66 8.79
C ALA A 92 3.79 13.67 8.07
N LYS A 93 4.34 13.25 6.92
CA LYS A 93 5.21 14.12 6.15
C LYS A 93 4.55 15.48 5.91
N LEU A 94 3.28 15.46 5.56
CA LEU A 94 2.53 16.68 5.30
C LEU A 94 2.87 17.74 6.36
N GLU A 95 3.16 18.96 5.91
CA GLU A 95 3.50 20.04 6.82
C GLU A 95 2.25 20.51 7.57
N GLU A 96 2.37 20.69 8.88
CA GLU A 96 1.26 21.15 9.70
C GLU A 96 1.55 22.53 10.27
N ASN A 97 2.04 22.57 11.51
CA ASN A 97 2.34 23.84 12.15
C ASN A 97 2.94 23.61 13.54
N SER A 98 3.88 24.46 13.93
CA SER A 98 4.52 24.34 15.24
C SER A 98 5.22 25.65 15.61
N ARG A 99 5.18 26.61 14.69
CA ARG A 99 5.82 27.90 14.93
C ARG A 99 4.95 28.77 15.83
N ASP A 100 5.26 30.06 15.88
CA ASP A 100 4.49 30.99 16.70
C ASP A 100 4.62 30.63 18.18
N THR A 101 5.51 29.70 18.48
CA THR A 101 5.72 29.27 19.86
C THR A 101 6.64 30.24 20.60
N LEU A 102 6.07 30.96 21.57
CA LEU A 102 6.84 31.92 22.34
C LEU A 102 7.35 31.27 23.63
N TYR A 103 8.51 31.71 24.09
CA TYR A 103 9.10 31.17 25.31
C TYR A 103 8.03 31.05 26.39
N GLN A 104 7.88 29.83 26.93
CA GLN A 104 6.90 29.60 27.98
C GLN A 104 7.14 28.24 28.64
N ASN A 105 7.90 28.25 29.73
CA ASN A 105 8.20 27.02 30.44
C ASN A 105 6.97 26.52 31.19
N SER A 106 6.64 27.20 32.29
CA SER A 106 5.48 26.82 33.09
C SER A 106 5.15 27.91 34.11
N GLY A 107 5.91 29.00 34.07
CA GLY A 107 5.70 30.10 34.99
C GLY A 107 4.28 30.65 34.87
N MET A 8 -13.71 4.63 -6.76
CA MET A 8 -14.92 3.77 -6.58
C MET A 8 -14.64 2.39 -7.15
N GLU A 9 -14.30 2.32 -8.43
CA GLU A 9 -14.02 1.05 -9.09
C GLU A 9 -12.53 0.71 -8.97
N GLN A 10 -11.70 1.74 -8.93
CA GLN A 10 -10.26 1.56 -8.81
C GLN A 10 -9.93 0.46 -7.80
N PHE A 11 -10.10 0.77 -6.52
CA PHE A 11 -9.82 -0.19 -5.47
C PHE A 11 -10.38 -1.56 -5.85
N ASN A 12 -11.64 -1.57 -6.27
CA ASN A 12 -12.28 -2.82 -6.66
C ASN A 12 -11.55 -3.45 -7.85
N ALA A 13 -10.90 -2.62 -8.65
CA ALA A 13 -10.17 -3.10 -9.82
C ALA A 13 -8.78 -3.61 -9.42
N PHE A 14 -7.95 -2.70 -8.90
CA PHE A 14 -6.60 -3.08 -8.49
C PHE A 14 -6.67 -4.23 -7.48
N LYS A 15 -7.59 -4.11 -6.52
CA LYS A 15 -7.76 -5.13 -5.50
C LYS A 15 -8.23 -6.45 -6.11
N SER A 16 -9.21 -6.37 -7.01
CA SER A 16 -9.73 -7.58 -7.61
C SER A 16 -8.60 -8.34 -8.29
N LEU A 17 -7.55 -7.61 -8.66
CA LEU A 17 -6.40 -8.24 -9.30
C LEU A 17 -5.73 -9.18 -8.30
N LEU A 18 -5.65 -8.74 -7.05
CA LEU A 18 -5.05 -9.58 -6.01
C LEU A 18 -5.81 -10.89 -5.91
N LYS A 19 -7.14 -10.81 -5.85
CA LYS A 19 -7.95 -12.03 -5.76
C LYS A 19 -7.32 -13.13 -6.61
N LYS A 20 -7.15 -12.84 -7.90
CA LYS A 20 -6.53 -13.79 -8.82
C LYS A 20 -5.21 -14.30 -8.25
N HIS A 21 -4.43 -13.37 -7.70
CA HIS A 21 -3.14 -13.68 -7.10
C HIS A 21 -3.30 -14.52 -5.83
N TYR A 22 -3.91 -13.91 -4.82
CA TYR A 22 -4.12 -14.58 -3.53
C TYR A 22 -5.29 -15.56 -3.61
N GLU A 23 -5.60 -16.02 -4.81
CA GLU A 23 -6.70 -16.96 -4.99
C GLU A 23 -6.62 -18.08 -3.96
N LYS A 24 -5.55 -18.86 -4.03
CA LYS A 24 -5.36 -19.97 -3.09
C LYS A 24 -4.82 -19.44 -1.77
N THR A 25 -4.61 -18.13 -1.70
CA THR A 25 -4.09 -17.51 -0.48
C THR A 25 -5.18 -16.66 0.18
N ILE A 26 -6.40 -17.19 0.23
CA ILE A 26 -7.52 -16.47 0.83
C ILE A 26 -7.46 -16.56 2.35
N GLY A 27 -7.66 -17.76 2.89
CA GLY A 27 -7.63 -17.95 4.35
C GLY A 27 -6.71 -16.95 5.02
N PHE A 28 -5.60 -16.64 4.37
CA PHE A 28 -4.64 -15.68 4.91
C PHE A 28 -5.15 -14.26 4.71
N HIS A 29 -5.57 -13.96 3.48
CA HIS A 29 -6.10 -12.64 3.15
C HIS A 29 -7.35 -12.34 3.96
N ASP A 30 -8.07 -13.38 4.38
CA ASP A 30 -9.27 -13.20 5.18
C ASP A 30 -8.89 -13.09 6.65
N LYS A 31 -7.60 -13.28 6.92
CA LYS A 31 -7.08 -13.21 8.27
C LYS A 31 -6.57 -11.81 8.61
N TYR A 32 -5.69 -11.24 7.79
CA TYR A 32 -5.18 -9.90 8.09
C TYR A 32 -5.50 -8.89 6.98
N ILE A 33 -4.84 -9.04 5.84
CA ILE A 33 -5.07 -8.10 4.73
C ILE A 33 -6.55 -7.78 4.59
N LYS A 34 -7.39 -8.81 4.74
CA LYS A 34 -8.83 -8.64 4.64
C LYS A 34 -9.21 -7.39 3.84
N ASP A 35 -9.69 -6.37 4.54
CA ASP A 35 -10.08 -5.12 3.89
C ASP A 35 -10.06 -3.97 4.89
N ILE A 36 -8.85 -3.57 5.29
CA ILE A 36 -8.70 -2.48 6.26
C ILE A 36 -9.38 -1.22 5.73
N ASN A 37 -8.83 -0.06 6.11
CA ASN A 37 -9.38 1.22 5.67
C ASN A 37 -8.31 2.30 5.69
N ARG A 38 -7.05 1.89 5.57
CA ARG A 38 -5.94 2.84 5.57
C ARG A 38 -4.93 2.48 4.48
N PHE A 39 -5.14 3.05 3.30
CA PHE A 39 -4.26 2.83 2.16
C PHE A 39 -4.22 4.09 1.32
N VAL A 40 -3.03 4.59 1.02
CA VAL A 40 -2.91 5.82 0.23
C VAL A 40 -1.92 5.67 -0.91
N PHE A 41 -2.28 6.25 -2.05
CA PHE A 41 -1.44 6.20 -3.25
C PHE A 41 -1.36 7.59 -3.88
N LYS A 42 -0.19 7.95 -4.38
CA LYS A 42 0.00 9.25 -5.02
C LYS A 42 0.44 9.06 -6.46
N ASN A 43 1.24 8.01 -6.68
CA ASN A 43 1.75 7.68 -8.02
C ASN A 43 3.20 7.21 -7.90
N ASN A 44 3.82 7.54 -6.77
CA ASN A 44 5.22 7.16 -6.55
C ASN A 44 5.31 5.92 -5.68
N VAL A 45 4.50 5.87 -4.65
CA VAL A 45 4.51 4.73 -3.73
C VAL A 45 3.13 4.45 -3.15
N LEU A 46 2.93 3.22 -2.70
CA LEU A 46 1.66 2.81 -2.11
C LEU A 46 1.89 2.18 -0.75
N LEU A 47 1.18 2.68 0.27
CA LEU A 47 1.32 2.16 1.63
C LEU A 47 -0.01 1.59 2.11
N ILE A 48 0.06 0.50 2.87
CA ILE A 48 -1.14 -0.15 3.40
C ILE A 48 -0.92 -0.60 4.84
N LEU A 49 -1.92 -0.36 5.68
CA LEU A 49 -1.83 -0.74 7.09
C LEU A 49 -1.62 -2.25 7.24
N LEU A 50 -0.69 -2.61 8.12
CA LEU A 50 -0.38 -4.00 8.40
C LEU A 50 0.31 -4.13 9.76
N GLU A 51 -0.46 -4.51 10.78
CA GLU A 51 0.09 -4.64 12.12
C GLU A 51 0.68 -6.02 12.36
N ASN A 52 -0.13 -7.06 12.15
CA ASN A 52 0.32 -8.44 12.34
C ASN A 52 1.79 -8.60 11.96
N GLU A 53 2.67 -8.38 12.93
CA GLU A 53 4.12 -8.50 12.70
C GLU A 53 4.42 -9.70 11.82
N PHE A 54 3.58 -10.73 11.91
CA PHE A 54 3.78 -11.93 11.12
C PHE A 54 3.54 -11.63 9.64
N ALA A 55 2.28 -11.39 9.29
CA ALA A 55 1.91 -11.10 7.91
C ALA A 55 2.95 -10.20 7.24
N ARG A 56 3.63 -9.37 8.02
CA ARG A 56 4.64 -8.49 7.46
C ARG A 56 5.99 -9.20 7.35
N ASN A 57 6.23 -10.10 8.29
CA ASN A 57 7.47 -10.86 8.30
C ASN A 57 7.68 -11.59 6.98
N SER A 58 6.59 -12.14 6.48
CA SER A 58 6.59 -12.92 5.24
C SER A 58 6.31 -12.05 4.00
N LEU A 59 5.25 -11.26 4.06
CA LEU A 59 4.89 -10.42 2.93
C LEU A 59 6.11 -9.69 2.37
N ASN A 60 6.77 -8.90 3.22
CA ASN A 60 7.94 -8.16 2.78
C ASN A 60 9.09 -9.11 2.45
N ASP A 61 8.93 -10.38 2.81
CA ASP A 61 9.97 -11.36 2.53
C ASP A 61 9.92 -11.77 1.07
N ASN A 62 8.73 -11.72 0.48
CA ASN A 62 8.56 -12.08 -0.92
C ASN A 62 7.21 -11.59 -1.45
N SER A 63 6.95 -10.30 -1.27
CA SER A 63 5.70 -9.72 -1.74
C SER A 63 5.77 -9.43 -3.24
N GLU A 64 6.23 -8.23 -3.58
CA GLU A 64 6.34 -7.83 -4.99
C GLU A 64 4.96 -7.61 -5.59
N ILE A 65 4.13 -6.83 -4.91
CA ILE A 65 2.79 -6.54 -5.38
C ILE A 65 2.82 -5.70 -6.66
N ILE A 66 4.01 -5.28 -7.06
CA ILE A 66 4.15 -4.49 -8.28
C ILE A 66 4.11 -5.40 -9.50
N HIS A 67 4.11 -6.70 -9.23
CA HIS A 67 4.06 -7.73 -10.27
C HIS A 67 2.66 -7.80 -10.90
N LEU A 68 1.67 -7.21 -10.24
CA LEU A 68 0.31 -7.22 -10.77
C LEU A 68 -0.26 -5.81 -10.76
N ALA A 69 -0.05 -5.12 -9.65
CA ALA A 69 -0.55 -3.75 -9.49
C ALA A 69 -0.05 -2.86 -10.64
N GLU A 70 1.07 -3.23 -11.24
CA GLU A 70 1.64 -2.43 -12.32
C GLU A 70 0.67 -2.33 -13.50
N SER A 71 -0.50 -2.94 -13.36
CA SER A 71 -1.49 -2.91 -14.44
C SER A 71 -2.51 -1.80 -14.22
N LEU A 72 -3.34 -1.95 -13.19
CA LEU A 72 -4.36 -0.95 -12.89
C LEU A 72 -3.83 0.46 -13.10
N TYR A 73 -2.51 0.61 -13.03
CA TYR A 73 -1.88 1.91 -13.23
C TYR A 73 -0.94 1.85 -14.43
N GLU A 74 -0.36 3.00 -14.78
CA GLU A 74 0.56 3.06 -15.91
C GLU A 74 1.80 2.22 -15.63
N GLY A 75 2.14 2.06 -14.35
CA GLY A 75 3.31 1.28 -13.96
C GLY A 75 3.71 1.59 -12.53
N ILE A 76 3.07 0.90 -11.58
CA ILE A 76 3.37 1.12 -10.17
C ILE A 76 4.88 1.17 -9.95
N LYS A 77 5.30 1.99 -8.99
CA LYS A 77 6.71 2.13 -8.67
C LYS A 77 7.13 1.12 -7.59
N SER A 78 6.29 0.98 -6.57
CA SER A 78 6.57 0.05 -5.49
C SER A 78 5.36 -0.13 -4.58
N VAL A 79 5.45 -1.10 -3.66
CA VAL A 79 4.36 -1.37 -2.73
C VAL A 79 4.92 -1.86 -1.40
N ASN A 80 4.25 -1.48 -0.31
CA ASN A 80 4.72 -1.88 1.02
C ASN A 80 3.63 -1.68 2.08
N PHE A 81 3.74 -2.46 3.16
CA PHE A 81 2.80 -2.39 4.26
C PHE A 81 3.56 -2.29 5.58
N VAL A 82 3.01 -1.57 6.55
CA VAL A 82 3.68 -1.41 7.84
C VAL A 82 2.66 -1.26 8.97
N ASN A 83 3.11 -0.71 10.10
CA ASN A 83 2.23 -0.51 11.25
C ASN A 83 1.74 0.93 11.32
N GLU A 84 0.70 1.13 12.11
CA GLU A 84 0.10 2.46 12.27
C GLU A 84 1.16 3.55 12.28
N GLN A 85 1.95 3.61 13.36
CA GLN A 85 2.98 4.63 13.48
C GLN A 85 3.83 4.69 12.22
N ASP A 86 4.35 3.55 11.79
CA ASP A 86 5.18 3.50 10.59
C ASP A 86 4.47 4.20 9.44
N PHE A 87 3.33 3.68 9.04
CA PHE A 87 2.56 4.28 7.94
C PHE A 87 2.55 5.80 8.09
N PHE A 88 2.34 6.27 9.32
CA PHE A 88 2.32 7.70 9.58
C PHE A 88 3.65 8.33 9.18
N PHE A 89 4.70 8.00 9.93
CA PHE A 89 6.03 8.54 9.66
C PHE A 89 6.22 8.84 8.18
N ASN A 90 5.69 7.96 7.33
CA ASN A 90 5.79 8.15 5.89
C ASN A 90 4.86 9.27 5.44
N LEU A 91 3.61 9.19 5.87
CA LEU A 91 2.61 10.21 5.53
C LEU A 91 2.88 11.49 6.31
N ALA A 92 3.63 11.37 7.39
CA ALA A 92 3.94 12.54 8.21
C ALA A 92 5.18 13.26 7.69
N LYS A 93 6.12 12.49 7.14
CA LYS A 93 7.34 13.06 6.61
C LYS A 93 7.06 14.27 5.72
N LEU A 94 6.14 14.09 4.76
CA LEU A 94 5.79 15.17 3.85
C LEU A 94 5.67 16.49 4.61
N GLU A 95 6.78 17.21 4.70
CA GLU A 95 6.79 18.50 5.40
C GLU A 95 6.38 19.62 4.45
N GLU A 96 7.34 20.12 3.68
CA GLU A 96 7.07 21.19 2.73
C GLU A 96 8.15 21.24 1.65
N ASN A 97 9.41 21.04 2.06
CA ASN A 97 10.53 21.08 1.13
C ASN A 97 11.11 19.67 0.96
N SER A 98 10.82 19.05 -0.17
CA SER A 98 11.33 17.71 -0.44
C SER A 98 11.12 17.33 -1.91
N ARG A 99 10.49 18.23 -2.66
CA ARG A 99 10.23 17.98 -4.08
C ARG A 99 11.07 18.91 -4.95
N ASP A 100 10.73 20.20 -4.94
CA ASP A 100 11.48 21.17 -5.74
C ASP A 100 11.37 20.85 -7.22
N THR A 101 11.11 21.88 -8.03
CA THR A 101 10.99 21.70 -9.47
C THR A 101 12.07 22.48 -10.20
N LEU A 102 12.12 22.33 -11.52
CA LEU A 102 13.12 23.03 -12.33
C LEU A 102 12.47 24.16 -13.12
N TYR A 103 11.14 24.23 -13.07
CA TYR A 103 10.41 25.27 -13.77
C TYR A 103 10.56 26.62 -13.05
N GLN A 104 9.53 27.45 -13.15
CA GLN A 104 9.55 28.76 -12.51
C GLN A 104 8.39 28.89 -11.52
N ASN A 105 8.72 29.01 -10.24
CA ASN A 105 7.71 29.13 -9.20
C ASN A 105 7.15 30.55 -9.17
N SER A 106 7.24 31.19 -8.01
CA SER A 106 6.73 32.55 -7.86
C SER A 106 7.33 33.21 -6.62
N GLY A 107 7.99 32.41 -5.79
CA GLY A 107 8.61 32.92 -4.57
C GLY A 107 9.98 33.54 -4.88
N MET A 8 -15.23 4.83 -6.60
CA MET A 8 -15.28 3.89 -7.75
C MET A 8 -14.74 2.53 -7.31
N GLU A 9 -14.71 1.57 -8.24
CA GLU A 9 -14.22 0.24 -7.93
C GLU A 9 -12.69 0.19 -8.04
N GLN A 10 -12.08 1.36 -8.04
CA GLN A 10 -10.62 1.46 -8.14
C GLN A 10 -9.94 0.40 -7.30
N PHE A 11 -9.83 0.66 -6.00
CA PHE A 11 -9.19 -0.29 -5.11
C PHE A 11 -9.78 -1.68 -5.35
N ASN A 12 -11.09 -1.74 -5.53
CA ASN A 12 -11.73 -3.02 -5.80
C ASN A 12 -11.15 -3.63 -7.08
N ALA A 13 -10.63 -2.76 -7.95
CA ALA A 13 -10.05 -3.20 -9.21
C ALA A 13 -8.69 -3.88 -8.98
N PHE A 14 -7.76 -3.13 -8.41
CA PHE A 14 -6.43 -3.68 -8.13
C PHE A 14 -6.56 -4.83 -7.13
N LYS A 15 -7.39 -4.63 -6.12
CA LYS A 15 -7.62 -5.65 -5.10
C LYS A 15 -8.14 -6.94 -5.73
N SER A 16 -9.21 -6.82 -6.51
CA SER A 16 -9.78 -8.00 -7.14
C SER A 16 -8.68 -8.72 -7.91
N LEU A 17 -7.70 -7.95 -8.37
CA LEU A 17 -6.57 -8.54 -9.10
C LEU A 17 -5.85 -9.52 -8.18
N LEU A 18 -5.67 -9.14 -6.92
CA LEU A 18 -5.02 -10.02 -5.95
C LEU A 18 -5.76 -11.35 -5.89
N LYS A 19 -7.09 -11.28 -5.82
CA LYS A 19 -7.89 -12.50 -5.78
C LYS A 19 -7.28 -13.56 -6.70
N LYS A 20 -7.12 -13.20 -7.96
CA LYS A 20 -6.52 -14.09 -8.95
C LYS A 20 -5.16 -14.59 -8.43
N HIS A 21 -4.41 -13.67 -7.84
CA HIS A 21 -3.10 -13.99 -7.28
C HIS A 21 -3.21 -14.93 -6.08
N TYR A 22 -3.76 -14.40 -4.99
CA TYR A 22 -3.91 -15.17 -3.76
C TYR A 22 -5.03 -16.20 -3.89
N GLU A 23 -5.38 -16.55 -5.13
CA GLU A 23 -6.44 -17.54 -5.34
C GLU A 23 -6.10 -18.84 -4.62
N LYS A 24 -4.81 -19.05 -4.37
CA LYS A 24 -4.35 -20.26 -3.69
C LYS A 24 -4.40 -20.06 -2.18
N THR A 25 -3.56 -19.16 -1.68
CA THR A 25 -3.51 -18.88 -0.24
C THR A 25 -4.65 -17.94 0.15
N ILE A 26 -5.82 -18.16 -0.43
CA ILE A 26 -6.99 -17.33 -0.13
C ILE A 26 -7.05 -17.03 1.37
N GLY A 27 -7.28 -18.08 2.17
CA GLY A 27 -7.37 -17.92 3.62
C GLY A 27 -6.56 -16.72 4.10
N PHE A 28 -5.27 -16.71 3.77
CA PHE A 28 -4.40 -15.61 4.17
C PHE A 28 -5.12 -14.28 3.95
N HIS A 29 -5.72 -14.12 2.79
CA HIS A 29 -6.45 -12.91 2.46
C HIS A 29 -7.64 -12.73 3.39
N ASP A 30 -8.43 -13.78 3.60
CA ASP A 30 -9.56 -13.68 4.51
C ASP A 30 -9.05 -13.48 5.94
N LYS A 31 -7.74 -13.39 6.06
CA LYS A 31 -7.08 -13.21 7.35
C LYS A 31 -6.72 -11.74 7.61
N TYR A 32 -5.95 -11.13 6.71
CA TYR A 32 -5.55 -9.73 6.91
C TYR A 32 -5.87 -8.86 5.71
N ILE A 33 -5.27 -9.18 4.55
CA ILE A 33 -5.51 -8.40 3.34
C ILE A 33 -6.97 -7.95 3.26
N LYS A 34 -7.85 -8.68 3.93
CA LYS A 34 -9.27 -8.35 3.94
C LYS A 34 -9.56 -7.24 4.95
N ASP A 35 -9.22 -7.50 6.20
CA ASP A 35 -9.45 -6.51 7.26
C ASP A 35 -8.49 -5.34 7.11
N ILE A 36 -8.90 -4.33 6.36
CA ILE A 36 -8.09 -3.14 6.15
C ILE A 36 -8.96 -1.97 5.73
N ASN A 37 -8.43 -0.76 5.86
CA ASN A 37 -9.18 0.44 5.49
C ASN A 37 -8.27 1.66 5.40
N ARG A 38 -6.97 1.44 5.28
CA ARG A 38 -6.03 2.55 5.20
C ARG A 38 -4.94 2.28 4.15
N PHE A 39 -5.04 3.02 3.05
CA PHE A 39 -4.08 2.90 1.95
C PHE A 39 -4.08 4.19 1.14
N VAL A 40 -2.90 4.66 0.74
CA VAL A 40 -2.82 5.91 -0.02
C VAL A 40 -1.70 5.89 -1.05
N PHE A 41 -1.89 6.68 -2.11
CA PHE A 41 -0.91 6.81 -3.18
C PHE A 41 -0.78 8.28 -3.58
N LYS A 42 0.42 8.69 -3.96
CA LYS A 42 0.66 10.08 -4.36
C LYS A 42 2.09 10.27 -4.84
N ASN A 43 2.97 9.37 -4.44
CA ASN A 43 4.38 9.46 -4.84
C ASN A 43 4.78 8.22 -5.63
N ASN A 44 3.93 7.81 -6.56
CA ASN A 44 4.20 6.63 -7.38
C ASN A 44 4.39 5.41 -6.49
N VAL A 45 4.19 5.59 -5.18
CA VAL A 45 4.34 4.49 -4.23
C VAL A 45 3.03 4.25 -3.51
N LEU A 46 2.84 3.04 -3.00
CA LEU A 46 1.61 2.69 -2.28
C LEU A 46 1.94 2.15 -0.89
N LEU A 47 1.38 2.80 0.14
CA LEU A 47 1.62 2.38 1.51
C LEU A 47 0.30 1.91 2.13
N ILE A 48 0.37 0.85 2.94
CA ILE A 48 -0.83 0.31 3.56
C ILE A 48 -0.56 -0.12 5.00
N LEU A 49 -1.46 0.23 5.90
CA LEU A 49 -1.31 -0.11 7.31
C LEU A 49 -1.37 -1.63 7.52
N LEU A 50 -0.47 -2.13 8.36
CA LEU A 50 -0.41 -3.56 8.66
C LEU A 50 0.32 -3.79 9.98
N GLU A 51 -0.45 -3.98 11.05
CA GLU A 51 0.13 -4.22 12.37
C GLU A 51 0.48 -5.70 12.53
N ASN A 52 -0.27 -6.56 11.86
CA ASN A 52 -0.04 -8.00 11.94
C ASN A 52 1.45 -8.31 11.87
N GLU A 53 2.00 -8.80 12.97
CA GLU A 53 3.41 -9.13 13.04
C GLU A 53 3.75 -10.28 12.09
N PHE A 54 2.95 -11.34 12.13
CA PHE A 54 3.19 -12.49 11.26
C PHE A 54 3.09 -12.07 9.80
N ALA A 55 1.91 -11.64 9.38
CA ALA A 55 1.70 -11.22 8.01
C ALA A 55 2.88 -10.40 7.53
N ARG A 56 2.98 -9.17 8.02
CA ARG A 56 4.06 -8.27 7.66
C ARG A 56 5.36 -9.04 7.49
N ASN A 57 5.59 -10.02 8.34
CA ASN A 57 6.80 -10.83 8.27
C ASN A 57 6.97 -11.42 6.86
N SER A 58 5.87 -12.01 6.37
CA SER A 58 5.85 -12.64 5.06
C SER A 58 5.54 -11.64 3.93
N LEU A 59 4.50 -10.84 4.13
CA LEU A 59 4.11 -9.86 3.13
C LEU A 59 5.31 -9.09 2.60
N ASN A 60 6.08 -8.49 3.50
CA ASN A 60 7.24 -7.71 3.09
C ASN A 60 8.38 -8.63 2.65
N ASP A 61 8.22 -9.93 2.88
CA ASP A 61 9.24 -10.89 2.48
C ASP A 61 9.18 -11.10 0.97
N ASN A 62 7.97 -10.92 0.43
CA ASN A 62 7.75 -11.07 -1.01
C ASN A 62 6.60 -10.18 -1.46
N SER A 63 6.77 -8.88 -1.27
CA SER A 63 5.74 -7.91 -1.65
C SER A 63 5.83 -7.56 -3.13
N GLU A 64 5.94 -8.59 -3.95
CA GLU A 64 6.03 -8.38 -5.40
C GLU A 64 4.64 -8.05 -5.96
N ILE A 65 3.85 -7.36 -5.14
CA ILE A 65 2.50 -6.98 -5.56
C ILE A 65 2.54 -6.08 -6.78
N ILE A 66 3.75 -5.69 -7.20
CA ILE A 66 3.90 -4.85 -8.37
C ILE A 66 3.78 -5.70 -9.64
N HIS A 67 3.82 -7.01 -9.44
CA HIS A 67 3.69 -7.98 -10.53
C HIS A 67 2.30 -7.91 -11.17
N LEU A 68 1.33 -7.38 -10.42
CA LEU A 68 -0.03 -7.27 -10.95
C LEU A 68 -0.53 -5.84 -10.85
N ALA A 69 -0.30 -5.22 -9.71
CA ALA A 69 -0.72 -3.83 -9.50
C ALA A 69 -0.20 -2.93 -10.62
N GLU A 70 0.77 -3.44 -11.38
CA GLU A 70 1.35 -2.65 -12.46
C GLU A 70 0.40 -2.56 -13.64
N SER A 71 -0.91 -2.54 -13.35
CA SER A 71 -1.92 -2.46 -14.41
C SER A 71 -2.92 -1.37 -14.10
N LEU A 72 -3.76 -1.59 -13.08
CA LEU A 72 -4.78 -0.62 -12.69
C LEU A 72 -4.24 0.80 -12.83
N TYR A 73 -2.91 0.94 -12.76
CA TYR A 73 -2.27 2.25 -12.89
C TYR A 73 -1.35 2.26 -14.10
N GLU A 74 -0.69 3.40 -14.33
CA GLU A 74 0.23 3.52 -15.46
C GLU A 74 1.47 2.66 -15.25
N GLY A 75 1.95 2.62 -14.00
CA GLY A 75 3.14 1.83 -13.69
C GLY A 75 3.55 2.03 -12.23
N ILE A 76 3.01 1.18 -11.35
CA ILE A 76 3.32 1.26 -9.94
C ILE A 76 4.82 1.10 -9.70
N LYS A 77 5.36 1.92 -8.80
CA LYS A 77 6.78 1.84 -8.48
C LYS A 77 7.04 0.66 -7.55
N SER A 78 6.11 0.42 -6.64
CA SER A 78 6.23 -0.70 -5.70
C SER A 78 5.04 -0.72 -4.74
N VAL A 79 5.10 -1.65 -3.78
CA VAL A 79 4.03 -1.79 -2.78
C VAL A 79 4.65 -2.24 -1.46
N ASN A 80 4.10 -1.74 -0.35
CA ASN A 80 4.64 -2.12 0.96
C ASN A 80 3.68 -1.80 2.10
N PHE A 81 3.79 -2.58 3.17
CA PHE A 81 2.96 -2.42 4.35
C PHE A 81 3.86 -2.16 5.57
N VAL A 82 3.32 -1.46 6.58
CA VAL A 82 4.10 -1.17 7.77
C VAL A 82 3.23 -1.13 9.01
N ASN A 83 3.72 -0.48 10.07
CA ASN A 83 2.97 -0.38 11.32
C ASN A 83 2.41 1.02 11.52
N GLU A 84 1.32 1.10 12.28
CA GLU A 84 0.65 2.37 12.56
C GLU A 84 1.63 3.55 12.64
N GLN A 85 2.65 3.41 13.49
CA GLN A 85 3.61 4.50 13.65
C GLN A 85 4.41 4.73 12.37
N ASP A 86 4.87 3.65 11.75
CA ASP A 86 5.64 3.78 10.51
C ASP A 86 4.87 4.63 9.49
N PHE A 87 3.71 4.15 9.05
CA PHE A 87 2.90 4.89 8.09
C PHE A 87 2.81 6.35 8.54
N PHE A 88 2.69 6.55 9.85
CA PHE A 88 2.58 7.88 10.42
C PHE A 88 3.85 8.68 10.13
N PHE A 89 4.97 8.00 10.01
CA PHE A 89 6.23 8.68 9.73
C PHE A 89 6.27 9.13 8.29
N ASN A 90 5.53 8.42 7.43
CA ASN A 90 5.46 8.76 6.02
C ASN A 90 4.24 9.64 5.77
N LEU A 91 3.79 10.31 6.82
CA LEU A 91 2.63 11.20 6.72
C LEU A 91 3.10 12.61 6.43
N ALA A 92 3.68 13.25 7.43
CA ALA A 92 4.17 14.60 7.30
C ALA A 92 5.00 14.76 6.03
N LYS A 93 5.57 13.65 5.55
CA LYS A 93 6.39 13.68 4.34
C LYS A 93 5.78 14.61 3.31
N LEU A 94 4.46 14.54 3.17
CA LEU A 94 3.76 15.40 2.21
C LEU A 94 4.30 16.82 2.26
N GLU A 95 4.92 17.24 1.17
CA GLU A 95 5.49 18.59 1.10
C GLU A 95 4.39 19.62 0.83
N GLU A 96 4.62 20.48 -0.16
CA GLU A 96 3.63 21.50 -0.49
C GLU A 96 2.42 20.87 -1.17
N ASN A 97 2.49 19.57 -1.40
CA ASN A 97 1.39 18.87 -2.04
C ASN A 97 0.16 18.85 -1.14
N SER A 98 -1.01 18.65 -1.74
CA SER A 98 -2.25 18.62 -0.99
C SER A 98 -3.31 17.79 -1.72
N ARG A 99 -4.31 17.33 -0.99
CA ARG A 99 -5.37 16.51 -1.59
C ARG A 99 -6.74 16.98 -1.09
N ASP A 100 -6.74 18.02 -0.26
CA ASP A 100 -7.99 18.54 0.28
C ASP A 100 -8.82 17.43 0.90
N THR A 101 -8.82 17.36 2.23
CA THR A 101 -9.57 16.34 2.94
C THR A 101 -10.93 16.87 3.38
N LEU A 102 -11.24 18.09 2.95
CA LEU A 102 -12.52 18.71 3.31
C LEU A 102 -12.78 18.54 4.81
N TYR A 103 -14.01 18.86 5.23
CA TYR A 103 -14.38 18.74 6.62
C TYR A 103 -15.89 18.71 6.78
N GLN A 104 -16.37 17.88 7.70
CA GLN A 104 -17.81 17.76 7.94
C GLN A 104 -18.10 17.65 9.43
N ASN A 105 -18.72 16.55 9.84
CA ASN A 105 -19.05 16.33 11.24
C ASN A 105 -19.87 17.50 11.78
N SER A 106 -20.71 18.08 10.93
CA SER A 106 -21.55 19.20 11.33
C SER A 106 -22.50 19.59 10.21
N GLY A 107 -23.22 18.61 9.69
CA GLY A 107 -24.17 18.87 8.61
C GLY A 107 -24.92 17.60 8.23
N MET A 8 -13.99 4.67 -7.36
CA MET A 8 -15.05 3.74 -6.88
C MET A 8 -14.69 2.32 -7.25
N GLU A 9 -14.41 2.09 -8.53
CA GLU A 9 -14.04 0.76 -9.00
C GLU A 9 -12.54 0.55 -8.93
N GLN A 10 -11.80 1.65 -8.84
CA GLN A 10 -10.34 1.59 -8.77
C GLN A 10 -9.89 0.50 -7.83
N PHE A 11 -9.93 0.78 -6.53
CA PHE A 11 -9.52 -0.22 -5.55
C PHE A 11 -10.19 -1.54 -5.89
N ASN A 12 -11.48 -1.50 -6.20
CA ASN A 12 -12.18 -2.72 -6.56
C ASN A 12 -11.44 -3.41 -7.71
N ALA A 13 -10.76 -2.60 -8.53
CA ALA A 13 -10.01 -3.12 -9.66
C ALA A 13 -8.71 -3.77 -9.21
N PHE A 14 -7.87 -3.00 -8.51
CA PHE A 14 -6.59 -3.50 -8.02
C PHE A 14 -6.85 -4.63 -7.02
N LYS A 15 -7.61 -4.32 -5.99
CA LYS A 15 -7.94 -5.30 -4.96
C LYS A 15 -8.40 -6.60 -5.59
N SER A 16 -9.42 -6.51 -6.45
CA SER A 16 -9.95 -7.70 -7.09
C SER A 16 -8.81 -8.43 -7.80
N LEU A 17 -7.80 -7.67 -8.23
CA LEU A 17 -6.65 -8.27 -8.89
C LEU A 17 -5.94 -9.22 -7.94
N LEU A 18 -5.85 -8.80 -6.67
CA LEU A 18 -5.19 -9.63 -5.66
C LEU A 18 -5.90 -10.96 -5.54
N LYS A 19 -7.22 -10.94 -5.31
CA LYS A 19 -7.97 -12.18 -5.18
C LYS A 19 -7.39 -13.25 -6.11
N LYS A 20 -7.34 -12.95 -7.40
CA LYS A 20 -6.76 -13.87 -8.38
C LYS A 20 -5.34 -14.24 -7.96
N HIS A 21 -4.60 -13.23 -7.52
CA HIS A 21 -3.23 -13.43 -7.08
C HIS A 21 -3.17 -14.40 -5.91
N TYR A 22 -3.87 -14.05 -4.83
CA TYR A 22 -3.90 -14.85 -3.63
C TYR A 22 -5.06 -15.84 -3.65
N GLU A 23 -5.46 -16.28 -4.84
CA GLU A 23 -6.55 -17.23 -4.94
C GLU A 23 -6.25 -18.48 -4.14
N LYS A 24 -4.97 -18.87 -4.15
CA LYS A 24 -4.53 -20.05 -3.43
C LYS A 24 -4.31 -19.71 -1.96
N THR A 25 -3.68 -18.57 -1.72
CA THR A 25 -3.42 -18.13 -0.34
C THR A 25 -4.67 -17.53 0.27
N ILE A 26 -5.83 -18.04 -0.14
CA ILE A 26 -7.10 -17.55 0.37
C ILE A 26 -7.02 -17.34 1.89
N GLY A 27 -7.17 -18.43 2.65
CA GLY A 27 -7.12 -18.36 4.11
C GLY A 27 -6.28 -17.18 4.57
N PHE A 28 -5.00 -17.19 4.21
CA PHE A 28 -4.10 -16.11 4.59
C PHE A 28 -4.77 -14.76 4.35
N HIS A 29 -5.38 -14.61 3.17
CA HIS A 29 -6.07 -13.38 2.83
C HIS A 29 -7.32 -13.20 3.68
N ASP A 30 -7.87 -14.31 4.17
CA ASP A 30 -9.05 -14.26 5.01
C ASP A 30 -8.64 -14.16 6.48
N LYS A 31 -7.37 -14.44 6.73
CA LYS A 31 -6.82 -14.41 8.08
C LYS A 31 -6.29 -13.03 8.47
N TYR A 32 -5.47 -12.40 7.62
CA TYR A 32 -4.94 -11.09 7.99
C TYR A 32 -5.37 -9.98 7.03
N ILE A 33 -4.77 -9.95 5.85
CA ILE A 33 -5.08 -8.93 4.86
C ILE A 33 -6.58 -8.64 4.81
N LYS A 34 -7.38 -9.57 5.34
CA LYS A 34 -8.83 -9.39 5.35
C LYS A 34 -9.20 -8.19 6.21
N ASP A 35 -8.40 -7.92 7.25
CA ASP A 35 -8.66 -6.80 8.14
C ASP A 35 -7.92 -5.56 7.67
N ILE A 36 -8.20 -5.14 6.44
CA ILE A 36 -7.56 -3.96 5.88
C ILE A 36 -8.61 -3.00 5.30
N ASN A 37 -8.35 -1.71 5.44
CA ASN A 37 -9.29 -0.70 4.93
C ASN A 37 -8.60 0.66 4.84
N ARG A 38 -7.27 0.65 4.78
CA ARG A 38 -6.52 1.90 4.69
C ARG A 38 -5.32 1.74 3.76
N PHE A 39 -5.29 2.57 2.71
CA PHE A 39 -4.21 2.53 1.74
C PHE A 39 -4.23 3.83 0.93
N VAL A 40 -3.05 4.36 0.62
CA VAL A 40 -2.98 5.61 -0.15
C VAL A 40 -1.74 5.67 -1.03
N PHE A 41 -1.79 6.55 -2.02
CA PHE A 41 -0.66 6.73 -2.94
C PHE A 41 -0.44 8.22 -3.21
N LYS A 42 0.11 8.92 -2.22
CA LYS A 42 0.36 10.35 -2.36
C LYS A 42 1.85 10.66 -2.23
N ASN A 43 2.58 10.47 -3.33
CA ASN A 43 4.02 10.72 -3.34
C ASN A 43 4.66 10.01 -4.53
N ASN A 44 5.07 8.76 -4.31
CA ASN A 44 5.68 7.97 -5.37
C ASN A 44 5.74 6.49 -4.96
N VAL A 45 4.87 6.11 -4.03
CA VAL A 45 4.82 4.73 -3.56
C VAL A 45 3.42 4.41 -3.03
N LEU A 46 3.19 3.14 -2.72
CA LEU A 46 1.89 2.70 -2.19
C LEU A 46 2.09 2.10 -0.81
N LEU A 47 1.39 2.66 0.19
CA LEU A 47 1.51 2.15 1.57
C LEU A 47 0.17 1.61 2.04
N ILE A 48 0.22 0.49 2.76
CA ILE A 48 -0.99 -0.15 3.26
C ILE A 48 -0.82 -0.53 4.73
N LEU A 49 -1.81 -0.17 5.54
CA LEU A 49 -1.77 -0.46 6.97
C LEU A 49 -1.75 -1.96 7.23
N LEU A 50 -0.81 -2.40 8.05
CA LEU A 50 -0.70 -3.81 8.40
C LEU A 50 -0.06 -3.97 9.78
N GLU A 51 -0.90 -4.20 10.79
CA GLU A 51 -0.41 -4.36 12.15
C GLU A 51 0.12 -5.77 12.37
N ASN A 52 -0.62 -6.76 11.88
CA ASN A 52 -0.21 -8.15 12.03
C ASN A 52 1.28 -8.32 11.70
N GLU A 53 2.06 -8.62 12.72
CA GLU A 53 3.50 -8.80 12.55
C GLU A 53 3.80 -9.96 11.60
N PHE A 54 3.14 -11.08 11.81
CA PHE A 54 3.36 -12.25 10.97
C PHE A 54 3.07 -11.92 9.51
N ALA A 55 1.81 -11.63 9.22
CA ALA A 55 1.41 -11.31 7.86
C ALA A 55 2.39 -10.35 7.21
N ARG A 56 2.96 -9.49 8.04
CA ARG A 56 3.92 -8.50 7.57
C ARG A 56 5.29 -9.13 7.34
N ASN A 57 5.69 -10.01 8.25
CA ASN A 57 7.00 -10.65 8.13
C ASN A 57 7.15 -11.32 6.77
N SER A 58 6.03 -11.86 6.28
CA SER A 58 5.99 -12.56 5.00
C SER A 58 5.67 -11.63 3.83
N LEU A 59 4.66 -10.80 3.99
CA LEU A 59 4.26 -9.89 2.92
C LEU A 59 5.44 -9.07 2.43
N ASN A 60 6.15 -8.43 3.36
CA ASN A 60 7.31 -7.62 2.99
C ASN A 60 8.49 -8.51 2.60
N ASP A 61 8.48 -9.77 3.00
CA ASP A 61 9.57 -10.67 2.66
C ASP A 61 9.52 -10.96 1.16
N ASN A 62 8.34 -10.75 0.60
CA ASN A 62 8.12 -10.98 -0.82
C ASN A 62 6.89 -10.19 -1.30
N SER A 63 7.03 -8.88 -1.38
CA SER A 63 5.93 -8.01 -1.79
C SER A 63 5.97 -7.78 -3.30
N GLU A 64 6.08 -8.85 -4.07
CA GLU A 64 6.12 -8.74 -5.53
C GLU A 64 4.74 -8.33 -6.06
N ILE A 65 4.04 -7.50 -5.28
CA ILE A 65 2.72 -7.04 -5.67
C ILE A 65 2.79 -6.07 -6.84
N ILE A 66 4.00 -5.79 -7.31
CA ILE A 66 4.19 -4.88 -8.43
C ILE A 66 4.07 -5.66 -9.75
N HIS A 67 3.90 -6.97 -9.61
CA HIS A 67 3.75 -7.87 -10.75
C HIS A 67 2.33 -7.80 -11.31
N LEU A 68 1.40 -7.25 -10.54
CA LEU A 68 0.01 -7.15 -10.96
C LEU A 68 -0.47 -5.71 -10.83
N ALA A 69 -0.11 -5.08 -9.73
CA ALA A 69 -0.49 -3.70 -9.48
C ALA A 69 -0.01 -2.79 -10.62
N GLU A 70 1.02 -3.23 -11.33
CA GLU A 70 1.58 -2.45 -12.43
C GLU A 70 0.55 -2.25 -13.55
N SER A 71 -0.72 -2.18 -13.18
CA SER A 71 -1.79 -1.98 -14.17
C SER A 71 -2.70 -0.83 -13.74
N LEU A 72 -3.39 -1.00 -12.62
CA LEU A 72 -4.28 0.04 -12.13
C LEU A 72 -3.55 1.38 -12.08
N TYR A 73 -2.28 1.33 -11.67
CA TYR A 73 -1.45 2.53 -11.60
C TYR A 73 -0.23 2.36 -12.51
N GLU A 74 -0.28 2.98 -13.67
CA GLU A 74 0.82 2.88 -14.63
C GLU A 74 2.10 3.52 -14.10
N GLY A 75 2.29 3.46 -12.79
CA GLY A 75 3.49 4.05 -12.19
C GLY A 75 3.81 3.41 -10.84
N ILE A 76 3.69 2.08 -10.75
CA ILE A 76 3.98 1.38 -9.50
C ILE A 76 5.48 1.23 -9.30
N LYS A 77 6.01 1.94 -8.31
CA LYS A 77 7.44 1.85 -8.01
C LYS A 77 7.69 0.64 -7.13
N SER A 78 6.74 0.36 -6.25
CA SER A 78 6.84 -0.78 -5.34
C SER A 78 5.61 -0.84 -4.43
N VAL A 79 5.62 -1.78 -3.50
CA VAL A 79 4.51 -1.92 -2.55
C VAL A 79 5.06 -2.23 -1.16
N ASN A 80 4.51 -1.53 -0.16
CA ASN A 80 4.96 -1.68 1.22
C ASN A 80 3.79 -1.76 2.19
N PHE A 81 4.06 -2.36 3.36
CA PHE A 81 3.06 -2.50 4.41
C PHE A 81 3.71 -2.20 5.76
N VAL A 82 3.08 -1.35 6.57
CA VAL A 82 3.64 -1.00 7.86
C VAL A 82 2.55 -0.75 8.91
N ASN A 83 2.98 -0.31 10.09
CA ASN A 83 2.03 -0.03 11.17
C ASN A 83 1.55 1.41 11.13
N GLU A 84 0.49 1.68 11.89
CA GLU A 84 -0.11 3.01 11.95
C GLU A 84 0.95 4.11 11.92
N GLN A 85 1.67 4.26 13.03
CA GLN A 85 2.70 5.30 13.11
C GLN A 85 3.59 5.29 11.89
N ASP A 86 4.15 4.14 11.57
CA ASP A 86 5.03 4.03 10.42
C ASP A 86 4.38 4.69 9.20
N PHE A 87 3.30 4.08 8.70
CA PHE A 87 2.61 4.64 7.54
C PHE A 87 2.38 6.13 7.75
N PHE A 88 2.07 6.51 8.98
CA PHE A 88 1.82 7.91 9.31
C PHE A 88 3.12 8.69 9.43
N PHE A 89 4.24 7.98 9.47
CA PHE A 89 5.54 8.63 9.57
C PHE A 89 5.94 9.20 8.22
N ASN A 90 5.69 8.43 7.17
CA ASN A 90 6.03 8.86 5.82
C ASN A 90 5.35 10.20 5.51
N LEU A 91 4.25 10.46 6.20
CA LEU A 91 3.50 11.70 5.99
C LEU A 91 4.08 12.83 6.84
N ALA A 92 4.93 12.47 7.80
CA ALA A 92 5.52 13.47 8.69
C ALA A 92 7.02 13.28 8.80
N LYS A 93 7.69 13.04 7.68
CA LYS A 93 9.13 12.88 7.68
C LYS A 93 9.72 13.41 6.37
N LEU A 94 8.88 14.07 5.58
CA LEU A 94 9.31 14.62 4.30
C LEU A 94 10.05 15.94 4.51
N GLU A 95 10.27 16.29 5.77
CA GLU A 95 10.96 17.53 6.10
C GLU A 95 12.46 17.28 6.25
N GLU A 96 13.11 16.90 5.16
CA GLU A 96 14.54 16.62 5.18
C GLU A 96 15.16 16.92 3.83
N ASN A 97 15.33 18.20 3.52
CA ASN A 97 15.91 18.63 2.25
C ASN A 97 14.97 18.28 1.10
N SER A 98 15.53 17.82 0.00
CA SER A 98 14.74 17.46 -1.17
C SER A 98 15.53 16.56 -2.10
N ARG A 99 14.95 15.40 -2.42
CA ARG A 99 15.61 14.45 -3.30
C ARG A 99 15.81 15.06 -4.69
N ASP A 100 16.70 14.47 -5.47
CA ASP A 100 16.97 14.97 -6.82
C ASP A 100 17.55 13.85 -7.69
N THR A 101 18.51 14.21 -8.55
CA THR A 101 19.13 13.24 -9.42
C THR A 101 19.71 12.08 -8.61
N LEU A 102 19.54 10.86 -9.12
CA LEU A 102 20.05 9.69 -8.44
C LEU A 102 21.57 9.63 -8.53
N TYR A 103 22.09 8.74 -9.38
CA TYR A 103 23.52 8.59 -9.55
C TYR A 103 23.85 8.01 -10.93
N GLN A 104 22.81 7.59 -11.63
CA GLN A 104 22.99 7.01 -12.97
C GLN A 104 21.65 6.74 -13.62
N ASN A 105 21.06 5.59 -13.32
CA ASN A 105 19.77 5.22 -13.88
C ASN A 105 18.76 6.36 -13.71
N SER A 106 17.93 6.56 -14.73
CA SER A 106 16.93 7.63 -14.67
C SER A 106 15.96 7.51 -15.85
N GLY A 107 16.50 7.16 -17.02
CA GLY A 107 15.67 7.01 -18.21
C GLY A 107 15.17 8.37 -18.69
N MET A 8 -12.46 4.21 -4.57
CA MET A 8 -13.77 3.52 -4.71
C MET A 8 -13.58 2.26 -5.55
N GLU A 9 -13.32 2.44 -6.84
CA GLU A 9 -13.11 1.31 -7.75
C GLU A 9 -11.65 0.89 -7.74
N GLN A 10 -10.76 1.86 -7.61
CA GLN A 10 -9.33 1.58 -7.59
C GLN A 10 -9.02 0.37 -6.74
N PHE A 11 -9.05 0.54 -5.42
CA PHE A 11 -8.77 -0.55 -4.51
C PHE A 11 -9.50 -1.81 -4.96
N ASN A 12 -10.77 -1.66 -5.32
CA ASN A 12 -11.55 -2.80 -5.78
C ASN A 12 -10.88 -3.42 -7.01
N ALA A 13 -10.21 -2.57 -7.79
CA ALA A 13 -9.54 -3.02 -9.01
C ALA A 13 -8.22 -3.73 -8.69
N PHE A 14 -7.30 -3.02 -8.04
CA PHE A 14 -6.01 -3.61 -7.69
C PHE A 14 -6.20 -4.76 -6.70
N LYS A 15 -7.01 -4.52 -5.67
CA LYS A 15 -7.28 -5.53 -4.65
C LYS A 15 -7.86 -6.80 -5.30
N SER A 16 -8.92 -6.63 -6.07
CA SER A 16 -9.53 -7.77 -6.72
C SER A 16 -8.48 -8.47 -7.58
N LEU A 17 -7.47 -7.71 -7.98
CA LEU A 17 -6.39 -8.27 -8.79
C LEU A 17 -5.61 -9.28 -7.96
N LEU A 18 -5.46 -8.99 -6.67
CA LEU A 18 -4.74 -9.89 -5.78
C LEU A 18 -5.47 -11.23 -5.68
N LYS A 19 -6.79 -11.17 -5.50
CA LYS A 19 -7.58 -12.40 -5.39
C LYS A 19 -7.03 -13.45 -6.36
N LYS A 20 -6.94 -13.09 -7.63
CA LYS A 20 -6.39 -14.00 -8.64
C LYS A 20 -5.02 -14.50 -8.18
N HIS A 21 -4.23 -13.58 -7.65
CA HIS A 21 -2.90 -13.91 -7.15
C HIS A 21 -2.97 -14.86 -5.97
N TYR A 22 -3.54 -14.36 -4.88
CA TYR A 22 -3.67 -15.14 -3.66
C TYR A 22 -4.89 -16.06 -3.71
N GLU A 23 -5.31 -16.42 -4.92
CA GLU A 23 -6.46 -17.29 -5.07
C GLU A 23 -6.37 -18.47 -4.11
N LYS A 24 -5.18 -19.06 -4.02
CA LYS A 24 -4.97 -20.20 -3.13
C LYS A 24 -4.79 -19.71 -1.70
N THR A 25 -4.05 -18.61 -1.55
CA THR A 25 -3.81 -18.06 -0.22
C THR A 25 -5.03 -17.26 0.25
N ILE A 26 -6.21 -17.84 0.05
CA ILE A 26 -7.45 -17.16 0.45
C ILE A 26 -7.46 -16.91 1.96
N GLY A 27 -7.66 -17.95 2.75
CA GLY A 27 -7.70 -17.81 4.21
C GLY A 27 -6.87 -16.62 4.68
N PHE A 28 -5.58 -16.63 4.34
CA PHE A 28 -4.69 -15.53 4.72
C PHE A 28 -5.40 -14.21 4.54
N HIS A 29 -6.05 -14.05 3.39
CA HIS A 29 -6.78 -12.82 3.10
C HIS A 29 -7.94 -12.65 4.10
N ASP A 30 -8.82 -13.62 4.18
CA ASP A 30 -9.93 -13.53 5.11
C ASP A 30 -9.40 -13.35 6.54
N LYS A 31 -8.09 -13.41 6.67
CA LYS A 31 -7.43 -13.26 7.97
C LYS A 31 -7.02 -11.81 8.25
N TYR A 32 -6.30 -11.17 7.32
CA TYR A 32 -5.87 -9.80 7.55
C TYR A 32 -6.20 -8.87 6.38
N ILE A 33 -5.62 -9.16 5.22
CA ILE A 33 -5.86 -8.33 4.03
C ILE A 33 -7.31 -7.86 3.97
N LYS A 34 -8.20 -8.60 4.64
CA LYS A 34 -9.61 -8.24 4.65
C LYS A 34 -9.87 -7.12 5.66
N ASP A 35 -11.05 -7.15 6.27
CA ASP A 35 -11.43 -6.15 7.27
C ASP A 35 -10.78 -4.80 6.99
N ILE A 36 -9.55 -4.63 7.47
CA ILE A 36 -8.83 -3.38 7.30
C ILE A 36 -9.10 -2.77 5.92
N ASN A 37 -8.80 -1.48 5.78
CA ASN A 37 -9.02 -0.79 4.51
C ASN A 37 -8.34 0.58 4.52
N ARG A 38 -7.02 0.59 4.55
CA ARG A 38 -6.26 1.83 4.54
C ARG A 38 -5.11 1.75 3.55
N PHE A 39 -5.16 2.60 2.53
CA PHE A 39 -4.14 2.63 1.49
C PHE A 39 -4.08 4.01 0.86
N VAL A 40 -2.89 4.40 0.41
CA VAL A 40 -2.70 5.71 -0.22
C VAL A 40 -1.60 5.66 -1.27
N PHE A 41 -1.82 6.41 -2.35
CA PHE A 41 -0.84 6.49 -3.44
C PHE A 41 -0.64 7.94 -3.84
N LYS A 42 0.59 8.28 -4.22
CA LYS A 42 0.89 9.65 -4.63
C LYS A 42 1.34 9.70 -6.09
N ASN A 43 2.61 9.39 -6.34
CA ASN A 43 3.12 9.43 -7.71
C ASN A 43 4.45 8.68 -7.82
N ASN A 44 4.64 7.64 -7.02
CA ASN A 44 5.89 6.91 -7.08
C ASN A 44 5.84 5.64 -6.24
N VAL A 45 5.08 5.67 -5.17
CA VAL A 45 4.99 4.50 -4.29
C VAL A 45 3.61 4.37 -3.65
N LEU A 46 3.32 3.18 -3.14
CA LEU A 46 2.04 2.91 -2.48
C LEU A 46 2.27 2.27 -1.12
N LEU A 47 1.62 2.82 -0.09
CA LEU A 47 1.77 2.30 1.26
C LEU A 47 0.43 1.79 1.78
N ILE A 48 0.47 0.69 2.53
CA ILE A 48 -0.75 0.09 3.07
C ILE A 48 -0.54 -0.31 4.53
N LEU A 49 -1.51 0.03 5.38
CA LEU A 49 -1.43 -0.30 6.80
C LEU A 49 -1.38 -1.81 7.02
N LEU A 50 -0.50 -2.23 7.91
CA LEU A 50 -0.35 -3.65 8.23
C LEU A 50 0.43 -3.82 9.54
N GLU A 51 -0.28 -4.00 10.64
CA GLU A 51 0.35 -4.17 11.94
C GLU A 51 0.76 -5.62 12.16
N ASN A 52 -0.08 -6.55 11.69
CA ASN A 52 0.21 -7.97 11.86
C ASN A 52 1.67 -8.27 11.52
N GLU A 53 2.43 -8.66 12.54
CA GLU A 53 3.85 -8.96 12.35
C GLU A 53 4.06 -10.09 11.33
N PHE A 54 3.25 -11.14 11.43
CA PHE A 54 3.37 -12.27 10.52
C PHE A 54 3.05 -11.83 9.10
N ALA A 55 1.78 -11.52 8.86
CA ALA A 55 1.34 -11.09 7.53
C ALA A 55 2.37 -10.20 6.88
N ARG A 56 3.08 -9.42 7.70
CA ARG A 56 4.10 -8.52 7.19
C ARG A 56 5.40 -9.26 6.92
N ASN A 57 5.70 -10.25 7.76
CA ASN A 57 6.92 -11.03 7.59
C ASN A 57 7.02 -11.59 6.19
N SER A 58 5.97 -12.32 5.78
CA SER A 58 5.91 -12.95 4.47
C SER A 58 5.68 -11.95 3.35
N LEU A 59 4.71 -11.05 3.55
CA LEU A 59 4.39 -10.07 2.53
C LEU A 59 5.63 -9.31 2.07
N ASN A 60 6.39 -8.79 3.03
CA ASN A 60 7.59 -8.03 2.68
C ASN A 60 8.73 -8.96 2.26
N ASP A 61 8.63 -10.24 2.59
CA ASP A 61 9.67 -11.18 2.19
C ASP A 61 9.61 -11.39 0.68
N ASN A 62 8.42 -11.14 0.13
CA ASN A 62 8.21 -11.28 -1.31
C ASN A 62 7.03 -10.41 -1.74
N SER A 63 7.22 -9.09 -1.70
CA SER A 63 6.17 -8.16 -2.08
C SER A 63 6.16 -7.92 -3.58
N GLU A 64 6.23 -9.00 -4.36
CA GLU A 64 6.23 -8.89 -5.81
C GLU A 64 4.83 -8.54 -6.32
N ILE A 65 4.08 -7.79 -5.52
CA ILE A 65 2.73 -7.39 -5.90
C ILE A 65 2.75 -6.48 -7.12
N ILE A 66 3.91 -5.91 -7.42
CA ILE A 66 4.05 -5.02 -8.58
C ILE A 66 3.81 -5.81 -9.87
N HIS A 67 3.79 -7.13 -9.74
CA HIS A 67 3.56 -8.01 -10.87
C HIS A 67 2.14 -7.85 -11.41
N LEU A 68 1.22 -7.40 -10.57
CA LEU A 68 -0.17 -7.22 -11.00
C LEU A 68 -0.63 -5.80 -10.73
N ALA A 69 -0.26 -5.28 -9.56
CA ALA A 69 -0.64 -3.92 -9.20
C ALA A 69 -0.38 -2.96 -10.35
N GLU A 70 0.66 -3.22 -11.13
CA GLU A 70 1.00 -2.36 -12.25
C GLU A 70 -0.21 -2.12 -13.14
N SER A 71 -1.24 -2.93 -12.93
CA SER A 71 -2.47 -2.80 -13.71
C SER A 71 -3.44 -1.87 -12.99
N LEU A 72 -3.39 -0.58 -13.37
CA LEU A 72 -4.25 0.46 -12.78
C LEU A 72 -3.52 1.80 -12.78
N TYR A 73 -2.21 1.75 -12.51
CA TYR A 73 -1.40 2.96 -12.49
C TYR A 73 -0.31 2.90 -13.56
N GLU A 74 0.55 3.90 -13.57
CA GLU A 74 1.62 3.96 -14.56
C GLU A 74 2.83 3.15 -14.10
N GLY A 75 2.92 1.91 -14.59
CA GLY A 75 4.02 1.03 -14.23
C GLY A 75 4.44 1.22 -12.78
N ILE A 76 3.61 0.72 -11.87
CA ILE A 76 3.89 0.83 -10.44
C ILE A 76 5.39 0.66 -10.18
N LYS A 77 5.91 1.45 -9.23
CA LYS A 77 7.32 1.37 -8.88
C LYS A 77 7.55 0.23 -7.89
N SER A 78 6.60 0.07 -6.98
CA SER A 78 6.70 -0.99 -5.97
C SER A 78 5.51 -0.92 -5.00
N VAL A 79 5.54 -1.78 -3.99
CA VAL A 79 4.48 -1.81 -2.99
C VAL A 79 5.06 -2.17 -1.63
N ASN A 80 4.53 -1.53 -0.58
CA ASN A 80 5.03 -1.76 0.77
C ASN A 80 3.91 -1.62 1.81
N PHE A 81 4.16 -2.18 2.99
CA PHE A 81 3.18 -2.13 4.08
C PHE A 81 3.92 -1.98 5.42
N VAL A 82 3.30 -1.25 6.35
CA VAL A 82 3.90 -1.04 7.66
C VAL A 82 2.83 -0.99 8.73
N ASN A 83 3.06 -0.22 9.80
CA ASN A 83 2.09 -0.10 10.88
C ASN A 83 1.64 1.33 11.04
N GLU A 84 0.66 1.50 11.92
CA GLU A 84 0.07 2.81 12.19
C GLU A 84 1.13 3.91 12.21
N GLN A 85 1.90 3.95 13.28
CA GLN A 85 2.94 4.98 13.42
C GLN A 85 3.82 5.06 12.18
N ASP A 86 4.37 3.92 11.79
CA ASP A 86 5.24 3.88 10.62
C ASP A 86 4.55 4.58 9.43
N PHE A 87 3.43 4.01 9.00
CA PHE A 87 2.67 4.61 7.90
C PHE A 87 2.43 6.08 8.18
N PHE A 88 2.18 6.38 9.45
CA PHE A 88 1.92 7.75 9.87
C PHE A 88 3.18 8.60 9.78
N PHE A 89 4.34 7.95 9.85
CA PHE A 89 5.60 8.67 9.77
C PHE A 89 5.82 9.19 8.36
N ASN A 90 5.39 8.40 7.38
CA ASN A 90 5.52 8.80 5.98
C ASN A 90 4.51 9.89 5.67
N LEU A 91 3.29 9.70 6.15
CA LEU A 91 2.21 10.65 5.92
C LEU A 91 2.45 11.91 6.75
N ALA A 92 3.30 11.79 7.76
CA ALA A 92 3.60 12.92 8.64
C ALA A 92 4.83 13.68 8.15
N LYS A 93 5.65 13.04 7.32
CA LYS A 93 6.86 13.65 6.81
C LYS A 93 6.55 14.90 5.97
N LEU A 94 5.54 14.80 5.12
CA LEU A 94 5.16 15.92 4.27
C LEU A 94 5.26 17.25 5.03
N GLU A 95 5.29 18.35 4.28
CA GLU A 95 5.39 19.68 4.88
C GLU A 95 4.48 20.66 4.14
N GLU A 96 4.68 21.95 4.42
CA GLU A 96 3.86 22.98 3.77
C GLU A 96 4.18 23.03 2.28
N ASN A 97 5.46 22.91 1.94
CA ASN A 97 5.87 22.93 0.54
C ASN A 97 6.13 21.52 0.04
N SER A 98 5.87 21.29 -1.25
CA SER A 98 6.07 19.98 -1.85
C SER A 98 6.92 20.09 -3.11
N ARG A 99 8.07 20.75 -2.99
CA ARG A 99 8.96 20.92 -4.12
C ARG A 99 8.21 21.53 -5.30
N ASP A 100 8.13 22.86 -5.32
CA ASP A 100 7.44 23.55 -6.41
C ASP A 100 7.82 25.03 -6.41
N THR A 101 6.82 25.90 -6.45
CA THR A 101 7.07 27.34 -6.47
C THR A 101 6.70 27.96 -5.12
N LEU A 102 6.27 27.13 -4.18
CA LEU A 102 5.90 27.60 -2.85
C LEU A 102 7.14 27.70 -1.97
N TYR A 103 8.32 27.64 -2.58
CA TYR A 103 9.57 27.72 -1.83
C TYR A 103 9.85 29.16 -1.43
N GLN A 104 9.53 29.52 -0.19
CA GLN A 104 9.75 30.87 0.30
C GLN A 104 10.40 30.83 1.68
N ASN A 105 11.72 30.74 1.72
CA ASN A 105 12.44 30.69 2.99
C ASN A 105 13.15 32.02 3.24
N SER A 106 13.63 32.64 2.17
CA SER A 106 14.32 33.92 2.30
C SER A 106 14.53 34.55 0.92
N GLY A 107 14.26 35.85 0.83
CA GLY A 107 14.43 36.55 -0.44
C GLY A 107 15.90 36.87 -0.70
N MET A 8 -13.39 4.65 -7.76
CA MET A 8 -14.61 3.80 -7.68
C MET A 8 -14.25 2.36 -8.04
N GLU A 9 -13.98 2.13 -9.31
CA GLU A 9 -13.62 0.79 -9.78
C GLU A 9 -12.15 0.51 -9.53
N GLN A 10 -11.36 1.57 -9.32
CA GLN A 10 -9.93 1.41 -9.08
C GLN A 10 -9.70 0.38 -7.97
N PHE A 11 -10.11 0.71 -6.76
CA PHE A 11 -9.95 -0.22 -5.64
C PHE A 11 -10.38 -1.62 -6.07
N ASN A 12 -11.63 -1.71 -6.51
CA ASN A 12 -12.19 -2.98 -6.95
C ASN A 12 -11.39 -3.57 -8.11
N ALA A 13 -10.67 -2.73 -8.84
CA ALA A 13 -9.87 -3.21 -9.97
C ALA A 13 -8.53 -3.76 -9.49
N PHE A 14 -7.73 -2.91 -8.85
CA PHE A 14 -6.44 -3.33 -8.34
C PHE A 14 -6.61 -4.51 -7.40
N LYS A 15 -7.54 -4.38 -6.45
CA LYS A 15 -7.80 -5.43 -5.48
C LYS A 15 -8.24 -6.72 -6.16
N SER A 16 -9.25 -6.64 -7.02
CA SER A 16 -9.74 -7.83 -7.69
C SER A 16 -8.61 -8.54 -8.39
N LEU A 17 -7.55 -7.80 -8.72
CA LEU A 17 -6.40 -8.40 -9.37
C LEU A 17 -5.74 -9.39 -8.41
N LEU A 18 -5.72 -9.03 -7.13
CA LEU A 18 -5.12 -9.90 -6.13
C LEU A 18 -5.94 -11.18 -6.01
N LYS A 19 -7.26 -11.06 -5.91
CA LYS A 19 -8.11 -12.25 -5.83
C LYS A 19 -7.55 -13.33 -6.74
N LYS A 20 -7.37 -13.00 -8.02
CA LYS A 20 -6.82 -13.94 -8.98
C LYS A 20 -5.46 -14.46 -8.49
N HIS A 21 -4.67 -13.54 -7.94
CA HIS A 21 -3.35 -13.87 -7.42
C HIS A 21 -3.46 -14.74 -6.16
N TYR A 22 -3.98 -14.15 -5.09
CA TYR A 22 -4.14 -14.85 -3.83
C TYR A 22 -5.29 -15.84 -3.88
N GLU A 23 -5.71 -16.22 -5.08
CA GLU A 23 -6.81 -17.16 -5.23
C GLU A 23 -6.58 -18.38 -4.34
N LYS A 24 -5.36 -18.91 -4.36
CA LYS A 24 -5.02 -20.08 -3.55
C LYS A 24 -4.51 -19.64 -2.19
N THR A 25 -4.73 -18.37 -1.86
CA THR A 25 -4.28 -17.84 -0.57
C THR A 25 -5.34 -16.91 0.03
N ILE A 26 -6.56 -17.44 0.18
CA ILE A 26 -7.65 -16.65 0.74
C ILE A 26 -7.45 -16.47 2.25
N GLY A 27 -7.48 -17.58 2.99
CA GLY A 27 -7.31 -17.53 4.45
C GLY A 27 -6.51 -16.30 4.86
N PHE A 28 -5.26 -16.24 4.41
CA PHE A 28 -4.40 -15.10 4.72
C PHE A 28 -5.24 -13.83 4.76
N HIS A 29 -6.01 -13.63 3.71
CA HIS A 29 -6.89 -12.47 3.61
C HIS A 29 -7.88 -12.46 4.78
N ASP A 30 -8.73 -13.48 4.85
CA ASP A 30 -9.72 -13.57 5.92
C ASP A 30 -9.02 -13.52 7.28
N LYS A 31 -7.70 -13.55 7.26
CA LYS A 31 -6.90 -13.53 8.48
C LYS A 31 -6.59 -12.09 8.91
N TYR A 32 -5.62 -11.45 8.25
CA TYR A 32 -5.24 -10.09 8.61
C TYR A 32 -5.82 -9.06 7.65
N ILE A 33 -5.23 -8.96 6.46
CA ILE A 33 -5.71 -8.00 5.47
C ILE A 33 -7.22 -7.87 5.52
N LYS A 34 -7.89 -8.96 5.91
CA LYS A 34 -9.35 -8.98 6.01
C LYS A 34 -9.98 -7.86 5.19
N ASP A 35 -10.81 -7.04 5.83
CA ASP A 35 -11.47 -5.93 5.14
C ASP A 35 -11.14 -4.60 5.82
N ILE A 36 -9.97 -4.05 5.50
CA ILE A 36 -9.56 -2.77 6.07
C ILE A 36 -9.98 -1.63 5.15
N ASN A 37 -9.35 -0.47 5.32
CA ASN A 37 -9.69 0.68 4.48
C ASN A 37 -8.69 1.81 4.67
N ARG A 38 -7.41 1.47 4.79
CA ARG A 38 -6.38 2.48 4.97
C ARG A 38 -5.20 2.23 4.03
N PHE A 39 -5.17 2.99 2.94
CA PHE A 39 -4.12 2.89 1.94
C PHE A 39 -3.86 4.27 1.34
N VAL A 40 -2.63 4.48 0.87
CA VAL A 40 -2.27 5.78 0.30
C VAL A 40 -1.50 5.62 -1.01
N PHE A 41 -2.09 6.15 -2.07
CA PHE A 41 -1.50 6.09 -3.41
C PHE A 41 -1.30 7.50 -3.95
N LYS A 42 -0.07 7.80 -4.35
CA LYS A 42 0.24 9.13 -4.89
C LYS A 42 0.75 9.01 -6.32
N ASN A 43 1.83 8.25 -6.48
CA ASN A 43 2.43 8.05 -7.80
C ASN A 43 3.84 7.49 -7.66
N ASN A 44 4.45 7.71 -6.50
CA ASN A 44 5.80 7.22 -6.27
C ASN A 44 5.78 5.87 -5.56
N VAL A 45 4.94 5.75 -4.56
CA VAL A 45 4.84 4.51 -3.79
C VAL A 45 3.44 4.30 -3.23
N LEU A 46 3.17 3.07 -2.80
CA LEU A 46 1.88 2.71 -2.21
C LEU A 46 2.09 2.05 -0.86
N LEU A 47 1.45 2.58 0.18
CA LEU A 47 1.59 2.01 1.52
C LEU A 47 0.23 1.55 2.05
N ILE A 48 0.25 0.49 2.86
CA ILE A 48 -0.99 -0.06 3.42
C ILE A 48 -0.79 -0.48 4.87
N LEU A 49 -1.78 -0.15 5.71
CA LEU A 49 -1.72 -0.50 7.13
C LEU A 49 -1.63 -2.01 7.33
N LEU A 50 -0.81 -2.42 8.28
CA LEU A 50 -0.63 -3.85 8.57
C LEU A 50 -0.04 -4.03 9.97
N GLU A 51 -0.82 -4.66 10.86
CA GLU A 51 -0.37 -4.87 12.24
C GLU A 51 0.44 -6.16 12.40
N ASN A 52 -0.24 -7.30 12.29
CA ASN A 52 0.42 -8.60 12.44
C ASN A 52 1.86 -8.56 11.95
N GLU A 53 2.80 -8.30 12.87
CA GLU A 53 4.22 -8.23 12.54
C GLU A 53 4.61 -9.37 11.60
N PHE A 54 3.94 -10.50 11.73
CA PHE A 54 4.24 -11.63 10.86
C PHE A 54 3.85 -11.32 9.43
N ALA A 55 2.54 -11.15 9.20
CA ALA A 55 2.03 -10.85 7.87
C ALA A 55 2.93 -9.86 7.14
N ARG A 56 3.58 -8.98 7.89
CA ARG A 56 4.48 -7.99 7.28
C ARG A 56 5.82 -8.62 6.95
N ASN A 57 6.23 -9.59 7.76
CA ASN A 57 7.50 -10.26 7.52
C ASN A 57 7.51 -10.90 6.14
N SER A 58 6.50 -11.74 5.91
CA SER A 58 6.32 -12.44 4.64
C SER A 58 6.02 -11.49 3.49
N LEU A 59 5.01 -10.66 3.68
CA LEU A 59 4.62 -9.70 2.65
C LEU A 59 5.84 -8.95 2.12
N ASN A 60 6.62 -8.38 3.04
CA ASN A 60 7.81 -7.63 2.64
C ASN A 60 8.89 -8.58 2.15
N ASP A 61 8.72 -9.87 2.41
CA ASP A 61 9.71 -10.85 1.96
C ASP A 61 9.60 -11.00 0.44
N ASN A 62 8.39 -10.78 -0.06
CA ASN A 62 8.12 -10.88 -1.50
C ASN A 62 6.96 -9.95 -1.86
N SER A 63 7.11 -8.67 -1.52
CA SER A 63 6.07 -7.68 -1.81
C SER A 63 6.02 -7.37 -3.30
N GLU A 64 6.03 -8.41 -4.11
CA GLU A 64 5.98 -8.24 -5.56
C GLU A 64 4.58 -7.76 -5.98
N ILE A 65 3.83 -7.22 -5.03
CA ILE A 65 2.48 -6.74 -5.31
C ILE A 65 2.47 -5.83 -6.54
N ILE A 66 3.64 -5.54 -7.08
CA ILE A 66 3.75 -4.70 -8.27
C ILE A 66 3.64 -5.54 -9.53
N HIS A 67 4.03 -6.81 -9.43
CA HIS A 67 3.97 -7.72 -10.57
C HIS A 67 2.55 -7.86 -11.10
N LEU A 68 1.58 -7.35 -10.37
CA LEU A 68 0.19 -7.37 -10.82
C LEU A 68 -0.35 -5.96 -10.90
N ALA A 69 -0.13 -5.19 -9.83
CA ALA A 69 -0.59 -3.81 -9.77
C ALA A 69 0.12 -2.95 -10.81
N GLU A 70 0.91 -3.58 -11.68
CA GLU A 70 1.63 -2.83 -12.71
C GLU A 70 0.75 -2.62 -13.93
N SER A 71 -0.45 -3.22 -13.90
CA SER A 71 -1.38 -3.10 -15.01
C SER A 71 -2.31 -1.90 -14.80
N LEU A 72 -3.17 -2.00 -13.80
CA LEU A 72 -4.11 -0.91 -13.50
C LEU A 72 -3.37 0.42 -13.43
N TYR A 73 -2.08 0.35 -13.13
CA TYR A 73 -1.26 1.55 -13.01
C TYR A 73 -0.15 1.55 -14.06
N GLU A 74 0.24 2.74 -14.51
CA GLU A 74 1.29 2.84 -15.52
C GLU A 74 2.47 1.94 -15.16
N GLY A 75 3.10 2.21 -14.03
CA GLY A 75 4.23 1.41 -13.58
C GLY A 75 4.61 1.74 -12.15
N ILE A 76 3.90 1.13 -11.20
CA ILE A 76 4.17 1.36 -9.78
C ILE A 76 5.66 1.16 -9.48
N LYS A 77 6.14 1.85 -8.45
CA LYS A 77 7.54 1.73 -8.06
C LYS A 77 7.73 0.56 -7.11
N SER A 78 6.74 0.36 -6.23
CA SER A 78 6.80 -0.73 -5.26
C SER A 78 5.58 -0.69 -4.34
N VAL A 79 5.59 -1.57 -3.33
CA VAL A 79 4.50 -1.64 -2.37
C VAL A 79 5.05 -2.04 -1.01
N ASN A 80 4.46 -1.50 0.06
CA ASN A 80 4.93 -1.79 1.41
C ASN A 80 3.77 -1.89 2.39
N PHE A 81 4.04 -2.54 3.52
CA PHE A 81 3.04 -2.71 4.58
C PHE A 81 3.70 -2.51 5.93
N VAL A 82 3.06 -1.75 6.81
CA VAL A 82 3.64 -1.50 8.13
C VAL A 82 2.55 -1.33 9.19
N ASN A 83 2.93 -0.78 10.34
CA ASN A 83 1.99 -0.59 11.44
C ASN A 83 1.54 0.87 11.54
N GLU A 84 0.53 1.10 12.36
CA GLU A 84 -0.03 2.44 12.54
C GLU A 84 1.07 3.50 12.57
N GLN A 85 1.82 3.55 13.65
CA GLN A 85 2.88 4.56 13.80
C GLN A 85 3.73 4.62 12.54
N ASP A 86 4.23 3.48 12.10
CA ASP A 86 5.05 3.44 10.90
C ASP A 86 4.36 4.18 9.75
N PHE A 87 3.20 3.68 9.35
CA PHE A 87 2.44 4.31 8.27
C PHE A 87 2.48 5.83 8.44
N PHE A 88 2.32 6.29 9.67
CA PHE A 88 2.34 7.71 9.96
C PHE A 88 3.67 8.31 9.50
N PHE A 89 4.75 7.91 10.14
CA PHE A 89 6.08 8.40 9.80
C PHE A 89 6.21 8.63 8.30
N ASN A 90 5.53 7.80 7.51
CA ASN A 90 5.59 7.92 6.06
C ASN A 90 4.78 9.14 5.59
N LEU A 91 3.53 9.24 6.06
CA LEU A 91 2.67 10.35 5.67
C LEU A 91 2.97 11.58 6.52
N ALA A 92 3.69 11.36 7.61
CA ALA A 92 4.06 12.45 8.52
C ALA A 92 5.23 13.25 7.96
N LYS A 93 6.02 12.62 7.10
CA LYS A 93 7.17 13.29 6.51
C LYS A 93 6.71 14.35 5.51
N LEU A 94 6.26 13.91 4.35
CA LEU A 94 5.79 14.84 3.33
C LEU A 94 4.42 15.38 3.68
N GLU A 95 4.12 16.60 3.20
CA GLU A 95 2.84 17.22 3.47
C GLU A 95 2.38 18.05 2.27
N GLU A 96 1.09 18.32 2.21
CA GLU A 96 0.54 19.11 1.10
C GLU A 96 1.25 20.45 1.00
N ASN A 97 1.67 20.99 2.14
CA ASN A 97 2.37 22.27 2.15
C ASN A 97 3.00 22.52 3.52
N SER A 98 3.45 23.75 3.75
CA SER A 98 4.07 24.11 5.02
C SER A 98 3.69 25.53 5.42
N ARG A 99 2.48 25.95 5.03
CA ARG A 99 2.00 27.29 5.35
C ARG A 99 1.09 27.25 6.57
N ASP A 100 1.69 27.25 7.76
CA ASP A 100 0.91 27.22 8.99
C ASP A 100 0.09 25.95 9.07
N THR A 101 -0.05 25.41 10.29
CA THR A 101 -0.83 24.19 10.49
C THR A 101 -2.23 24.53 10.99
N LEU A 102 -2.59 25.81 10.94
CA LEU A 102 -3.89 26.25 11.39
C LEU A 102 -4.18 25.71 12.79
N TYR A 103 -5.41 25.23 13.00
CA TYR A 103 -5.79 24.70 14.30
C TYR A 103 -7.16 24.04 14.22
N GLN A 104 -7.22 22.88 13.57
CA GLN A 104 -8.48 22.16 13.43
C GLN A 104 -8.22 20.68 13.18
N ASN A 105 -9.04 19.83 13.79
CA ASN A 105 -8.89 18.38 13.63
C ASN A 105 -9.29 17.96 12.22
N SER A 106 -8.70 18.62 11.22
CA SER A 106 -8.99 18.30 9.83
C SER A 106 -8.17 19.18 8.89
N GLY A 107 -8.60 20.43 8.74
CA GLY A 107 -7.90 21.37 7.88
C GLY A 107 -8.75 22.61 7.61
N MET A 8 -13.34 5.24 -6.87
CA MET A 8 -14.52 4.34 -6.85
C MET A 8 -14.06 2.89 -6.75
N GLU A 9 -14.34 2.10 -7.78
CA GLU A 9 -13.95 0.70 -7.80
C GLU A 9 -12.43 0.57 -7.93
N GLN A 10 -11.76 1.71 -7.95
CA GLN A 10 -10.30 1.73 -8.08
C GLN A 10 -9.65 0.66 -7.22
N PHE A 11 -9.48 0.96 -5.94
CA PHE A 11 -8.86 0.01 -5.04
C PHE A 11 -9.50 -1.36 -5.22
N ASN A 12 -10.81 -1.38 -5.39
CA ASN A 12 -11.50 -2.64 -5.61
C ASN A 12 -10.93 -3.30 -6.87
N ALA A 13 -10.49 -2.47 -7.81
CA ALA A 13 -9.94 -2.98 -9.06
C ALA A 13 -8.58 -3.62 -8.84
N PHE A 14 -7.65 -2.86 -8.25
CA PHE A 14 -6.32 -3.39 -7.99
C PHE A 14 -6.42 -4.58 -7.04
N LYS A 15 -7.31 -4.46 -6.06
CA LYS A 15 -7.53 -5.52 -5.08
C LYS A 15 -8.02 -6.79 -5.78
N SER A 16 -9.06 -6.66 -6.61
CA SER A 16 -9.58 -7.82 -7.30
C SER A 16 -8.48 -8.46 -8.12
N LEU A 17 -7.49 -7.67 -8.49
CA LEU A 17 -6.36 -8.19 -9.25
C LEU A 17 -5.60 -9.20 -8.40
N LEU A 18 -5.47 -8.91 -7.11
CA LEU A 18 -4.77 -9.81 -6.21
C LEU A 18 -5.50 -11.14 -6.14
N LYS A 19 -6.83 -11.10 -6.03
CA LYS A 19 -7.61 -12.32 -5.98
C LYS A 19 -6.99 -13.39 -6.89
N LYS A 20 -6.86 -13.04 -8.17
CA LYS A 20 -6.27 -13.97 -9.14
C LYS A 20 -4.92 -14.47 -8.61
N HIS A 21 -4.17 -13.57 -7.98
CA HIS A 21 -2.86 -13.90 -7.42
C HIS A 21 -3.01 -14.80 -6.20
N TYR A 22 -3.66 -14.29 -5.17
CA TYR A 22 -3.87 -15.05 -3.93
C TYR A 22 -5.07 -15.96 -4.03
N GLU A 23 -5.43 -16.37 -5.25
CA GLU A 23 -6.57 -17.24 -5.44
C GLU A 23 -6.40 -18.52 -4.61
N LYS A 24 -5.15 -18.95 -4.44
CA LYS A 24 -4.86 -20.15 -3.68
C LYS A 24 -4.49 -19.79 -2.24
N THR A 25 -4.62 -18.51 -1.91
CA THR A 25 -4.31 -18.03 -0.57
C THR A 25 -5.43 -17.15 -0.03
N ILE A 26 -6.59 -17.76 0.20
CA ILE A 26 -7.73 -17.02 0.72
C ILE A 26 -7.57 -16.77 2.22
N GLY A 27 -7.57 -17.84 3.02
CA GLY A 27 -7.42 -17.72 4.47
C GLY A 27 -6.63 -16.48 4.84
N PHE A 28 -5.37 -16.42 4.42
CA PHE A 28 -4.51 -15.27 4.70
C PHE A 28 -5.33 -13.99 4.62
N HIS A 29 -6.06 -13.84 3.50
CA HIS A 29 -6.88 -12.66 3.31
C HIS A 29 -7.97 -12.61 4.38
N ASP A 30 -8.82 -13.64 4.44
CA ASP A 30 -9.87 -13.67 5.44
C ASP A 30 -9.27 -13.55 6.85
N LYS A 31 -7.95 -13.55 6.91
CA LYS A 31 -7.24 -13.45 8.18
C LYS A 31 -6.86 -12.00 8.50
N TYR A 32 -6.18 -11.32 7.58
CA TYR A 32 -5.78 -9.93 7.84
C TYR A 32 -6.17 -8.99 6.70
N ILE A 33 -5.56 -9.17 5.54
CA ILE A 33 -5.83 -8.31 4.39
C ILE A 33 -7.32 -8.01 4.28
N LYS A 34 -8.15 -8.80 4.95
CA LYS A 34 -9.59 -8.58 4.91
C LYS A 34 -10.02 -7.54 5.93
N ASP A 35 -9.38 -7.56 7.09
CA ASP A 35 -9.71 -6.61 8.16
C ASP A 35 -8.87 -5.34 8.03
N ILE A 36 -9.00 -4.66 6.91
CA ILE A 36 -8.26 -3.42 6.67
C ILE A 36 -9.13 -2.41 5.93
N ASN A 37 -8.76 -1.14 5.99
CA ASN A 37 -9.52 -0.09 5.33
C ASN A 37 -8.73 1.21 5.28
N ARG A 38 -7.40 1.10 5.24
CA ARG A 38 -6.55 2.29 5.20
C ARG A 38 -5.39 2.08 4.22
N PHE A 39 -5.44 2.84 3.13
CA PHE A 39 -4.40 2.76 2.10
C PHE A 39 -4.20 4.16 1.49
N VAL A 40 -3.07 4.37 0.83
CA VAL A 40 -2.78 5.67 0.23
C VAL A 40 -1.91 5.54 -1.01
N PHE A 41 -2.40 6.10 -2.11
CA PHE A 41 -1.68 6.09 -3.39
C PHE A 41 -1.55 7.52 -3.92
N LYS A 42 -1.00 8.40 -3.09
CA LYS A 42 -0.84 9.81 -3.48
C LYS A 42 0.63 10.23 -3.41
N ASN A 43 1.36 9.95 -4.49
CA ASN A 43 2.77 10.30 -4.57
C ASN A 43 3.46 9.47 -5.65
N ASN A 44 4.18 8.45 -5.23
CA ASN A 44 4.88 7.57 -6.16
C ASN A 44 5.07 6.19 -5.54
N VAL A 45 4.28 5.92 -4.50
CA VAL A 45 4.35 4.63 -3.80
C VAL A 45 3.00 4.26 -3.23
N LEU A 46 2.82 2.99 -2.90
CA LEU A 46 1.57 2.50 -2.33
C LEU A 46 1.81 1.92 -0.95
N LEU A 47 1.17 2.50 0.07
CA LEU A 47 1.35 2.01 1.44
C LEU A 47 0.03 1.52 2.00
N ILE A 48 0.10 0.48 2.85
CA ILE A 48 -1.10 -0.09 3.45
C ILE A 48 -0.85 -0.49 4.90
N LEU A 49 -1.81 -0.19 5.77
CA LEU A 49 -1.68 -0.50 7.19
C LEU A 49 -1.54 -2.02 7.41
N LEU A 50 -0.59 -2.37 8.27
CA LEU A 50 -0.36 -3.78 8.61
C LEU A 50 0.45 -3.88 9.91
N GLU A 51 -0.25 -4.22 11.00
CA GLU A 51 0.41 -4.35 12.30
C GLU A 51 0.91 -5.77 12.52
N ASN A 52 0.08 -6.76 12.17
CA ASN A 52 0.45 -8.17 12.35
C ASN A 52 1.93 -8.38 12.05
N GLU A 53 2.67 -8.81 13.07
CA GLU A 53 4.09 -9.06 12.91
C GLU A 53 4.34 -10.14 11.87
N PHE A 54 3.55 -11.20 11.92
CA PHE A 54 3.70 -12.29 10.98
C PHE A 54 3.34 -11.84 9.56
N ALA A 55 2.07 -11.55 9.36
CA ALA A 55 1.59 -11.11 8.05
C ALA A 55 2.59 -10.18 7.39
N ARG A 56 3.29 -9.41 8.23
CA ARG A 56 4.29 -8.45 7.75
C ARG A 56 5.60 -9.15 7.45
N ASN A 57 5.95 -10.14 8.26
CA ASN A 57 7.20 -10.87 8.08
C ASN A 57 7.30 -11.42 6.66
N SER A 58 6.29 -12.19 6.28
CA SER A 58 6.22 -12.82 4.96
C SER A 58 5.95 -11.80 3.85
N LEU A 59 4.96 -10.94 4.06
CA LEU A 59 4.62 -9.95 3.05
C LEU A 59 5.86 -9.22 2.56
N ASN A 60 6.61 -8.61 3.47
CA ASN A 60 7.81 -7.88 3.06
C ASN A 60 8.90 -8.84 2.62
N ASP A 61 8.72 -10.13 2.89
CA ASP A 61 9.71 -11.12 2.48
C ASP A 61 9.66 -11.29 0.96
N ASN A 62 8.47 -11.05 0.41
CA ASN A 62 8.26 -11.16 -1.03
C ASN A 62 6.94 -10.51 -1.41
N SER A 63 6.96 -9.18 -1.57
CA SER A 63 5.75 -8.43 -1.92
C SER A 63 5.84 -7.86 -3.34
N GLU A 64 6.02 -8.74 -4.31
CA GLU A 64 6.10 -8.31 -5.71
C GLU A 64 4.74 -7.86 -6.21
N ILE A 65 4.02 -7.13 -5.36
CA ILE A 65 2.69 -6.65 -5.72
C ILE A 65 2.76 -5.69 -6.91
N ILE A 66 3.97 -5.43 -7.40
CA ILE A 66 4.15 -4.55 -8.54
C ILE A 66 4.05 -5.37 -9.83
N HIS A 67 3.88 -6.68 -9.64
CA HIS A 67 3.75 -7.62 -10.75
C HIS A 67 2.35 -7.55 -11.35
N LEU A 68 1.39 -7.04 -10.58
CA LEU A 68 0.02 -6.93 -11.06
C LEU A 68 -0.42 -5.47 -11.06
N ALA A 69 -0.02 -4.75 -10.03
CA ALA A 69 -0.37 -3.33 -9.88
C ALA A 69 0.24 -2.49 -11.00
N GLU A 70 1.15 -3.09 -11.78
CA GLU A 70 1.79 -2.34 -12.86
C GLU A 70 0.86 -2.23 -14.06
N SER A 71 -0.43 -2.47 -13.82
CA SER A 71 -1.44 -2.41 -14.88
C SER A 71 -2.48 -1.34 -14.56
N LEU A 72 -3.30 -1.60 -13.55
CA LEU A 72 -4.35 -0.67 -13.15
C LEU A 72 -3.85 0.77 -13.21
N TYR A 73 -2.53 0.95 -13.08
CA TYR A 73 -1.95 2.28 -13.11
C TYR A 73 -0.95 2.40 -14.27
N GLU A 74 -0.19 3.50 -14.27
CA GLU A 74 0.79 3.73 -15.32
C GLU A 74 2.02 2.85 -15.10
N GLY A 75 2.70 3.05 -13.98
CA GLY A 75 3.88 2.28 -13.66
C GLY A 75 4.25 2.40 -12.18
N ILE A 76 3.62 1.58 -11.35
CA ILE A 76 3.87 1.61 -9.92
C ILE A 76 5.37 1.46 -9.64
N LYS A 77 5.85 2.19 -8.64
CA LYS A 77 7.26 2.13 -8.27
C LYS A 77 7.53 0.97 -7.31
N SER A 78 6.60 0.73 -6.40
CA SER A 78 6.75 -0.34 -5.43
C SER A 78 5.50 -0.46 -4.55
N VAL A 79 5.52 -1.42 -3.64
CA VAL A 79 4.39 -1.63 -2.73
C VAL A 79 4.90 -2.13 -1.39
N ASN A 80 4.23 -1.72 -0.31
CA ASN A 80 4.64 -2.13 1.02
C ASN A 80 3.58 -1.82 2.07
N PHE A 81 3.69 -2.51 3.21
CA PHE A 81 2.76 -2.34 4.32
C PHE A 81 3.56 -2.25 5.62
N VAL A 82 3.06 -1.45 6.56
CA VAL A 82 3.75 -1.29 7.84
C VAL A 82 2.78 -1.03 8.98
N ASN A 83 3.31 -0.79 10.17
CA ASN A 83 2.47 -0.53 11.33
C ASN A 83 1.93 0.90 11.31
N GLU A 84 0.86 1.13 12.05
CA GLU A 84 0.23 2.44 12.13
C GLU A 84 1.26 3.56 12.12
N GLN A 85 2.02 3.68 13.22
CA GLN A 85 3.03 4.72 13.34
C GLN A 85 3.89 4.77 12.09
N ASP A 86 4.45 3.64 11.70
CA ASP A 86 5.30 3.58 10.52
C ASP A 86 4.58 4.21 9.32
N PHE A 87 3.46 3.59 8.93
CA PHE A 87 2.67 4.09 7.82
C PHE A 87 2.54 5.60 7.90
N PHE A 88 2.15 6.09 9.06
CA PHE A 88 1.99 7.53 9.25
C PHE A 88 3.31 8.25 8.96
N PHE A 89 4.34 7.95 9.75
CA PHE A 89 5.64 8.58 9.57
C PHE A 89 5.85 8.99 8.12
N ASN A 90 5.42 8.11 7.20
CA ASN A 90 5.55 8.41 5.78
C ASN A 90 4.71 9.63 5.40
N LEU A 91 3.51 9.70 5.96
CA LEU A 91 2.60 10.82 5.70
C LEU A 91 3.04 12.08 6.45
N ALA A 92 3.99 11.93 7.38
CA ALA A 92 4.43 13.09 8.14
C ALA A 92 5.42 13.92 7.34
N LYS A 93 6.16 13.26 6.45
CA LYS A 93 7.14 13.95 5.63
C LYS A 93 6.46 15.03 4.77
N LEU A 94 5.16 14.87 4.54
CA LEU A 94 4.39 15.81 3.73
C LEU A 94 5.00 17.22 3.84
N GLU A 95 4.95 17.95 2.73
CA GLU A 95 5.49 19.31 2.69
C GLU A 95 6.98 19.30 3.00
N GLU A 96 7.76 18.72 2.10
CA GLU A 96 9.21 18.65 2.29
C GLU A 96 9.87 18.09 1.04
N ASN A 97 9.57 18.68 -0.12
CA ASN A 97 10.14 18.23 -1.38
C ASN A 97 10.10 19.36 -2.41
N SER A 98 9.36 19.15 -3.49
CA SER A 98 9.26 20.16 -4.54
C SER A 98 7.84 20.20 -5.11
N ARG A 99 6.86 19.94 -4.24
CA ARG A 99 5.45 19.95 -4.66
C ARG A 99 4.74 21.16 -4.07
N ASP A 100 5.01 21.44 -2.79
CA ASP A 100 4.38 22.57 -2.13
C ASP A 100 5.06 23.88 -2.54
N THR A 101 4.31 24.98 -2.50
CA THR A 101 4.84 26.28 -2.88
C THR A 101 4.94 27.19 -1.66
N LEU A 102 4.54 26.68 -0.50
CA LEU A 102 4.60 27.45 0.73
C LEU A 102 5.99 28.03 0.95
N TYR A 103 6.04 29.29 1.38
CA TYR A 103 7.32 29.96 1.62
C TYR A 103 7.72 29.81 3.09
N GLN A 104 8.57 30.73 3.56
CA GLN A 104 9.03 30.70 4.95
C GLN A 104 8.63 31.97 5.69
N ASN A 105 7.80 32.79 5.04
CA ASN A 105 7.35 34.04 5.65
C ASN A 105 6.14 34.59 4.90
N SER A 106 6.30 34.83 3.61
CA SER A 106 5.21 35.36 2.80
C SER A 106 5.50 35.17 1.31
N GLY A 107 4.45 34.88 0.54
CA GLY A 107 4.60 34.66 -0.89
C GLY A 107 5.11 33.26 -1.17
N MET A 8 -13.96 4.94 -8.74
CA MET A 8 -14.77 4.11 -7.79
C MET A 8 -14.48 2.64 -8.04
N GLU A 9 -14.35 2.26 -9.30
CA GLU A 9 -14.06 0.87 -9.65
C GLU A 9 -12.58 0.56 -9.45
N GLN A 10 -11.79 1.61 -9.31
CA GLN A 10 -10.35 1.46 -9.11
C GLN A 10 -10.06 0.38 -8.07
N PHE A 11 -10.27 0.72 -6.80
CA PHE A 11 -10.03 -0.24 -5.72
C PHE A 11 -10.53 -1.61 -6.12
N ASN A 12 -11.78 -1.66 -6.58
CA ASN A 12 -12.37 -2.92 -6.99
C ASN A 12 -11.57 -3.55 -8.13
N ALA A 13 -10.94 -2.71 -8.95
CA ALA A 13 -10.15 -3.20 -10.07
C ALA A 13 -8.76 -3.66 -9.62
N PHE A 14 -8.00 -2.74 -9.06
CA PHE A 14 -6.65 -3.07 -8.58
C PHE A 14 -6.72 -4.18 -7.54
N LYS A 15 -7.60 -4.02 -6.56
CA LYS A 15 -7.75 -5.02 -5.51
C LYS A 15 -8.17 -6.37 -6.09
N SER A 16 -9.22 -6.38 -6.91
CA SER A 16 -9.67 -7.62 -7.48
C SER A 16 -8.50 -8.33 -8.16
N LEU A 17 -7.52 -7.55 -8.60
CA LEU A 17 -6.34 -8.14 -9.23
C LEU A 17 -5.66 -9.08 -8.25
N LEU A 18 -5.43 -8.58 -7.03
CA LEU A 18 -4.81 -9.39 -6.00
C LEU A 18 -5.54 -10.71 -5.88
N LYS A 19 -6.88 -10.65 -5.85
CA LYS A 19 -7.68 -11.87 -5.77
C LYS A 19 -7.04 -12.96 -6.63
N LYS A 20 -6.84 -12.65 -7.91
CA LYS A 20 -6.20 -13.59 -8.83
C LYS A 20 -4.89 -14.09 -8.23
N HIS A 21 -4.16 -13.18 -7.60
CA HIS A 21 -2.87 -13.50 -6.99
C HIS A 21 -3.04 -14.35 -5.73
N TYR A 22 -3.70 -13.79 -4.73
CA TYR A 22 -3.91 -14.48 -3.47
C TYR A 22 -5.07 -15.47 -3.57
N GLU A 23 -5.36 -15.92 -4.79
CA GLU A 23 -6.45 -16.87 -4.98
C GLU A 23 -6.25 -18.11 -4.10
N LYS A 24 -4.99 -18.50 -3.91
CA LYS A 24 -4.67 -19.66 -3.09
C LYS A 24 -4.51 -19.25 -1.62
N THR A 25 -4.05 -18.02 -1.41
CA THR A 25 -3.84 -17.52 -0.05
C THR A 25 -5.17 -17.10 0.57
N ILE A 26 -6.19 -17.94 0.40
CA ILE A 26 -7.51 -17.63 0.95
C ILE A 26 -7.42 -17.33 2.45
N GLY A 27 -7.44 -18.37 3.28
CA GLY A 27 -7.38 -18.20 4.74
C GLY A 27 -6.72 -16.87 5.10
N PHE A 28 -5.46 -16.73 4.73
CA PHE A 28 -4.73 -15.50 5.02
C PHE A 28 -5.61 -14.28 4.75
N HIS A 29 -6.28 -14.30 3.60
CA HIS A 29 -7.16 -13.21 3.22
C HIS A 29 -8.37 -13.15 4.14
N ASP A 30 -8.73 -14.27 4.75
CA ASP A 30 -9.85 -14.29 5.67
C ASP A 30 -9.36 -13.99 7.09
N LYS A 31 -8.05 -13.82 7.20
CA LYS A 31 -7.41 -13.52 8.47
C LYS A 31 -7.21 -12.02 8.68
N TYR A 32 -6.30 -11.40 7.93
CA TYR A 32 -6.04 -9.97 8.09
C TYR A 32 -6.53 -9.14 6.89
N ILE A 33 -5.85 -9.29 5.76
CA ILE A 33 -6.20 -8.54 4.55
C ILE A 33 -7.72 -8.46 4.36
N LYS A 34 -8.45 -9.30 5.09
CA LYS A 34 -9.92 -9.34 5.01
C LYS A 34 -10.48 -8.20 4.16
N ASP A 35 -10.26 -6.97 4.60
CA ASP A 35 -10.77 -5.81 3.85
C ASP A 35 -9.95 -4.56 4.15
N ILE A 36 -9.38 -4.48 5.35
CA ILE A 36 -8.58 -3.32 5.73
C ILE A 36 -9.37 -2.03 5.49
N ASN A 37 -8.89 -0.93 6.04
CA ASN A 37 -9.58 0.36 5.87
C ASN A 37 -8.57 1.51 5.82
N ARG A 38 -7.29 1.19 5.69
CA ARG A 38 -6.26 2.23 5.62
C ARG A 38 -5.23 1.93 4.53
N PHE A 39 -5.45 2.52 3.37
CA PHE A 39 -4.57 2.35 2.23
C PHE A 39 -4.53 3.64 1.42
N VAL A 40 -3.40 3.91 0.77
CA VAL A 40 -3.27 5.14 0.00
C VAL A 40 -2.34 4.96 -1.20
N PHE A 41 -2.78 5.45 -2.36
CA PHE A 41 -2.00 5.37 -3.58
C PHE A 41 -2.04 6.71 -4.31
N LYS A 42 -1.76 7.79 -3.59
CA LYS A 42 -1.76 9.12 -4.16
C LYS A 42 -0.45 9.84 -3.87
N ASN A 43 0.65 9.13 -4.03
CA ASN A 43 1.97 9.70 -3.79
C ASN A 43 3.03 8.90 -4.54
N ASN A 44 2.71 8.50 -5.76
CA ASN A 44 3.63 7.73 -6.58
C ASN A 44 4.07 6.47 -5.84
N VAL A 45 3.42 6.20 -4.71
CA VAL A 45 3.74 5.02 -3.91
C VAL A 45 2.49 4.46 -3.25
N LEU A 46 2.51 3.17 -2.91
CA LEU A 46 1.37 2.53 -2.28
C LEU A 46 1.75 1.97 -0.91
N LEU A 47 1.14 2.54 0.14
CA LEU A 47 1.42 2.08 1.51
C LEU A 47 0.13 1.58 2.14
N ILE A 48 0.24 0.58 3.02
CA ILE A 48 -0.92 0.00 3.67
C ILE A 48 -0.60 -0.38 5.11
N LEU A 49 -1.53 -0.09 6.02
CA LEU A 49 -1.33 -0.42 7.44
C LEU A 49 -1.23 -1.93 7.62
N LEU A 50 -0.27 -2.35 8.43
CA LEU A 50 -0.06 -3.77 8.70
C LEU A 50 0.72 -3.97 10.00
N GLU A 51 -0.01 -4.25 11.08
CA GLU A 51 0.61 -4.45 12.39
C GLU A 51 0.96 -5.92 12.63
N ASN A 52 0.05 -6.81 12.23
CA ASN A 52 0.26 -8.25 12.41
C ASN A 52 1.70 -8.64 12.05
N GLU A 53 2.58 -8.54 13.05
CA GLU A 53 4.01 -8.88 12.86
C GLU A 53 4.19 -10.00 11.84
N PHE A 54 3.39 -11.05 11.94
CA PHE A 54 3.50 -12.17 11.01
C PHE A 54 3.27 -11.68 9.59
N ALA A 55 2.02 -11.31 9.31
CA ALA A 55 1.64 -10.84 7.98
C ALA A 55 2.75 -9.97 7.36
N ARG A 56 3.47 -9.21 8.20
CA ARG A 56 4.54 -8.36 7.69
C ARG A 56 5.80 -9.19 7.46
N ASN A 57 5.98 -10.22 8.27
CA ASN A 57 7.14 -11.08 8.15
C ASN A 57 7.28 -11.64 6.74
N SER A 58 6.14 -12.11 6.20
CA SER A 58 6.10 -12.71 4.88
C SER A 58 5.82 -11.69 3.77
N LEU A 59 4.82 -10.85 3.99
CA LEU A 59 4.44 -9.85 2.98
C LEU A 59 5.66 -9.08 2.48
N ASN A 60 6.44 -8.51 3.40
CA ASN A 60 7.60 -7.74 3.00
C ASN A 60 8.73 -8.66 2.55
N ASP A 61 8.57 -9.97 2.78
CA ASP A 61 9.59 -10.92 2.36
C ASP A 61 9.52 -11.09 0.84
N ASN A 62 8.32 -10.93 0.30
CA ASN A 62 8.11 -11.05 -1.14
C ASN A 62 6.97 -10.13 -1.58
N SER A 63 7.15 -8.83 -1.40
CA SER A 63 6.14 -7.85 -1.76
C SER A 63 6.30 -7.42 -3.22
N GLU A 64 6.51 -8.40 -4.10
CA GLU A 64 6.67 -8.10 -5.52
C GLU A 64 5.31 -7.77 -6.15
N ILE A 65 4.51 -7.00 -5.44
CA ILE A 65 3.18 -6.63 -5.92
C ILE A 65 3.29 -5.75 -7.17
N ILE A 66 4.43 -5.09 -7.35
CA ILE A 66 4.62 -4.23 -8.52
C ILE A 66 4.54 -5.06 -9.79
N HIS A 67 4.33 -6.36 -9.61
CA HIS A 67 4.21 -7.31 -10.72
C HIS A 67 2.81 -7.25 -11.33
N LEU A 68 1.79 -7.03 -10.50
CA LEU A 68 0.41 -6.97 -11.00
C LEU A 68 -0.15 -5.57 -10.81
N ALA A 69 0.11 -5.00 -9.65
CA ALA A 69 -0.38 -3.66 -9.35
C ALA A 69 -0.25 -2.74 -10.56
N GLU A 70 0.77 -2.96 -11.37
CA GLU A 70 1.00 -2.11 -12.55
C GLU A 70 -0.19 -2.19 -13.52
N SER A 71 -1.15 -3.04 -13.20
CA SER A 71 -2.34 -3.19 -14.05
C SER A 71 -3.53 -2.46 -13.44
N LEU A 72 -3.75 -1.23 -13.91
CA LEU A 72 -4.86 -0.37 -13.45
C LEU A 72 -4.48 1.10 -13.67
N TYR A 73 -3.18 1.38 -13.59
CA TYR A 73 -2.67 2.74 -13.82
C TYR A 73 -1.13 2.72 -13.83
N GLU A 74 -0.56 2.27 -14.94
CA GLU A 74 0.90 2.19 -15.07
C GLU A 74 1.57 3.36 -14.36
N GLY A 75 2.56 3.05 -13.53
CA GLY A 75 3.27 4.08 -12.79
C GLY A 75 3.70 3.57 -11.41
N ILE A 76 3.19 2.39 -11.03
CA ILE A 76 3.51 1.82 -9.74
C ILE A 76 5.01 1.79 -9.51
N LYS A 77 5.48 2.61 -8.58
CA LYS A 77 6.90 2.67 -8.26
C LYS A 77 7.27 1.53 -7.32
N SER A 78 6.36 1.22 -6.40
CA SER A 78 6.60 0.14 -5.44
C SER A 78 5.36 -0.08 -4.57
N VAL A 79 5.44 -1.08 -3.69
CA VAL A 79 4.33 -1.39 -2.79
C VAL A 79 4.88 -1.93 -1.46
N ASN A 80 4.20 -1.63 -0.36
CA ASN A 80 4.66 -2.09 0.95
C ASN A 80 3.65 -1.79 2.06
N PHE A 81 3.80 -2.51 3.16
CA PHE A 81 2.95 -2.36 4.33
C PHE A 81 3.81 -2.21 5.58
N VAL A 82 3.33 -1.46 6.56
CA VAL A 82 4.09 -1.25 7.80
C VAL A 82 3.16 -1.16 9.01
N ASN A 83 3.62 -0.45 10.04
CA ASN A 83 2.83 -0.30 11.26
C ASN A 83 2.36 1.15 11.43
N GLU A 84 1.35 1.33 12.28
CA GLU A 84 0.77 2.64 12.54
C GLU A 84 1.84 3.73 12.51
N GLN A 85 2.67 3.76 13.56
CA GLN A 85 3.71 4.79 13.65
C GLN A 85 4.48 4.90 12.34
N ASP A 86 4.95 3.76 11.84
CA ASP A 86 5.70 3.75 10.59
C ASP A 86 4.91 4.50 9.52
N PHE A 87 3.73 3.98 9.17
CA PHE A 87 2.89 4.62 8.17
C PHE A 87 2.89 6.13 8.39
N PHE A 88 2.77 6.52 9.66
CA PHE A 88 2.77 7.93 10.01
C PHE A 88 4.04 8.60 9.47
N PHE A 89 5.18 8.18 10.02
CA PHE A 89 6.46 8.73 9.61
C PHE A 89 6.51 9.00 8.10
N ASN A 90 5.77 8.20 7.33
CA ASN A 90 5.75 8.38 5.89
C ASN A 90 4.84 9.53 5.49
N LEU A 91 3.60 9.49 5.96
CA LEU A 91 2.65 10.55 5.63
C LEU A 91 2.92 11.80 6.47
N ALA A 92 3.63 11.64 7.56
CA ALA A 92 3.96 12.78 8.42
C ALA A 92 4.97 13.68 7.73
N LYS A 93 5.70 13.11 6.78
CA LYS A 93 6.70 13.87 6.05
C LYS A 93 6.11 15.16 5.50
N LEU A 94 5.20 15.04 4.54
CA LEU A 94 4.56 16.20 3.94
C LEU A 94 4.22 17.24 5.01
N GLU A 95 4.75 18.44 4.83
CA GLU A 95 4.49 19.53 5.78
C GLU A 95 4.78 20.88 5.14
N GLU A 96 4.24 21.09 3.95
CA GLU A 96 4.45 22.34 3.23
C GLU A 96 3.21 22.72 2.43
N ASN A 97 2.12 21.99 2.66
CA ASN A 97 0.87 22.26 1.96
C ASN A 97 0.14 23.43 2.59
N SER A 98 0.77 24.60 2.55
CA SER A 98 0.18 25.81 3.12
C SER A 98 0.00 26.88 2.04
N ARG A 99 -1.16 27.51 2.04
CA ARG A 99 -1.45 28.56 1.06
C ARG A 99 -0.54 29.76 1.28
N ASP A 100 -1.12 30.87 1.71
CA ASP A 100 -0.35 32.09 1.95
C ASP A 100 0.64 31.87 3.09
N THR A 101 1.91 31.67 2.74
CA THR A 101 2.94 31.44 3.75
C THR A 101 3.77 32.71 3.97
N LEU A 102 3.44 33.77 3.23
CA LEU A 102 4.17 35.03 3.36
C LEU A 102 3.39 36.00 4.25
N TYR A 103 2.30 35.51 4.84
CA TYR A 103 1.48 36.34 5.71
C TYR A 103 1.60 35.89 7.16
N GLN A 104 0.56 36.13 7.95
CA GLN A 104 0.57 35.73 9.36
C GLN A 104 -0.85 35.73 9.92
N ASN A 105 -1.10 34.80 10.85
CA ASN A 105 -2.42 34.70 11.46
C ASN A 105 -2.91 36.07 11.92
N SER A 106 -1.98 37.02 12.02
CA SER A 106 -2.33 38.36 12.45
C SER A 106 -1.10 39.28 12.37
N GLY A 107 -1.32 40.58 12.56
CA GLY A 107 -0.23 41.55 12.51
C GLY A 107 -0.61 42.83 13.24
N MET A 8 -13.91 4.65 -5.90
CA MET A 8 -15.10 3.79 -5.66
C MET A 8 -14.78 2.36 -6.10
N GLU A 9 -14.55 2.18 -7.40
CA GLU A 9 -14.25 0.86 -7.93
C GLU A 9 -12.74 0.60 -7.87
N GLN A 10 -11.96 1.68 -7.79
CA GLN A 10 -10.51 1.57 -7.72
C GLN A 10 -10.09 0.41 -6.81
N PHE A 11 -10.20 0.61 -5.51
CA PHE A 11 -9.83 -0.43 -4.55
C PHE A 11 -10.40 -1.76 -5.00
N ASN A 12 -11.67 -1.75 -5.41
CA ASN A 12 -12.31 -2.97 -5.87
C ASN A 12 -11.58 -3.53 -7.08
N ALA A 13 -10.93 -2.63 -7.84
CA ALA A 13 -10.20 -3.03 -9.03
C ALA A 13 -8.80 -3.53 -8.66
N PHE A 14 -8.00 -2.65 -8.09
CA PHE A 14 -6.64 -3.01 -7.68
C PHE A 14 -6.68 -4.25 -6.79
N LYS A 15 -7.61 -4.24 -5.85
CA LYS A 15 -7.76 -5.36 -4.93
C LYS A 15 -8.23 -6.62 -5.65
N SER A 16 -9.20 -6.48 -6.55
CA SER A 16 -9.71 -7.65 -7.24
C SER A 16 -8.61 -8.29 -8.07
N LEU A 17 -7.56 -7.52 -8.37
CA LEU A 17 -6.44 -8.05 -9.13
C LEU A 17 -5.59 -8.94 -8.22
N LEU A 18 -5.60 -8.62 -6.93
CA LEU A 18 -4.84 -9.43 -5.97
C LEU A 18 -5.48 -10.81 -5.87
N LYS A 19 -6.81 -10.85 -5.80
CA LYS A 19 -7.51 -12.13 -5.73
C LYS A 19 -6.83 -13.14 -6.66
N LYS A 20 -6.64 -12.74 -7.91
CA LYS A 20 -5.98 -13.60 -8.88
C LYS A 20 -4.63 -14.05 -8.32
N HIS A 21 -3.93 -13.12 -7.69
CA HIS A 21 -2.63 -13.40 -7.09
C HIS A 21 -2.78 -14.34 -5.89
N TYR A 22 -3.49 -13.86 -4.88
CA TYR A 22 -3.71 -14.65 -3.67
C TYR A 22 -4.96 -15.51 -3.79
N GLU A 23 -5.29 -15.91 -5.00
CA GLU A 23 -6.47 -16.75 -5.22
C GLU A 23 -6.43 -17.96 -4.29
N LYS A 24 -5.39 -18.76 -4.41
CA LYS A 24 -5.23 -19.94 -3.57
C LYS A 24 -4.71 -19.53 -2.20
N THR A 25 -4.60 -18.22 -1.99
CA THR A 25 -4.11 -17.69 -0.72
C THR A 25 -5.03 -16.57 -0.22
N ILE A 26 -6.33 -16.75 -0.41
CA ILE A 26 -7.30 -15.75 0.02
C ILE A 26 -7.48 -15.78 1.52
N GLY A 27 -7.89 -16.92 2.06
CA GLY A 27 -8.10 -17.06 3.50
C GLY A 27 -7.17 -16.14 4.28
N PHE A 28 -5.87 -16.35 4.12
CA PHE A 28 -4.89 -15.51 4.80
C PHE A 28 -5.28 -14.04 4.68
N HIS A 29 -5.62 -13.63 3.47
CA HIS A 29 -6.02 -12.25 3.23
C HIS A 29 -7.34 -11.94 3.93
N ASP A 30 -8.24 -12.92 3.93
CA ASP A 30 -9.54 -12.74 4.57
C ASP A 30 -9.42 -12.88 6.09
N LYS A 31 -8.31 -13.46 6.53
CA LYS A 31 -8.09 -13.67 7.96
C LYS A 31 -7.17 -12.61 8.55
N TYR A 32 -6.02 -12.38 7.93
CA TYR A 32 -5.07 -11.40 8.45
C TYR A 32 -5.36 -9.99 7.93
N ILE A 33 -4.90 -9.72 6.71
CA ILE A 33 -5.07 -8.41 6.10
C ILE A 33 -6.50 -7.89 6.23
N LYS A 34 -7.47 -8.80 6.20
CA LYS A 34 -8.88 -8.41 6.30
C LYS A 34 -9.06 -7.25 7.28
N ASP A 35 -8.72 -7.50 8.53
CA ASP A 35 -8.85 -6.47 9.57
C ASP A 35 -7.98 -5.26 9.24
N ILE A 36 -8.33 -4.57 8.16
CA ILE A 36 -7.60 -3.39 7.74
C ILE A 36 -8.38 -2.62 6.68
N ASN A 37 -7.96 -1.37 6.43
CA ASN A 37 -8.63 -0.55 5.43
C ASN A 37 -7.92 0.78 5.28
N ARG A 38 -6.59 0.74 5.24
CA ARG A 38 -5.79 1.96 5.09
C ARG A 38 -4.75 1.77 3.99
N PHE A 39 -4.96 2.48 2.88
CA PHE A 39 -4.04 2.41 1.74
C PHE A 39 -3.98 3.76 1.05
N VAL A 40 -2.77 4.20 0.71
CA VAL A 40 -2.60 5.51 0.05
C VAL A 40 -1.71 5.43 -1.17
N PHE A 41 -2.19 6.01 -2.26
CA PHE A 41 -1.47 6.05 -3.53
C PHE A 41 -1.41 7.50 -4.03
N LYS A 42 -0.23 7.96 -4.45
CA LYS A 42 -0.09 9.32 -4.93
C LYS A 42 1.36 9.65 -5.29
N ASN A 43 2.31 8.88 -4.76
CA ASN A 43 3.72 9.12 -5.04
C ASN A 43 4.36 7.91 -5.71
N ASN A 44 3.72 7.42 -6.77
CA ASN A 44 4.25 6.28 -7.50
C ASN A 44 4.48 5.10 -6.55
N VAL A 45 4.23 5.32 -5.26
CA VAL A 45 4.41 4.27 -4.26
C VAL A 45 3.09 3.99 -3.57
N LEU A 46 2.94 2.76 -3.06
CA LEU A 46 1.70 2.38 -2.39
C LEU A 46 2.01 1.82 -1.00
N LEU A 47 1.39 2.40 0.02
CA LEU A 47 1.61 1.96 1.40
C LEU A 47 0.31 1.44 1.98
N ILE A 48 0.40 0.41 2.82
CA ILE A 48 -0.79 -0.18 3.44
C ILE A 48 -0.54 -0.53 4.90
N LEU A 49 -1.49 -0.20 5.76
CA LEU A 49 -1.36 -0.48 7.19
C LEU A 49 -1.27 -1.99 7.42
N LEU A 50 -0.35 -2.40 8.27
CA LEU A 50 -0.16 -3.81 8.57
C LEU A 50 0.46 -3.99 9.97
N GLU A 51 -0.37 -4.41 10.92
CA GLU A 51 0.10 -4.59 12.29
C GLU A 51 0.60 -6.03 12.51
N ASN A 52 -0.23 -7.01 12.20
CA ASN A 52 0.15 -8.42 12.37
C ASN A 52 1.61 -8.63 12.01
N GLU A 53 2.48 -8.56 13.02
CA GLU A 53 3.91 -8.75 12.82
C GLU A 53 4.19 -9.88 11.83
N PHE A 54 3.42 -10.96 11.96
CA PHE A 54 3.61 -12.10 11.08
C PHE A 54 3.36 -11.69 9.63
N ALA A 55 2.10 -11.37 9.33
CA ALA A 55 1.72 -10.98 7.99
C ALA A 55 2.78 -10.08 7.34
N ARG A 56 3.50 -9.32 8.17
CA ARG A 56 4.54 -8.43 7.65
C ARG A 56 5.84 -9.20 7.47
N ASN A 57 6.07 -10.16 8.36
CA ASN A 57 7.28 -10.97 8.33
C ASN A 57 7.49 -11.60 6.95
N SER A 58 6.40 -12.15 6.41
CA SER A 58 6.44 -12.83 5.12
C SER A 58 6.14 -11.90 3.94
N LEU A 59 5.10 -11.09 4.07
CA LEU A 59 4.72 -10.18 2.99
C LEU A 59 5.93 -9.41 2.47
N ASN A 60 6.62 -8.69 3.35
CA ASN A 60 7.78 -7.92 2.93
C ASN A 60 8.93 -8.84 2.54
N ASP A 61 8.81 -10.12 2.89
CA ASP A 61 9.85 -11.09 2.54
C ASP A 61 9.80 -11.35 1.04
N ASN A 62 8.61 -11.22 0.48
CA ASN A 62 8.40 -11.43 -0.96
C ASN A 62 7.09 -10.79 -1.40
N SER A 63 7.08 -9.46 -1.46
CA SER A 63 5.88 -8.73 -1.86
C SER A 63 5.98 -8.30 -3.31
N GLU A 64 6.22 -9.25 -4.20
CA GLU A 64 6.33 -8.95 -5.62
C GLU A 64 4.97 -8.58 -6.19
N ILE A 65 4.21 -7.79 -5.43
CA ILE A 65 2.88 -7.36 -5.87
C ILE A 65 3.00 -6.40 -7.05
N ILE A 66 4.22 -6.00 -7.38
CA ILE A 66 4.45 -5.10 -8.50
C ILE A 66 4.35 -5.88 -9.81
N HIS A 67 4.09 -7.17 -9.68
CA HIS A 67 3.94 -8.08 -10.82
C HIS A 67 2.55 -7.95 -11.44
N LEU A 68 1.58 -7.47 -10.66
CA LEU A 68 0.22 -7.32 -11.16
C LEU A 68 -0.28 -5.90 -10.92
N ALA A 69 0.10 -5.32 -9.79
CA ALA A 69 -0.31 -3.97 -9.45
C ALA A 69 0.03 -3.01 -10.60
N GLU A 70 1.12 -3.30 -11.29
CA GLU A 70 1.57 -2.44 -12.39
C GLU A 70 0.62 -2.53 -13.58
N SER A 71 -0.67 -2.74 -13.31
CA SER A 71 -1.65 -2.83 -14.38
C SER A 71 -2.76 -1.79 -14.17
N LEU A 72 -3.14 -1.58 -12.91
CA LEU A 72 -4.17 -0.59 -12.61
C LEU A 72 -3.53 0.77 -12.36
N TYR A 73 -2.29 0.75 -11.88
CA TYR A 73 -1.56 1.97 -11.60
C TYR A 73 -0.29 2.02 -12.45
N GLU A 74 -0.45 1.82 -13.75
CA GLU A 74 0.69 1.82 -14.68
C GLU A 74 1.78 2.79 -14.20
N GLY A 75 2.91 2.24 -13.79
CA GLY A 75 4.02 3.04 -13.31
C GLY A 75 4.41 2.67 -11.89
N ILE A 76 3.73 1.66 -11.35
CA ILE A 76 4.01 1.21 -9.99
C ILE A 76 5.51 1.07 -9.74
N LYS A 77 6.00 1.74 -8.71
CA LYS A 77 7.41 1.68 -8.36
C LYS A 77 7.66 0.49 -7.45
N SER A 78 6.68 0.18 -6.61
CA SER A 78 6.78 -0.94 -5.68
C SER A 78 5.58 -0.97 -4.74
N VAL A 79 5.65 -1.84 -3.74
CA VAL A 79 4.57 -1.97 -2.75
C VAL A 79 5.15 -2.34 -1.39
N ASN A 80 4.54 -1.82 -0.33
CA ASN A 80 5.02 -2.11 1.02
C ASN A 80 3.94 -1.86 2.08
N PHE A 81 4.10 -2.53 3.22
CA PHE A 81 3.17 -2.40 4.34
C PHE A 81 3.96 -2.27 5.64
N VAL A 82 3.39 -1.53 6.59
CA VAL A 82 4.05 -1.33 7.87
C VAL A 82 3.02 -1.24 8.98
N ASN A 83 3.36 -0.52 10.07
CA ASN A 83 2.44 -0.37 11.19
C ASN A 83 1.95 1.06 11.31
N GLU A 84 1.00 1.23 12.19
CA GLU A 84 0.39 2.54 12.44
C GLU A 84 1.42 3.66 12.39
N GLN A 85 2.26 3.75 13.40
CA GLN A 85 3.27 4.80 13.46
C GLN A 85 4.07 4.87 12.18
N ASP A 86 4.60 3.73 11.75
CA ASP A 86 5.39 3.69 10.53
C ASP A 86 4.62 4.34 9.38
N PHE A 87 3.49 3.74 9.02
CA PHE A 87 2.66 4.29 7.94
C PHE A 87 2.54 5.80 8.10
N PHE A 88 2.32 6.24 9.33
CA PHE A 88 2.20 7.67 9.62
C PHE A 88 3.47 8.39 9.16
N PHE A 89 4.59 8.09 9.83
CA PHE A 89 5.87 8.70 9.49
C PHE A 89 5.96 9.01 7.99
N ASN A 90 5.38 8.13 7.18
CA ASN A 90 5.41 8.32 5.73
C ASN A 90 4.36 9.33 5.29
N LEU A 91 3.11 9.09 5.67
CA LEU A 91 2.02 9.98 5.30
C LEU A 91 2.12 11.29 6.09
N ALA A 92 2.91 11.26 7.15
CA ALA A 92 3.10 12.44 7.98
C ALA A 92 3.92 13.49 7.23
N LYS A 93 4.39 13.13 6.04
CA LYS A 93 5.20 14.04 5.24
C LYS A 93 4.86 13.89 3.76
N LEU A 94 3.78 14.52 3.35
CA LEU A 94 3.35 14.45 1.96
C LEU A 94 4.14 15.44 1.11
N GLU A 95 4.89 16.32 1.77
CA GLU A 95 5.69 17.32 1.07
C GLU A 95 6.39 16.70 -0.14
N GLU A 96 7.66 16.34 0.03
CA GLU A 96 8.43 15.75 -1.04
C GLU A 96 8.44 16.67 -2.27
N ASN A 97 7.81 17.83 -2.13
CA ASN A 97 7.75 18.79 -3.23
C ASN A 97 7.52 18.09 -4.56
N SER A 98 7.83 18.77 -5.66
CA SER A 98 7.64 18.19 -6.98
C SER A 98 7.79 19.25 -8.06
N ARG A 99 7.83 20.51 -7.63
CA ARG A 99 7.97 21.63 -8.56
C ARG A 99 7.82 22.96 -7.81
N ASP A 100 8.90 23.73 -7.78
CA ASP A 100 8.89 25.03 -7.12
C ASP A 100 8.22 24.92 -5.75
N THR A 101 7.43 25.93 -5.40
CA THR A 101 6.74 25.94 -4.12
C THR A 101 5.92 24.67 -3.93
N LEU A 102 5.20 24.59 -2.82
CA LEU A 102 4.38 23.42 -2.54
C LEU A 102 2.99 23.58 -3.15
N TYR A 103 2.07 22.71 -2.74
CA TYR A 103 0.70 22.76 -3.26
C TYR A 103 -0.21 23.52 -2.28
N GLN A 104 0.40 24.31 -1.42
CA GLN A 104 -0.37 25.08 -0.43
C GLN A 104 0.46 26.25 0.09
N ASN A 105 0.25 27.42 -0.48
CA ASN A 105 0.97 28.62 -0.07
C ASN A 105 0.32 29.88 -0.65
N SER A 106 0.73 31.03 -0.13
CA SER A 106 0.19 32.30 -0.61
C SER A 106 1.09 33.46 -0.20
N GLY A 107 2.39 33.18 -0.10
CA GLY A 107 3.35 34.21 0.29
C GLY A 107 3.30 34.47 1.78
N MET A 8 -16.89 1.72 -6.57
CA MET A 8 -15.82 2.18 -7.50
C MET A 8 -15.27 0.99 -8.28
N GLU A 9 -14.86 1.24 -9.53
CA GLU A 9 -14.33 0.19 -10.37
C GLU A 9 -12.83 0.00 -10.14
N GLN A 10 -12.12 1.12 -10.04
CA GLN A 10 -10.67 1.08 -9.82
C GLN A 10 -10.32 0.05 -8.75
N PHE A 11 -10.56 0.41 -7.49
CA PHE A 11 -10.27 -0.49 -6.38
C PHE A 11 -10.74 -1.91 -6.74
N ASN A 12 -11.98 -2.00 -7.17
CA ASN A 12 -12.56 -3.27 -7.55
C ASN A 12 -11.76 -3.92 -8.68
N ALA A 13 -11.07 -3.09 -9.47
CA ALA A 13 -10.27 -3.61 -10.58
C ALA A 13 -8.90 -4.07 -10.10
N PHE A 14 -8.13 -3.14 -9.57
CA PHE A 14 -6.79 -3.47 -9.07
C PHE A 14 -6.91 -4.58 -8.03
N LYS A 15 -7.83 -4.42 -7.09
CA LYS A 15 -8.03 -5.41 -6.05
C LYS A 15 -8.45 -6.76 -6.63
N SER A 16 -9.44 -6.74 -7.52
CA SER A 16 -9.90 -7.99 -8.11
C SER A 16 -8.73 -8.69 -8.78
N LEU A 17 -7.68 -7.94 -9.08
CA LEU A 17 -6.49 -8.52 -9.70
C LEU A 17 -5.80 -9.42 -8.68
N LEU A 18 -5.78 -8.99 -7.42
CA LEU A 18 -5.17 -9.79 -6.37
C LEU A 18 -5.90 -11.12 -6.26
N LYS A 19 -7.23 -11.06 -6.23
CA LYS A 19 -8.03 -12.29 -6.16
C LYS A 19 -7.38 -13.39 -7.01
N LYS A 20 -7.18 -13.09 -8.28
CA LYS A 20 -6.54 -14.03 -9.19
C LYS A 20 -5.25 -14.57 -8.56
N HIS A 21 -4.51 -13.66 -7.93
CA HIS A 21 -3.25 -14.00 -7.28
C HIS A 21 -3.51 -14.82 -6.02
N TYR A 22 -4.17 -14.22 -5.04
CA TYR A 22 -4.45 -14.89 -3.78
C TYR A 22 -5.74 -15.73 -3.88
N GLU A 23 -6.06 -16.15 -5.09
CA GLU A 23 -7.26 -16.95 -5.31
C GLU A 23 -7.28 -18.14 -4.37
N LYS A 24 -6.17 -18.86 -4.31
CA LYS A 24 -6.08 -20.04 -3.44
C LYS A 24 -5.44 -19.66 -2.10
N THR A 25 -4.83 -18.48 -2.05
CA THR A 25 -4.19 -18.02 -0.81
C THR A 25 -5.02 -16.92 -0.16
N ILE A 26 -6.34 -17.03 -0.28
CA ILE A 26 -7.23 -16.04 0.31
C ILE A 26 -7.32 -16.24 1.82
N GLY A 27 -7.67 -17.45 2.24
CA GLY A 27 -7.78 -17.76 3.67
C GLY A 27 -6.80 -16.93 4.49
N PHE A 28 -5.56 -16.83 4.00
CA PHE A 28 -4.55 -16.05 4.70
C PHE A 28 -5.03 -14.61 4.83
N HIS A 29 -5.44 -14.05 3.71
CA HIS A 29 -5.94 -12.68 3.69
C HIS A 29 -7.15 -12.54 4.62
N ASP A 30 -8.17 -13.35 4.38
CA ASP A 30 -9.38 -13.29 5.19
C ASP A 30 -9.05 -13.42 6.68
N LYS A 31 -7.82 -13.84 6.98
CA LYS A 31 -7.40 -14.01 8.37
C LYS A 31 -6.55 -12.84 8.86
N TYR A 32 -5.34 -12.70 8.32
CA TYR A 32 -4.45 -11.64 8.75
C TYR A 32 -4.98 -10.27 8.33
N ILE A 33 -4.93 -10.01 7.03
CA ILE A 33 -5.39 -8.72 6.51
C ILE A 33 -6.89 -8.56 6.74
N LYS A 34 -7.68 -9.45 6.16
CA LYS A 34 -9.14 -9.40 6.32
C LYS A 34 -9.70 -8.08 5.79
N ASP A 35 -9.46 -6.99 6.51
CA ASP A 35 -9.95 -5.69 6.10
C ASP A 35 -9.10 -4.57 6.69
N ILE A 36 -8.67 -3.66 5.82
CA ILE A 36 -7.85 -2.53 6.25
C ILE A 36 -8.65 -1.24 6.19
N ASN A 37 -8.12 -0.17 6.78
CA ASN A 37 -8.81 1.12 6.78
C ASN A 37 -7.82 2.26 6.57
N ARG A 38 -6.55 1.92 6.35
CA ARG A 38 -5.53 2.93 6.13
C ARG A 38 -4.63 2.55 4.95
N PHE A 39 -5.01 3.05 3.78
CA PHE A 39 -4.25 2.79 2.56
C PHE A 39 -4.30 4.02 1.66
N VAL A 40 -3.13 4.52 1.26
CA VAL A 40 -3.08 5.72 0.42
C VAL A 40 -2.08 5.57 -0.71
N PHE A 41 -2.43 6.15 -1.86
CA PHE A 41 -1.58 6.11 -3.04
C PHE A 41 -1.25 7.54 -3.49
N LYS A 42 -0.66 8.33 -2.58
CA LYS A 42 -0.32 9.72 -2.87
C LYS A 42 1.16 9.96 -2.68
N ASN A 43 1.86 10.20 -3.79
CA ASN A 43 3.30 10.46 -3.80
C ASN A 43 3.92 9.73 -4.98
N ASN A 44 3.70 8.43 -5.03
CA ASN A 44 4.20 7.58 -6.11
C ASN A 44 4.23 6.12 -5.68
N VAL A 45 4.09 5.88 -4.38
CA VAL A 45 4.10 4.52 -3.85
C VAL A 45 2.77 4.21 -3.16
N LEU A 46 2.64 3.00 -2.65
CA LEU A 46 1.43 2.58 -1.96
C LEU A 46 1.76 2.07 -0.57
N LEU A 47 1.15 2.67 0.45
CA LEU A 47 1.40 2.27 1.83
C LEU A 47 0.10 1.76 2.46
N ILE A 48 0.21 0.74 3.30
CA ILE A 48 -0.96 0.16 3.96
C ILE A 48 -0.63 -0.35 5.35
N LEU A 49 -1.56 -0.18 6.28
CA LEU A 49 -1.36 -0.61 7.66
C LEU A 49 -1.36 -2.13 7.76
N LEU A 50 -0.48 -2.66 8.61
CA LEU A 50 -0.38 -4.10 8.82
C LEU A 50 0.40 -4.38 10.09
N GLU A 51 -0.26 -4.21 11.23
CA GLU A 51 0.38 -4.45 12.52
C GLU A 51 0.93 -5.87 12.61
N ASN A 52 0.12 -6.83 12.18
CA ASN A 52 0.52 -8.24 12.22
C ASN A 52 2.00 -8.39 11.85
N GLU A 53 2.84 -8.57 12.87
CA GLU A 53 4.26 -8.73 12.66
C GLU A 53 4.56 -9.93 11.77
N PHE A 54 3.68 -10.93 11.82
CA PHE A 54 3.86 -12.14 11.02
C PHE A 54 3.54 -11.85 9.55
N ALA A 55 2.25 -11.69 9.25
CA ALA A 55 1.83 -11.41 7.88
C ALA A 55 2.76 -10.40 7.23
N ARG A 56 3.26 -9.48 8.03
CA ARG A 56 4.17 -8.46 7.53
C ARG A 56 5.54 -9.06 7.27
N ASN A 57 5.95 -10.00 8.12
CA ASN A 57 7.24 -10.65 7.96
C ASN A 57 7.38 -11.24 6.56
N SER A 58 6.44 -12.14 6.25
CA SER A 58 6.42 -12.83 4.96
C SER A 58 6.05 -11.90 3.81
N LEU A 59 5.00 -11.11 3.98
CA LEU A 59 4.56 -10.20 2.93
C LEU A 59 5.75 -9.40 2.37
N ASN A 60 6.49 -8.76 3.27
CA ASN A 60 7.64 -7.96 2.84
C ASN A 60 8.82 -8.86 2.48
N ASP A 61 8.72 -10.14 2.82
CA ASP A 61 9.80 -11.09 2.51
C ASP A 61 9.78 -11.42 1.02
N ASN A 62 8.60 -11.30 0.41
CA ASN A 62 8.45 -11.58 -1.01
C ASN A 62 7.12 -11.06 -1.51
N SER A 63 6.91 -9.74 -1.40
CA SER A 63 5.67 -9.13 -1.85
C SER A 63 5.68 -9.00 -3.37
N GLU A 64 6.04 -7.80 -3.85
CA GLU A 64 6.06 -7.54 -5.28
C GLU A 64 4.65 -7.32 -5.80
N ILE A 65 3.75 -6.95 -4.89
CA ILE A 65 2.36 -6.71 -5.25
C ILE A 65 2.25 -5.84 -6.50
N ILE A 66 3.39 -5.43 -7.04
CA ILE A 66 3.41 -4.60 -8.25
C ILE A 66 3.37 -5.49 -9.50
N HIS A 67 3.83 -6.74 -9.36
CA HIS A 67 3.82 -7.69 -10.47
C HIS A 67 2.42 -7.88 -11.03
N LEU A 68 1.42 -7.38 -10.34
CA LEU A 68 0.03 -7.48 -10.83
C LEU A 68 -0.57 -6.08 -10.89
N ALA A 69 -0.44 -5.34 -9.79
CA ALA A 69 -0.98 -3.99 -9.71
C ALA A 69 -0.29 -3.06 -10.72
N GLU A 70 0.47 -3.65 -11.64
CA GLU A 70 1.17 -2.84 -12.64
C GLU A 70 0.30 -2.66 -13.89
N SER A 71 -1.02 -2.71 -13.70
CA SER A 71 -1.95 -2.56 -14.82
C SER A 71 -2.87 -1.36 -14.59
N LEU A 72 -3.69 -1.43 -13.55
CA LEU A 72 -4.62 -0.35 -13.24
C LEU A 72 -3.91 0.99 -13.36
N TYR A 73 -2.60 0.99 -13.11
CA TYR A 73 -1.81 2.23 -13.17
C TYR A 73 -0.74 2.10 -14.24
N GLU A 74 -0.30 3.23 -14.78
CA GLU A 74 0.72 3.24 -15.81
C GLU A 74 1.89 2.35 -15.40
N GLY A 75 1.93 1.98 -14.12
CA GLY A 75 2.99 1.13 -13.60
C GLY A 75 3.38 1.54 -12.18
N ILE A 76 2.72 0.94 -11.20
CA ILE A 76 3.00 1.25 -9.80
C ILE A 76 4.51 1.30 -9.57
N LYS A 77 4.93 2.04 -8.56
CA LYS A 77 6.34 2.15 -8.23
C LYS A 77 6.75 1.04 -7.26
N SER A 78 5.87 0.76 -6.30
CA SER A 78 6.14 -0.28 -5.31
C SER A 78 4.99 -0.41 -4.33
N VAL A 79 5.13 -1.32 -3.37
CA VAL A 79 4.10 -1.54 -2.36
C VAL A 79 4.76 -1.98 -1.05
N ASN A 80 4.17 -1.57 0.08
CA ASN A 80 4.73 -1.92 1.38
C ASN A 80 3.73 -1.71 2.51
N PHE A 81 3.93 -2.45 3.60
CA PHE A 81 3.06 -2.35 4.77
C PHE A 81 3.89 -2.11 6.02
N VAL A 82 3.29 -1.43 7.00
CA VAL A 82 3.99 -1.14 8.25
C VAL A 82 2.99 -1.05 9.41
N ASN A 83 3.35 -0.29 10.44
CA ASN A 83 2.48 -0.14 11.61
C ASN A 83 2.12 1.32 11.84
N GLU A 84 1.22 1.51 12.80
CA GLU A 84 0.72 2.83 13.16
C GLU A 84 1.81 3.90 13.10
N GLN A 85 2.66 3.91 14.11
CA GLN A 85 3.72 4.93 14.18
C GLN A 85 4.47 5.02 12.86
N ASP A 86 4.91 3.89 12.33
CA ASP A 86 5.63 3.89 11.08
C ASP A 86 4.86 4.70 10.03
N PHE A 87 3.69 4.20 9.64
CA PHE A 87 2.87 4.90 8.66
C PHE A 87 2.75 6.38 9.06
N PHE A 88 2.68 6.61 10.37
CA PHE A 88 2.56 7.98 10.89
C PHE A 88 3.82 8.78 10.60
N PHE A 89 4.94 8.09 10.40
CA PHE A 89 6.20 8.77 10.11
C PHE A 89 6.25 9.15 8.63
N ASN A 90 5.56 8.37 7.81
CA ASN A 90 5.54 8.63 6.37
C ASN A 90 4.49 9.69 6.03
N LEU A 91 4.18 10.54 7.01
CA LEU A 91 3.21 11.61 6.81
C LEU A 91 3.95 12.88 6.41
N ALA A 92 4.64 13.47 7.37
CA ALA A 92 5.39 14.70 7.11
C ALA A 92 6.56 14.44 6.18
N LYS A 93 7.15 13.25 6.30
CA LYS A 93 8.29 12.86 5.47
C LYS A 93 8.28 13.63 4.14
N LEU A 94 7.11 13.74 3.54
CA LEU A 94 6.98 14.45 2.27
C LEU A 94 7.63 15.83 2.36
N GLU A 95 8.91 15.91 2.00
CA GLU A 95 9.63 17.18 2.06
C GLU A 95 10.13 17.56 0.67
N GLU A 96 10.50 18.83 0.52
CA GLU A 96 10.99 19.33 -0.76
C GLU A 96 12.52 19.42 -0.76
N ASN A 97 13.04 20.60 -0.45
CA ASN A 97 14.48 20.82 -0.41
C ASN A 97 14.79 22.31 -0.35
N SER A 98 15.85 22.67 0.36
CA SER A 98 16.24 24.06 0.49
C SER A 98 17.68 24.19 0.98
N ARG A 99 18.46 23.13 0.79
CA ARG A 99 19.85 23.14 1.23
C ARG A 99 20.71 23.94 0.25
N ASP A 100 21.09 23.30 -0.85
CA ASP A 100 21.92 23.95 -1.86
C ASP A 100 21.90 23.15 -3.16
N THR A 101 21.05 22.14 -3.21
CA THR A 101 20.94 21.30 -4.40
C THR A 101 20.75 22.15 -5.65
N LEU A 102 21.84 22.36 -6.38
CA LEU A 102 21.78 23.16 -7.61
C LEU A 102 21.18 22.33 -8.74
N TYR A 103 21.26 22.85 -9.96
CA TYR A 103 20.72 22.15 -11.12
C TYR A 103 21.39 20.79 -11.27
N GLN A 104 20.60 19.72 -11.15
CA GLN A 104 21.13 18.37 -11.27
C GLN A 104 20.27 17.55 -12.24
N ASN A 105 20.46 17.77 -13.53
CA ASN A 105 19.71 17.04 -14.55
C ASN A 105 18.23 17.43 -14.50
N SER A 106 17.69 17.50 -13.27
CA SER A 106 16.28 17.86 -13.09
C SER A 106 16.11 18.77 -11.89
N GLY A 107 16.84 18.45 -10.81
CA GLY A 107 16.77 19.25 -9.59
C GLY A 107 15.38 19.15 -8.97
N MET A 8 -13.33 4.71 -6.95
CA MET A 8 -14.53 3.87 -7.22
C MET A 8 -14.10 2.42 -7.42
N GLU A 9 -14.30 1.91 -8.63
CA GLU A 9 -13.92 0.54 -8.94
C GLU A 9 -12.41 0.36 -8.85
N GLN A 10 -11.70 1.46 -8.72
CA GLN A 10 -10.25 1.44 -8.64
C GLN A 10 -9.78 0.36 -7.68
N PHE A 11 -9.83 0.67 -6.38
CA PHE A 11 -9.40 -0.30 -5.37
C PHE A 11 -9.94 -1.68 -5.72
N ASN A 12 -11.22 -1.75 -6.06
CA ASN A 12 -11.83 -3.02 -6.41
C ASN A 12 -11.09 -3.64 -7.61
N ALA A 13 -10.57 -2.79 -8.48
CA ALA A 13 -9.84 -3.25 -9.66
C ALA A 13 -8.50 -3.89 -9.30
N PHE A 14 -7.67 -3.15 -8.57
CA PHE A 14 -6.38 -3.66 -8.17
C PHE A 14 -6.54 -4.80 -7.17
N LYS A 15 -7.44 -4.62 -6.21
CA LYS A 15 -7.69 -5.64 -5.20
C LYS A 15 -8.17 -6.94 -5.83
N SER A 16 -9.24 -6.87 -6.61
CA SER A 16 -9.74 -8.09 -7.23
C SER A 16 -8.61 -8.73 -8.03
N LEU A 17 -7.69 -7.89 -8.48
CA LEU A 17 -6.54 -8.37 -9.23
C LEU A 17 -5.75 -9.35 -8.37
N LEU A 18 -5.63 -9.03 -7.08
CA LEU A 18 -4.91 -9.89 -6.16
C LEU A 18 -5.59 -11.25 -6.07
N LYS A 19 -6.92 -11.25 -5.97
CA LYS A 19 -7.66 -12.51 -5.90
C LYS A 19 -7.00 -13.55 -6.81
N LYS A 20 -6.92 -13.23 -8.10
CA LYS A 20 -6.30 -14.12 -9.08
C LYS A 20 -4.94 -14.58 -8.57
N HIS A 21 -4.22 -13.65 -7.95
CA HIS A 21 -2.89 -13.93 -7.41
C HIS A 21 -2.97 -14.86 -6.20
N TYR A 22 -3.63 -14.39 -5.15
CA TYR A 22 -3.76 -15.15 -3.92
C TYR A 22 -4.91 -16.15 -4.02
N GLU A 23 -5.26 -16.54 -5.24
CA GLU A 23 -6.34 -17.50 -5.43
C GLU A 23 -6.13 -18.70 -4.53
N LYS A 24 -4.88 -18.97 -4.17
CA LYS A 24 -4.54 -20.09 -3.31
C LYS A 24 -4.43 -19.62 -1.87
N THR A 25 -3.84 -18.44 -1.68
CA THR A 25 -3.67 -17.89 -0.34
C THR A 25 -4.92 -17.12 0.09
N ILE A 26 -6.08 -17.61 -0.31
CA ILE A 26 -7.33 -16.95 0.05
C ILE A 26 -7.38 -16.72 1.56
N GLY A 27 -7.48 -17.81 2.33
CA GLY A 27 -7.53 -17.72 3.78
C GLY A 27 -6.75 -16.52 4.29
N PHE A 28 -5.46 -16.46 3.94
CA PHE A 28 -4.62 -15.33 4.36
C PHE A 28 -5.40 -14.04 4.23
N HIS A 29 -6.01 -13.85 3.06
CA HIS A 29 -6.79 -12.64 2.83
C HIS A 29 -7.97 -12.58 3.81
N ASP A 30 -8.80 -13.61 3.81
CA ASP A 30 -9.94 -13.64 4.73
C ASP A 30 -9.45 -13.50 6.17
N LYS A 31 -8.14 -13.50 6.33
CA LYS A 31 -7.52 -13.37 7.65
C LYS A 31 -7.18 -11.92 7.98
N TYR A 32 -6.13 -11.36 7.37
CA TYR A 32 -5.75 -9.98 7.68
C TYR A 32 -6.22 -8.99 6.62
N ILE A 33 -5.71 -9.15 5.40
CA ILE A 33 -6.07 -8.24 4.32
C ILE A 33 -7.57 -7.91 4.33
N LYS A 34 -8.35 -8.70 5.06
CA LYS A 34 -9.79 -8.46 5.13
C LYS A 34 -10.11 -7.38 6.17
N ASP A 35 -10.04 -7.76 7.44
CA ASP A 35 -10.32 -6.81 8.52
C ASP A 35 -9.77 -5.43 8.21
N ILE A 36 -8.45 -5.33 8.16
CA ILE A 36 -7.81 -4.05 7.86
C ILE A 36 -8.52 -3.34 6.72
N ASN A 37 -8.26 -2.05 6.57
CA ASN A 37 -8.88 -1.27 5.51
C ASN A 37 -8.29 0.14 5.46
N ARG A 38 -6.96 0.22 5.48
CA ARG A 38 -6.28 1.51 5.42
C ARG A 38 -5.17 1.47 4.38
N PHE A 39 -5.36 2.24 3.32
CA PHE A 39 -4.38 2.31 2.23
C PHE A 39 -4.45 3.67 1.57
N VAL A 40 -3.31 4.15 1.07
CA VAL A 40 -3.27 5.46 0.42
C VAL A 40 -2.19 5.50 -0.67
N PHE A 41 -2.49 6.20 -1.76
CA PHE A 41 -1.55 6.33 -2.87
C PHE A 41 -1.54 7.77 -3.36
N LYS A 42 -1.13 8.68 -2.48
CA LYS A 42 -1.08 10.10 -2.81
C LYS A 42 0.33 10.66 -2.65
N ASN A 43 1.20 10.27 -3.58
CA ASN A 43 2.58 10.72 -3.55
C ASN A 43 3.34 10.10 -4.72
N ASN A 44 3.14 8.79 -4.90
CA ASN A 44 3.78 8.04 -5.97
C ASN A 44 3.91 6.57 -5.59
N VAL A 45 3.76 6.31 -4.29
CA VAL A 45 3.86 4.94 -3.78
C VAL A 45 2.56 4.53 -3.10
N LEU A 46 2.51 3.27 -2.66
CA LEU A 46 1.33 2.76 -1.99
C LEU A 46 1.69 2.16 -0.64
N LEU A 47 1.05 2.66 0.41
CA LEU A 47 1.32 2.17 1.77
C LEU A 47 0.05 1.57 2.35
N ILE A 48 0.22 0.52 3.17
CA ILE A 48 -0.91 -0.15 3.80
C ILE A 48 -0.59 -0.50 5.24
N LEU A 49 -1.52 -0.23 6.15
CA LEU A 49 -1.31 -0.52 7.56
C LEU A 49 -1.23 -2.02 7.83
N LEU A 50 -0.22 -2.43 8.58
CA LEU A 50 -0.04 -3.84 8.93
C LEU A 50 0.85 -3.98 10.15
N GLU A 51 0.24 -4.15 11.31
CA GLU A 51 0.99 -4.30 12.56
C GLU A 51 1.32 -5.77 12.81
N ASN A 52 0.45 -6.66 12.33
CA ASN A 52 0.65 -8.09 12.52
C ASN A 52 2.10 -8.46 12.24
N GLU A 53 2.80 -8.92 13.28
CA GLU A 53 4.20 -9.30 13.13
C GLU A 53 4.36 -10.45 12.14
N PHE A 54 3.38 -11.33 12.09
CA PHE A 54 3.44 -12.47 11.18
C PHE A 54 3.14 -12.02 9.75
N ALA A 55 1.87 -11.75 9.47
CA ALA A 55 1.45 -11.32 8.14
C ALA A 55 2.50 -10.40 7.51
N ARG A 56 3.21 -9.65 8.35
CA ARG A 56 4.22 -8.74 7.86
C ARG A 56 5.56 -9.45 7.67
N ASN A 57 5.83 -10.42 8.53
CA ASN A 57 7.07 -11.18 8.46
C ASN A 57 7.26 -11.78 7.07
N SER A 58 6.15 -12.31 6.53
CA SER A 58 6.16 -12.97 5.23
C SER A 58 5.87 -12.01 4.09
N LEU A 59 4.81 -11.20 4.24
CA LEU A 59 4.44 -10.26 3.18
C LEU A 59 5.66 -9.51 2.65
N ASN A 60 6.39 -8.83 3.54
CA ASN A 60 7.56 -8.08 3.12
C ASN A 60 8.71 -9.01 2.73
N ASP A 61 8.56 -10.30 3.02
CA ASP A 61 9.61 -11.25 2.67
C ASP A 61 9.58 -11.52 1.17
N ASN A 62 8.38 -11.44 0.61
CA ASN A 62 8.19 -11.67 -0.82
C ASN A 62 6.79 -11.20 -1.23
N SER A 63 6.71 -9.96 -1.73
CA SER A 63 5.43 -9.41 -2.13
C SER A 63 5.59 -8.42 -3.29
N GLU A 64 5.76 -8.96 -4.49
CA GLU A 64 5.92 -8.12 -5.67
C GLU A 64 4.55 -7.62 -6.15
N ILE A 65 3.79 -7.07 -5.21
CA ILE A 65 2.46 -6.55 -5.53
C ILE A 65 2.52 -5.57 -6.70
N ILE A 66 3.72 -5.29 -7.19
CA ILE A 66 3.89 -4.38 -8.31
C ILE A 66 3.83 -5.16 -9.62
N HIS A 67 3.63 -6.47 -9.50
CA HIS A 67 3.53 -7.37 -10.64
C HIS A 67 2.12 -7.36 -11.23
N LEU A 68 1.13 -6.98 -10.43
CA LEU A 68 -0.25 -6.94 -10.93
C LEU A 68 -0.83 -5.55 -10.71
N ALA A 69 -0.47 -4.95 -9.58
CA ALA A 69 -0.95 -3.63 -9.23
C ALA A 69 -0.59 -2.61 -10.32
N GLU A 70 0.01 -3.07 -11.41
CA GLU A 70 0.38 -2.14 -12.48
C GLU A 70 -0.84 -1.79 -13.33
N SER A 71 -1.01 -2.52 -14.42
CA SER A 71 -2.14 -2.30 -15.34
C SER A 71 -3.10 -1.22 -14.85
N LEU A 72 -3.78 -1.49 -13.73
CA LEU A 72 -4.74 -0.53 -13.19
C LEU A 72 -4.20 0.90 -13.29
N TYR A 73 -2.88 1.05 -13.16
CA TYR A 73 -2.26 2.37 -13.24
C TYR A 73 -1.30 2.41 -14.43
N GLU A 74 -0.57 3.53 -14.55
CA GLU A 74 0.38 3.68 -15.64
C GLU A 74 1.64 2.86 -15.37
N GLY A 75 1.94 2.63 -14.10
CA GLY A 75 3.11 1.85 -13.71
C GLY A 75 3.52 2.15 -12.28
N ILE A 76 2.86 1.48 -11.33
CA ILE A 76 3.16 1.68 -9.91
C ILE A 76 4.67 1.72 -9.69
N LYS A 77 5.10 2.49 -8.69
CA LYS A 77 6.52 2.60 -8.38
C LYS A 77 6.93 1.47 -7.44
N SER A 78 6.05 1.14 -6.49
CA SER A 78 6.32 0.08 -5.53
C SER A 78 5.12 -0.12 -4.59
N VAL A 79 5.27 -1.05 -3.66
CA VAL A 79 4.22 -1.35 -2.68
C VAL A 79 4.85 -1.78 -1.37
N ASN A 80 4.21 -1.43 -0.25
CA ASN A 80 4.74 -1.78 1.06
C ASN A 80 3.71 -1.54 2.17
N PHE A 81 3.96 -2.16 3.31
CA PHE A 81 3.08 -2.04 4.48
C PHE A 81 3.92 -1.94 5.75
N VAL A 82 3.41 -1.21 6.74
CA VAL A 82 4.14 -1.05 8.00
C VAL A 82 3.18 -0.74 9.14
N ASN A 83 3.73 -0.33 10.28
CA ASN A 83 2.92 -0.01 11.46
C ASN A 83 2.46 1.45 11.44
N GLU A 84 1.42 1.73 12.21
CA GLU A 84 0.84 3.07 12.29
C GLU A 84 1.93 4.15 12.27
N GLN A 85 2.70 4.25 13.34
CA GLN A 85 3.74 5.26 13.43
C GLN A 85 4.55 5.30 12.15
N ASP A 86 5.09 4.15 11.75
CA ASP A 86 5.88 4.07 10.54
C ASP A 86 5.13 4.71 9.37
N PHE A 87 4.04 4.08 8.95
CA PHE A 87 3.24 4.61 7.85
C PHE A 87 3.11 6.12 8.01
N PHE A 88 2.80 6.56 9.22
CA PHE A 88 2.65 7.98 9.49
C PHE A 88 3.92 8.72 9.05
N PHE A 89 5.03 8.42 9.72
CA PHE A 89 6.30 9.06 9.39
C PHE A 89 6.39 9.37 7.91
N ASN A 90 5.83 8.48 7.09
CA ASN A 90 5.84 8.68 5.65
C ASN A 90 4.82 9.76 5.26
N LEU A 91 3.59 9.60 5.76
CA LEU A 91 2.53 10.55 5.48
C LEU A 91 2.72 11.82 6.31
N ALA A 92 3.52 11.72 7.36
CA ALA A 92 3.76 12.87 8.22
C ALA A 92 4.92 13.70 7.68
N LYS A 93 5.96 13.02 7.20
CA LYS A 93 7.12 13.70 6.67
C LYS A 93 6.81 14.34 5.32
N LEU A 94 6.62 13.50 4.30
CA LEU A 94 6.32 14.00 2.96
C LEU A 94 7.46 14.88 2.46
N GLU A 95 7.55 16.08 3.00
CA GLU A 95 8.59 17.03 2.60
C GLU A 95 9.26 17.65 3.83
N GLU A 96 10.33 18.39 3.61
CA GLU A 96 11.04 19.03 4.71
C GLU A 96 10.21 20.17 5.30
N ASN A 97 9.27 20.68 4.51
CA ASN A 97 8.42 21.77 4.97
C ASN A 97 7.06 21.72 4.25
N SER A 98 6.67 22.84 3.67
CA SER A 98 5.38 22.91 2.96
C SER A 98 5.60 23.44 1.54
N ARG A 99 6.82 23.90 1.26
CA ARG A 99 7.15 24.43 -0.06
C ARG A 99 5.98 25.20 -0.65
N ASP A 100 5.96 26.51 -0.42
CA ASP A 100 4.89 27.36 -0.93
C ASP A 100 5.47 28.51 -1.76
N THR A 101 4.86 28.78 -2.90
CA THR A 101 5.33 29.86 -3.77
C THR A 101 4.85 31.21 -3.26
N LEU A 102 5.79 32.14 -3.08
CA LEU A 102 5.47 33.48 -2.60
C LEU A 102 5.02 34.35 -3.76
N TYR A 103 4.89 35.65 -3.49
CA TYR A 103 4.46 36.59 -4.53
C TYR A 103 5.61 36.85 -5.50
N GLN A 104 6.36 35.80 -5.82
CA GLN A 104 7.49 35.92 -6.74
C GLN A 104 7.59 34.68 -7.63
N ASN A 105 7.20 34.83 -8.89
CA ASN A 105 7.25 33.71 -9.82
C ASN A 105 6.85 34.17 -11.22
N SER A 106 7.60 33.71 -12.22
CA SER A 106 7.31 34.09 -13.60
C SER A 106 7.90 33.04 -14.57
N GLY A 107 7.04 32.46 -15.39
CA GLY A 107 7.48 31.45 -16.35
C GLY A 107 7.95 30.20 -15.64
N MET A 8 -13.75 5.49 -8.59
CA MET A 8 -14.84 4.48 -8.46
C MET A 8 -14.41 3.18 -9.11
N GLU A 9 -13.81 3.28 -10.30
CA GLU A 9 -13.36 2.10 -11.02
C GLU A 9 -11.94 1.74 -10.60
N GLN A 10 -11.07 2.75 -10.55
CA GLN A 10 -9.67 2.54 -10.16
C GLN A 10 -9.58 1.54 -9.03
N PHE A 11 -9.95 1.97 -7.83
CA PHE A 11 -9.89 1.09 -6.67
C PHE A 11 -10.46 -0.28 -7.01
N ASN A 12 -11.60 -0.28 -7.69
CA ASN A 12 -12.24 -1.53 -8.08
C ASN A 12 -11.43 -2.28 -9.12
N ALA A 13 -10.56 -1.57 -9.84
CA ALA A 13 -9.73 -2.19 -10.87
C ALA A 13 -8.47 -2.79 -10.26
N PHE A 14 -7.61 -1.93 -9.74
CA PHE A 14 -6.36 -2.38 -9.12
C PHE A 14 -6.65 -3.46 -8.08
N LYS A 15 -7.72 -3.27 -7.32
CA LYS A 15 -8.10 -4.22 -6.28
C LYS A 15 -8.69 -5.50 -6.86
N SER A 16 -9.55 -5.36 -7.86
CA SER A 16 -10.16 -6.55 -8.45
C SER A 16 -9.08 -7.44 -9.04
N LEU A 17 -7.93 -6.83 -9.37
CA LEU A 17 -6.82 -7.59 -9.92
C LEU A 17 -6.29 -8.53 -8.84
N LEU A 18 -6.10 -7.99 -7.64
CA LEU A 18 -5.61 -8.80 -6.54
C LEU A 18 -6.43 -10.07 -6.44
N LYS A 19 -7.75 -9.92 -6.29
CA LYS A 19 -8.65 -11.07 -6.21
C LYS A 19 -8.11 -12.24 -7.04
N LYS A 20 -7.74 -11.96 -8.28
CA LYS A 20 -7.21 -12.98 -9.18
C LYS A 20 -6.10 -13.79 -8.52
N HIS A 21 -5.14 -13.09 -7.91
CA HIS A 21 -4.00 -13.74 -7.27
C HIS A 21 -4.26 -14.03 -5.78
N TYR A 22 -4.86 -13.11 -5.06
CA TYR A 22 -5.12 -13.35 -3.64
C TYR A 22 -6.29 -14.32 -3.46
N GLU A 23 -6.58 -15.08 -4.50
CA GLU A 23 -7.69 -16.05 -4.43
C GLU A 23 -7.23 -17.31 -3.72
N LYS A 24 -6.05 -17.81 -4.09
CA LYS A 24 -5.51 -19.01 -3.48
C LYS A 24 -4.94 -18.69 -2.10
N THR A 25 -4.75 -17.40 -1.83
CA THR A 25 -4.22 -16.97 -0.55
C THR A 25 -5.36 -16.58 0.39
N ILE A 26 -6.57 -17.03 0.05
CA ILE A 26 -7.75 -16.72 0.86
C ILE A 26 -7.61 -17.30 2.26
N GLY A 27 -6.47 -17.95 2.52
CA GLY A 27 -6.22 -18.52 3.83
C GLY A 27 -5.49 -17.51 4.70
N PHE A 28 -4.25 -17.21 4.33
CA PHE A 28 -3.46 -16.22 5.06
C PHE A 28 -4.33 -14.99 5.28
N HIS A 29 -5.20 -14.73 4.32
CA HIS A 29 -6.10 -13.59 4.38
C HIS A 29 -7.09 -13.80 5.53
N ASP A 30 -8.01 -14.75 5.34
CA ASP A 30 -8.99 -15.04 6.38
C ASP A 30 -8.35 -15.01 7.77
N LYS A 31 -7.07 -15.36 7.81
CA LYS A 31 -6.32 -15.40 9.07
C LYS A 31 -5.76 -14.04 9.47
N TYR A 32 -4.69 -13.62 8.82
CA TYR A 32 -4.05 -12.36 9.18
C TYR A 32 -4.85 -11.15 8.69
N ILE A 33 -4.81 -10.91 7.39
CA ILE A 33 -5.52 -9.77 6.81
C ILE A 33 -6.99 -9.77 7.24
N LYS A 34 -7.67 -10.88 6.97
CA LYS A 34 -9.07 -11.01 7.32
C LYS A 34 -9.84 -9.76 6.91
N ASP A 35 -9.93 -8.79 7.82
CA ASP A 35 -10.64 -7.54 7.53
C ASP A 35 -9.68 -6.52 6.93
N ILE A 36 -9.06 -5.71 7.79
CA ILE A 36 -8.12 -4.69 7.34
C ILE A 36 -8.64 -3.96 6.11
N ASN A 37 -8.87 -2.66 6.25
CA ASN A 37 -9.38 -1.85 5.14
C ASN A 37 -8.72 -0.48 5.12
N ARG A 38 -7.43 -0.42 5.47
CA ARG A 38 -6.71 0.85 5.47
C ARG A 38 -5.50 0.77 4.53
N PHE A 39 -5.55 1.56 3.46
CA PHE A 39 -4.49 1.59 2.47
C PHE A 39 -4.59 2.86 1.64
N VAL A 40 -3.45 3.31 1.10
CA VAL A 40 -3.44 4.53 0.30
C VAL A 40 -2.30 4.52 -0.72
N PHE A 41 -2.51 5.24 -1.82
CA PHE A 41 -1.51 5.35 -2.88
C PHE A 41 -1.32 6.82 -3.26
N LYS A 42 -1.08 7.66 -2.26
CA LYS A 42 -0.88 9.09 -2.49
C LYS A 42 0.49 9.53 -2.02
N ASN A 43 1.52 8.86 -2.53
CA ASN A 43 2.89 9.20 -2.14
C ASN A 43 3.90 8.41 -3.00
N ASN A 44 3.57 8.25 -4.28
CA ASN A 44 4.45 7.51 -5.18
C ASN A 44 4.75 6.12 -4.61
N VAL A 45 4.01 5.75 -3.58
CA VAL A 45 4.18 4.44 -2.94
C VAL A 45 2.87 3.94 -2.37
N LEU A 46 2.81 2.65 -2.05
CA LEU A 46 1.60 2.06 -1.49
C LEU A 46 1.87 1.54 -0.09
N LEU A 47 1.14 2.07 0.89
CA LEU A 47 1.31 1.63 2.27
C LEU A 47 0.00 1.06 2.81
N ILE A 48 0.11 -0.01 3.57
CA ILE A 48 -1.06 -0.67 4.14
C ILE A 48 -0.85 -0.99 5.63
N LEU A 49 -1.84 -0.64 6.44
CA LEU A 49 -1.75 -0.88 7.87
C LEU A 49 -1.56 -2.37 8.16
N LEU A 50 -0.52 -2.67 8.93
CA LEU A 50 -0.22 -4.06 9.28
C LEU A 50 0.70 -4.12 10.49
N GLU A 51 0.11 -4.11 11.68
CA GLU A 51 0.89 -4.17 12.91
C GLU A 51 1.35 -5.59 13.18
N ASN A 52 0.60 -6.56 12.67
CA ASN A 52 0.95 -7.97 12.86
C ASN A 52 2.43 -8.21 12.56
N GLU A 53 3.15 -8.73 13.54
CA GLU A 53 4.57 -9.00 13.38
C GLU A 53 4.81 -10.18 12.43
N PHE A 54 4.17 -11.31 12.71
CA PHE A 54 4.35 -12.49 11.88
C PHE A 54 4.02 -12.20 10.43
N ALA A 55 2.76 -11.82 10.17
CA ALA A 55 2.33 -11.51 8.82
C ALA A 55 3.33 -10.60 8.13
N ARG A 56 3.53 -9.41 8.70
CA ARG A 56 4.45 -8.44 8.12
C ARG A 56 5.81 -9.10 7.84
N ASN A 57 6.28 -9.89 8.78
CA ASN A 57 7.58 -10.55 8.63
C ASN A 57 7.70 -11.22 7.27
N SER A 58 6.73 -12.10 7.00
CA SER A 58 6.67 -12.86 5.76
C SER A 58 6.27 -12.01 4.56
N LEU A 59 5.32 -11.09 4.74
CA LEU A 59 4.89 -10.25 3.64
C LEU A 59 6.07 -9.47 3.09
N ASN A 60 6.84 -8.84 3.97
CA ASN A 60 8.00 -8.07 3.53
C ASN A 60 9.13 -9.01 3.11
N ASP A 61 9.06 -10.26 3.57
CA ASP A 61 10.07 -11.25 3.21
C ASP A 61 9.96 -11.56 1.73
N ASN A 62 8.74 -11.37 1.21
CA ASN A 62 8.45 -11.62 -0.19
C ASN A 62 7.08 -11.05 -0.54
N SER A 63 7.05 -9.96 -1.30
CA SER A 63 5.79 -9.34 -1.69
C SER A 63 5.95 -8.55 -2.98
N GLU A 64 5.88 -9.26 -4.10
CA GLU A 64 6.02 -8.62 -5.41
C GLU A 64 4.66 -8.20 -5.95
N ILE A 65 3.89 -7.50 -5.13
CA ILE A 65 2.56 -7.03 -5.55
C ILE A 65 2.70 -6.09 -6.75
N ILE A 66 3.91 -5.61 -6.99
CA ILE A 66 4.15 -4.71 -8.11
C ILE A 66 4.11 -5.51 -9.42
N HIS A 67 3.81 -6.80 -9.27
CA HIS A 67 3.71 -7.72 -10.40
C HIS A 67 2.37 -7.59 -11.13
N LEU A 68 1.28 -7.52 -10.37
CA LEU A 68 -0.05 -7.39 -10.98
C LEU A 68 -0.50 -5.94 -11.00
N ALA A 69 -0.15 -5.20 -9.97
CA ALA A 69 -0.52 -3.80 -9.85
C ALA A 69 0.03 -2.97 -11.02
N GLU A 70 1.22 -3.31 -11.48
CA GLU A 70 1.85 -2.56 -12.56
C GLU A 70 1.10 -2.70 -13.88
N SER A 71 -0.22 -2.80 -13.81
CA SER A 71 -1.02 -2.94 -15.04
C SER A 71 -2.06 -1.82 -15.15
N LEU A 72 -2.48 -1.30 -14.01
CA LEU A 72 -3.47 -0.22 -14.01
C LEU A 72 -2.77 1.15 -14.10
N TYR A 73 -1.59 1.24 -13.51
CA TYR A 73 -0.82 2.49 -13.55
C TYR A 73 0.62 2.25 -13.09
N GLU A 74 1.54 2.28 -14.05
CA GLU A 74 2.95 2.05 -13.76
C GLU A 74 3.40 2.88 -12.55
N GLY A 75 2.55 3.80 -12.13
CA GLY A 75 2.87 4.65 -10.98
C GLY A 75 3.29 3.81 -9.78
N ILE A 76 3.20 2.49 -9.92
CA ILE A 76 3.56 1.59 -8.82
C ILE A 76 5.08 1.49 -8.67
N LYS A 77 5.62 2.17 -7.68
CA LYS A 77 7.06 2.13 -7.42
C LYS A 77 7.40 0.90 -6.60
N SER A 78 6.47 0.51 -5.74
CA SER A 78 6.66 -0.65 -4.88
C SER A 78 5.44 -0.81 -3.95
N VAL A 79 5.54 -1.75 -3.01
CA VAL A 79 4.46 -1.99 -2.07
C VAL A 79 5.02 -2.45 -0.72
N ASN A 80 4.35 -2.06 0.36
CA ASN A 80 4.80 -2.42 1.69
C ASN A 80 3.73 -2.17 2.75
N PHE A 81 3.85 -2.89 3.86
CA PHE A 81 2.93 -2.78 4.97
C PHE A 81 3.69 -2.44 6.25
N VAL A 82 3.11 -1.58 7.08
CA VAL A 82 3.77 -1.19 8.33
C VAL A 82 2.75 -0.76 9.38
N ASN A 83 3.26 -0.27 10.51
CA ASN A 83 2.38 0.17 11.60
C ASN A 83 1.86 1.57 11.30
N GLU A 84 0.73 1.90 11.93
CA GLU A 84 0.12 3.22 11.73
C GLU A 84 1.10 4.36 12.00
N GLN A 85 2.03 4.13 12.92
CA GLN A 85 3.01 5.17 13.25
C GLN A 85 4.01 5.37 12.11
N ASP A 86 4.63 4.29 11.67
CA ASP A 86 5.61 4.38 10.59
C ASP A 86 4.93 4.88 9.31
N PHE A 87 3.82 4.26 8.94
CA PHE A 87 3.09 4.66 7.74
C PHE A 87 2.83 6.16 7.78
N PHE A 88 2.53 6.67 8.97
CA PHE A 88 2.27 8.09 9.14
C PHE A 88 3.49 8.93 8.77
N PHE A 89 4.64 8.55 9.31
CA PHE A 89 5.87 9.27 9.03
C PHE A 89 6.12 9.35 7.53
N ASN A 90 5.62 8.36 6.80
CA ASN A 90 5.78 8.32 5.36
C ASN A 90 4.79 9.28 4.71
N LEU A 91 3.54 9.19 5.13
CA LEU A 91 2.48 10.05 4.59
C LEU A 91 2.48 11.40 5.29
N ALA A 92 3.32 11.54 6.32
CA ALA A 92 3.39 12.80 7.05
C ALA A 92 4.67 13.55 6.71
N LYS A 93 5.34 13.14 5.64
CA LYS A 93 6.57 13.79 5.20
C LYS A 93 6.41 14.38 3.80
N LEU A 94 5.28 14.07 3.18
CA LEU A 94 5.00 14.57 1.83
C LEU A 94 5.47 16.03 1.67
N GLU A 95 6.71 16.19 1.23
CA GLU A 95 7.27 17.53 1.05
C GLU A 95 6.89 18.45 2.21
N GLU A 96 6.77 19.73 1.92
CA GLU A 96 6.42 20.71 2.94
C GLU A 96 5.45 21.76 2.39
N ASN A 97 5.00 21.54 1.15
CA ASN A 97 4.07 22.48 0.52
C ASN A 97 2.67 22.32 1.11
N SER A 98 2.06 23.43 1.48
CA SER A 98 0.72 23.40 2.06
C SER A 98 0.05 24.77 1.96
N ARG A 99 0.22 25.43 0.81
CA ARG A 99 -0.37 26.74 0.59
C ARG A 99 -1.87 26.60 0.31
N ASP A 100 -2.63 27.62 0.70
CA ASP A 100 -4.08 27.60 0.47
C ASP A 100 -4.62 29.02 0.29
N THR A 101 -3.70 29.95 0.06
CA THR A 101 -4.04 31.37 -0.15
C THR A 101 -5.55 31.61 0.00
N LEU A 102 -5.93 32.34 1.03
CA LEU A 102 -7.34 32.65 1.27
C LEU A 102 -7.96 33.28 0.02
N TYR A 103 -9.16 33.86 0.19
CA TYR A 103 -9.85 34.49 -0.93
C TYR A 103 -8.87 35.25 -1.81
N GLN A 104 -9.15 35.26 -3.12
CA GLN A 104 -8.28 35.96 -4.06
C GLN A 104 -9.11 36.58 -5.17
N ASN A 105 -8.59 36.56 -6.40
CA ASN A 105 -9.30 37.13 -7.54
C ASN A 105 -8.90 36.42 -8.83
N SER A 106 -9.91 35.96 -9.58
CA SER A 106 -9.67 35.27 -10.83
C SER A 106 -10.92 35.25 -11.69
N GLY A 107 -12.05 35.58 -11.07
CA GLY A 107 -13.32 35.60 -11.80
C GLY A 107 -13.54 36.94 -12.48
N MET A 8 -12.58 5.23 -4.89
CA MET A 8 -13.76 4.62 -5.57
C MET A 8 -13.46 3.17 -5.90
N GLU A 9 -13.69 2.80 -7.16
CA GLU A 9 -13.45 1.44 -7.61
C GLU A 9 -11.96 1.18 -7.77
N GLN A 10 -11.19 2.25 -7.90
CA GLN A 10 -9.74 2.15 -8.08
C GLN A 10 -9.18 0.99 -7.25
N PHE A 11 -9.07 1.21 -5.96
CA PHE A 11 -8.53 0.17 -5.09
C PHE A 11 -9.29 -1.13 -5.33
N ASN A 12 -10.58 -1.03 -5.58
CA ASN A 12 -11.37 -2.22 -5.87
C ASN A 12 -10.79 -2.91 -7.11
N ALA A 13 -10.21 -2.08 -7.99
CA ALA A 13 -9.62 -2.60 -9.22
C ALA A 13 -8.36 -3.41 -8.89
N PHE A 14 -7.42 -2.78 -8.18
CA PHE A 14 -6.20 -3.46 -7.80
C PHE A 14 -6.54 -4.68 -6.94
N LYS A 15 -7.56 -4.52 -6.11
CA LYS A 15 -8.00 -5.60 -5.24
C LYS A 15 -8.33 -6.85 -6.05
N SER A 16 -9.25 -6.70 -7.00
CA SER A 16 -9.64 -7.82 -7.83
C SER A 16 -8.40 -8.52 -8.36
N LEU A 17 -7.40 -7.73 -8.77
CA LEU A 17 -6.17 -8.30 -9.28
C LEU A 17 -5.61 -9.31 -8.27
N LEU A 18 -5.82 -9.04 -6.99
CA LEU A 18 -5.31 -9.94 -5.94
C LEU A 18 -6.19 -11.18 -5.85
N LYS A 19 -7.46 -11.06 -6.19
CA LYS A 19 -8.35 -12.21 -6.12
C LYS A 19 -7.77 -13.37 -6.95
N LYS A 20 -7.65 -13.17 -8.25
CA LYS A 20 -7.11 -14.19 -9.14
C LYS A 20 -5.76 -14.67 -8.63
N HIS A 21 -4.97 -13.72 -8.14
CA HIS A 21 -3.63 -14.03 -7.61
C HIS A 21 -3.73 -14.90 -6.36
N TYR A 22 -4.24 -14.30 -5.29
CA TYR A 22 -4.37 -14.99 -4.01
C TYR A 22 -5.51 -16.00 -4.03
N GLU A 23 -5.93 -16.41 -5.23
CA GLU A 23 -7.01 -17.38 -5.34
C GLU A 23 -6.60 -18.71 -4.72
N LYS A 24 -5.39 -18.76 -4.16
CA LYS A 24 -4.88 -19.98 -3.55
C LYS A 24 -4.33 -19.68 -2.16
N THR A 25 -4.61 -18.49 -1.66
CA THR A 25 -4.13 -18.09 -0.33
C THR A 25 -5.26 -17.40 0.44
N ILE A 26 -6.46 -17.97 0.38
CA ILE A 26 -7.61 -17.41 1.06
C ILE A 26 -7.37 -17.29 2.56
N GLY A 27 -7.43 -18.42 3.26
CA GLY A 27 -7.23 -18.43 4.71
C GLY A 27 -6.43 -17.23 5.16
N PHE A 28 -5.17 -17.15 4.73
CA PHE A 28 -4.31 -16.04 5.09
C PHE A 28 -5.09 -14.73 5.05
N HIS A 29 -5.85 -14.54 3.97
CA HIS A 29 -6.65 -13.32 3.81
C HIS A 29 -7.63 -13.19 4.97
N ASP A 30 -8.50 -14.18 5.12
CA ASP A 30 -9.49 -14.15 6.20
C ASP A 30 -8.80 -14.09 7.56
N LYS A 31 -7.47 -14.17 7.55
CA LYS A 31 -6.69 -14.13 8.79
C LYS A 31 -6.42 -12.69 9.24
N TYR A 32 -5.54 -11.99 8.52
CA TYR A 32 -5.19 -10.62 8.89
C TYR A 32 -5.78 -9.60 7.93
N ILE A 33 -5.30 -9.60 6.68
CA ILE A 33 -5.79 -8.65 5.70
C ILE A 33 -7.31 -8.49 5.80
N LYS A 34 -8.01 -9.61 5.96
CA LYS A 34 -9.46 -9.59 6.08
C LYS A 34 -10.06 -8.50 5.19
N ASP A 35 -10.29 -7.33 5.77
CA ASP A 35 -10.86 -6.21 5.02
C ASP A 35 -10.34 -4.89 5.55
N ILE A 36 -9.69 -4.13 4.66
CA ILE A 36 -9.12 -2.83 5.02
C ILE A 36 -9.54 -1.78 4.00
N ASN A 37 -9.32 -0.51 4.32
CA ASN A 37 -9.67 0.57 3.43
C ASN A 37 -8.78 1.78 3.66
N ARG A 38 -7.50 1.54 3.91
CA ARG A 38 -6.55 2.63 4.15
C ARG A 38 -5.26 2.40 3.39
N PHE A 39 -5.04 3.22 2.37
CA PHE A 39 -3.83 3.13 1.55
C PHE A 39 -3.41 4.50 1.06
N VAL A 40 -2.19 4.60 0.52
CA VAL A 40 -1.70 5.88 0.02
C VAL A 40 -0.90 5.71 -1.26
N PHE A 41 -1.41 6.27 -2.34
CA PHE A 41 -0.77 6.18 -3.65
C PHE A 41 -0.57 7.57 -4.24
N LYS A 42 0.64 7.84 -4.72
CA LYS A 42 0.96 9.13 -5.33
C LYS A 42 1.63 8.93 -6.68
N ASN A 43 2.69 8.13 -6.69
CA ASN A 43 3.43 7.85 -7.93
C ASN A 43 4.79 7.25 -7.60
N ASN A 44 5.36 7.67 -6.47
CA ASN A 44 6.68 7.18 -6.08
C ASN A 44 6.59 5.81 -5.44
N VAL A 45 5.69 5.67 -4.48
CA VAL A 45 5.53 4.39 -3.78
C VAL A 45 4.11 4.23 -3.25
N LEU A 46 3.78 3.01 -2.84
CA LEU A 46 2.45 2.69 -2.30
C LEU A 46 2.57 2.06 -0.92
N LEU A 47 1.88 2.64 0.07
CA LEU A 47 1.91 2.12 1.43
C LEU A 47 0.51 1.67 1.85
N ILE A 48 0.44 0.63 2.67
CA ILE A 48 -0.85 0.11 3.11
C ILE A 48 -0.84 -0.30 4.57
N LEU A 49 -1.93 0.01 5.27
CA LEU A 49 -2.05 -0.32 6.69
C LEU A 49 -1.93 -1.83 6.91
N LEU A 50 -1.06 -2.23 7.84
CA LEU A 50 -0.84 -3.64 8.15
C LEU A 50 -0.20 -3.76 9.53
N GLU A 51 -0.94 -4.35 10.48
CA GLU A 51 -0.43 -4.50 11.84
C GLU A 51 0.36 -5.81 12.02
N ASN A 52 -0.35 -6.94 11.99
CA ASN A 52 0.29 -8.25 12.17
C ASN A 52 1.73 -8.25 11.64
N GLU A 53 2.66 -7.90 12.52
CA GLU A 53 4.09 -7.86 12.15
C GLU A 53 4.44 -9.02 11.23
N PHE A 54 3.87 -10.19 11.48
CA PHE A 54 4.15 -11.34 10.64
C PHE A 54 3.65 -11.08 9.22
N ALA A 55 2.34 -10.99 9.08
CA ALA A 55 1.73 -10.74 7.77
C ALA A 55 2.58 -9.80 6.92
N ARG A 56 3.29 -8.88 7.58
CA ARG A 56 4.13 -7.91 6.88
C ARG A 56 5.48 -8.50 6.52
N ASN A 57 5.99 -9.40 7.35
CA ASN A 57 7.28 -10.01 7.08
C ASN A 57 7.19 -10.94 5.89
N SER A 58 5.98 -11.41 5.61
CA SER A 58 5.73 -12.32 4.50
C SER A 58 5.41 -11.56 3.22
N LEU A 59 4.33 -10.78 3.27
CA LEU A 59 3.89 -10.01 2.12
C LEU A 59 5.04 -9.21 1.49
N ASN A 60 5.92 -8.70 2.33
CA ASN A 60 7.02 -7.89 1.82
C ASN A 60 8.30 -8.69 1.59
N ASP A 61 8.40 -9.90 2.15
CA ASP A 61 9.61 -10.70 1.95
C ASP A 61 9.47 -11.61 0.74
N ASN A 62 8.22 -11.95 0.42
CA ASN A 62 7.93 -12.81 -0.72
C ASN A 62 6.50 -12.60 -1.20
N SER A 63 6.34 -11.75 -2.21
CA SER A 63 5.01 -11.48 -2.74
C SER A 63 5.11 -10.86 -4.13
N GLU A 64 5.75 -9.69 -4.22
CA GLU A 64 5.91 -9.00 -5.50
C GLU A 64 4.57 -8.44 -5.96
N ILE A 65 3.91 -7.69 -5.08
CA ILE A 65 2.62 -7.11 -5.42
C ILE A 65 2.78 -6.14 -6.59
N ILE A 66 4.01 -6.00 -7.08
CA ILE A 66 4.29 -5.12 -8.21
C ILE A 66 4.10 -5.88 -9.53
N HIS A 67 3.89 -7.19 -9.41
CA HIS A 67 3.67 -8.04 -10.58
C HIS A 67 2.26 -7.86 -11.14
N LEU A 68 1.34 -7.41 -10.30
CA LEU A 68 -0.04 -7.20 -10.74
C LEU A 68 -0.37 -5.71 -10.74
N ALA A 69 0.10 -5.02 -9.70
CA ALA A 69 -0.13 -3.59 -9.57
C ALA A 69 0.42 -2.84 -10.79
N GLU A 70 1.33 -3.48 -11.51
CA GLU A 70 1.94 -2.86 -12.68
C GLU A 70 0.95 -2.75 -13.84
N SER A 71 -0.25 -3.32 -13.67
CA SER A 71 -1.25 -3.26 -14.73
C SER A 71 -2.25 -2.15 -14.43
N LEU A 72 -2.55 -1.95 -13.15
CA LEU A 72 -3.49 -0.91 -12.76
C LEU A 72 -2.75 0.40 -12.53
N TYR A 73 -1.52 0.29 -12.03
CA TYR A 73 -0.68 1.45 -11.76
C TYR A 73 0.59 1.39 -12.59
N GLU A 74 0.70 2.27 -13.59
CA GLU A 74 1.87 2.29 -14.45
C GLU A 74 3.00 3.10 -13.81
N GLY A 75 4.15 2.46 -13.60
CA GLY A 75 5.30 3.13 -13.00
C GLY A 75 5.51 2.70 -11.56
N ILE A 76 4.87 1.59 -11.17
CA ILE A 76 4.99 1.09 -9.81
C ILE A 76 6.44 0.77 -9.48
N LYS A 77 6.95 1.40 -8.43
CA LYS A 77 8.33 1.18 -7.99
C LYS A 77 8.38 -0.03 -7.07
N SER A 78 7.32 -0.22 -6.29
CA SER A 78 7.24 -1.33 -5.35
C SER A 78 5.99 -1.20 -4.48
N VAL A 79 5.89 -2.05 -3.47
CA VAL A 79 4.75 -2.02 -2.56
C VAL A 79 5.20 -2.33 -1.14
N ASN A 80 4.62 -1.62 -0.18
CA ASN A 80 4.99 -1.79 1.23
C ASN A 80 3.77 -1.70 2.14
N PHE A 81 3.92 -2.29 3.33
CA PHE A 81 2.85 -2.28 4.32
C PHE A 81 3.46 -2.26 5.72
N VAL A 82 2.89 -1.48 6.64
CA VAL A 82 3.43 -1.38 7.99
C VAL A 82 2.35 -1.11 9.02
N ASN A 83 2.76 -0.78 10.24
CA ASN A 83 1.81 -0.51 11.31
C ASN A 83 1.25 0.90 11.18
N GLU A 84 0.11 1.12 11.83
CA GLU A 84 -0.57 2.41 11.79
C GLU A 84 0.37 3.57 12.15
N GLN A 85 1.36 3.31 13.00
CA GLN A 85 2.28 4.36 13.40
C GLN A 85 3.31 4.62 12.30
N ASP A 86 4.03 3.57 11.91
CA ASP A 86 5.03 3.71 10.86
C ASP A 86 4.39 4.29 9.60
N PHE A 87 3.27 3.70 9.18
CA PHE A 87 2.56 4.16 8.01
C PHE A 87 2.28 5.66 8.12
N PHE A 88 1.85 6.08 9.31
CA PHE A 88 1.55 7.49 9.55
C PHE A 88 2.83 8.30 9.67
N PHE A 89 3.96 7.62 9.82
CA PHE A 89 5.24 8.31 9.93
C PHE A 89 5.65 8.85 8.57
N ASN A 90 5.40 8.05 7.53
CA ASN A 90 5.74 8.46 6.18
C ASN A 90 4.82 9.59 5.72
N LEU A 91 3.58 9.55 6.21
CA LEU A 91 2.60 10.58 5.87
C LEU A 91 2.93 11.87 6.61
N ALA A 92 3.75 11.75 7.64
CA ALA A 92 4.14 12.91 8.43
C ALA A 92 5.32 13.63 7.79
N LYS A 93 6.16 12.88 7.09
CA LYS A 93 7.33 13.45 6.43
C LYS A 93 6.96 14.75 5.72
N LEU A 94 5.94 14.70 4.88
CA LEU A 94 5.50 15.88 4.14
C LEU A 94 5.63 17.15 5.00
N GLU A 95 6.66 17.94 4.71
CA GLU A 95 6.88 19.17 5.45
C GLU A 95 5.76 20.17 5.21
N GLU A 96 5.65 21.17 6.09
CA GLU A 96 4.62 22.19 5.96
C GLU A 96 5.16 23.56 6.33
N ASN A 97 6.49 23.69 6.32
CA ASN A 97 7.12 24.96 6.66
C ASN A 97 6.72 26.04 5.67
N SER A 98 7.70 26.74 5.11
CA SER A 98 7.44 27.80 4.15
C SER A 98 8.65 28.02 3.25
N ARG A 99 8.80 29.24 2.75
CA ARG A 99 9.93 29.56 1.88
C ARG A 99 11.20 29.74 2.69
N ASP A 100 11.70 28.63 3.25
CA ASP A 100 12.91 28.67 4.06
C ASP A 100 13.56 27.29 4.12
N THR A 101 12.86 26.29 3.58
CA THR A 101 13.38 24.93 3.58
C THR A 101 14.58 24.82 2.65
N LEU A 102 15.64 24.18 3.14
CA LEU A 102 16.86 24.01 2.35
C LEU A 102 16.59 23.09 1.16
N TYR A 103 16.09 23.66 0.07
CA TYR A 103 15.78 22.88 -1.12
C TYR A 103 16.25 23.61 -2.37
N GLN A 104 16.90 24.76 -2.18
CA GLN A 104 17.39 25.56 -3.29
C GLN A 104 18.47 26.52 -2.82
N ASN A 105 19.72 26.05 -2.82
CA ASN A 105 20.84 26.88 -2.40
C ASN A 105 22.12 26.47 -3.12
N SER A 106 23.20 27.19 -2.88
CA SER A 106 24.47 26.89 -3.51
C SER A 106 25.63 27.53 -2.73
N GLY A 107 26.85 27.16 -3.10
CA GLY A 107 28.02 27.71 -2.44
C GLY A 107 28.29 26.99 -1.12
N MET A 8 -14.47 5.53 -10.14
CA MET A 8 -14.61 4.84 -8.83
C MET A 8 -14.28 3.36 -8.99
N GLU A 9 -14.04 2.96 -10.24
CA GLU A 9 -13.71 1.57 -10.52
C GLU A 9 -12.24 1.29 -10.24
N GLN A 10 -11.47 2.36 -10.11
CA GLN A 10 -10.04 2.24 -9.83
C GLN A 10 -9.78 1.22 -8.73
N PHE A 11 -10.03 1.61 -7.48
CA PHE A 11 -9.82 0.71 -6.36
C PHE A 11 -10.31 -0.68 -6.71
N ASN A 12 -11.55 -0.74 -7.17
CA ASN A 12 -12.17 -2.02 -7.56
C ASN A 12 -11.33 -2.71 -8.63
N ALA A 13 -10.63 -1.92 -9.45
CA ALA A 13 -9.80 -2.48 -10.51
C ALA A 13 -8.47 -2.98 -9.97
N PHE A 14 -7.71 -2.09 -9.35
CA PHE A 14 -6.41 -2.46 -8.80
C PHE A 14 -6.57 -3.55 -7.73
N LYS A 15 -7.51 -3.34 -6.81
CA LYS A 15 -7.73 -4.31 -5.74
C LYS A 15 -8.19 -5.65 -6.32
N SER A 16 -9.18 -5.63 -7.20
CA SER A 16 -9.67 -6.88 -7.78
C SER A 16 -8.51 -7.67 -8.38
N LEU A 17 -7.50 -6.95 -8.86
CA LEU A 17 -6.34 -7.62 -9.43
C LEU A 17 -5.62 -8.43 -8.35
N LEU A 18 -5.63 -7.91 -7.12
CA LEU A 18 -4.97 -8.63 -6.02
C LEU A 18 -5.66 -9.97 -5.85
N LYS A 19 -6.99 -9.96 -5.84
CA LYS A 19 -7.75 -11.21 -5.71
C LYS A 19 -7.08 -12.29 -6.56
N LYS A 20 -6.93 -12.03 -7.85
CA LYS A 20 -6.28 -12.97 -8.75
C LYS A 20 -5.00 -13.49 -8.11
N HIS A 21 -4.25 -12.57 -7.50
CA HIS A 21 -3.00 -12.91 -6.83
C HIS A 21 -3.24 -13.76 -5.59
N TYR A 22 -4.02 -13.23 -4.66
CA TYR A 22 -4.32 -13.93 -3.41
C TYR A 22 -5.64 -14.69 -3.51
N GLU A 23 -5.94 -15.19 -4.70
CA GLU A 23 -7.19 -15.93 -4.91
C GLU A 23 -7.20 -17.20 -4.07
N LYS A 24 -6.20 -18.05 -4.28
CA LYS A 24 -6.11 -19.31 -3.54
C LYS A 24 -5.46 -19.10 -2.18
N THR A 25 -5.27 -17.84 -1.80
CA THR A 25 -4.66 -17.51 -0.52
C THR A 25 -5.73 -17.21 0.53
N ILE A 26 -6.68 -18.13 0.66
CA ILE A 26 -7.76 -17.97 1.63
C ILE A 26 -7.21 -17.84 3.04
N GLY A 27 -6.92 -18.98 3.67
CA GLY A 27 -6.40 -19.01 5.04
C GLY A 27 -5.79 -17.67 5.46
N PHE A 28 -4.99 -17.08 4.58
CA PHE A 28 -4.36 -15.79 4.89
C PHE A 28 -5.41 -14.69 4.95
N HIS A 29 -6.35 -14.72 4.00
CA HIS A 29 -7.41 -13.74 3.95
C HIS A 29 -8.38 -13.92 5.10
N ASP A 30 -8.34 -15.08 5.74
CA ASP A 30 -9.21 -15.35 6.89
C ASP A 30 -8.49 -15.00 8.19
N LYS A 31 -7.18 -14.78 8.08
CA LYS A 31 -6.36 -14.45 9.24
C LYS A 31 -6.36 -12.95 9.56
N TYR A 32 -5.72 -12.16 8.71
CA TYR A 32 -5.64 -10.72 8.94
C TYR A 32 -6.28 -9.91 7.82
N ILE A 33 -5.72 -10.02 6.62
CA ILE A 33 -6.22 -9.28 5.46
C ILE A 33 -7.74 -9.25 5.45
N LYS A 34 -8.37 -10.13 6.23
CA LYS A 34 -9.83 -10.20 6.31
C LYS A 34 -10.50 -9.01 5.63
N ASP A 35 -10.21 -7.81 6.14
CA ASP A 35 -10.78 -6.60 5.57
C ASP A 35 -10.10 -5.36 6.14
N ILE A 36 -9.13 -4.84 5.40
CA ILE A 36 -8.40 -3.66 5.85
C ILE A 36 -9.24 -2.40 5.58
N ASN A 37 -8.77 -1.27 6.08
CA ASN A 37 -9.50 -0.01 5.89
C ASN A 37 -8.55 1.17 5.74
N ARG A 38 -7.24 0.88 5.67
CA ARG A 38 -6.25 1.95 5.52
C ARG A 38 -5.27 1.63 4.40
N PHE A 39 -5.51 2.22 3.23
CA PHE A 39 -4.65 2.04 2.07
C PHE A 39 -4.74 3.30 1.20
N VAL A 40 -3.60 3.86 0.82
CA VAL A 40 -3.63 5.08 0.01
C VAL A 40 -2.52 5.11 -1.03
N PHE A 41 -2.77 5.88 -2.10
CA PHE A 41 -1.83 6.05 -3.19
C PHE A 41 -1.49 7.53 -3.33
N LYS A 42 -0.20 7.88 -3.23
CA LYS A 42 0.22 9.28 -3.33
C LYS A 42 1.15 9.50 -4.51
N ASN A 43 2.38 8.98 -4.41
CA ASN A 43 3.36 9.15 -5.48
C ASN A 43 3.79 7.79 -6.02
N ASN A 44 3.00 7.24 -6.93
CA ASN A 44 3.31 5.95 -7.54
C ASN A 44 3.66 4.93 -6.47
N VAL A 45 3.35 5.25 -5.22
CA VAL A 45 3.63 4.34 -4.11
C VAL A 45 2.33 3.97 -3.39
N LEU A 46 2.26 2.72 -2.94
CA LEU A 46 1.06 2.23 -2.25
C LEU A 46 1.44 1.74 -0.85
N LEU A 47 0.84 2.33 0.18
CA LEU A 47 1.12 1.94 1.56
C LEU A 47 -0.15 1.41 2.22
N ILE A 48 0.01 0.40 3.06
CA ILE A 48 -1.13 -0.22 3.75
C ILE A 48 -0.77 -0.58 5.19
N LEU A 49 -1.68 -0.26 6.11
CA LEU A 49 -1.44 -0.54 7.53
C LEU A 49 -1.29 -2.04 7.76
N LEU A 50 -0.31 -2.40 8.60
CA LEU A 50 -0.07 -3.81 8.92
C LEU A 50 0.79 -3.92 10.18
N GLU A 51 0.14 -4.15 11.32
CA GLU A 51 0.85 -4.27 12.59
C GLU A 51 1.22 -5.73 12.85
N ASN A 52 0.36 -6.65 12.42
CA ASN A 52 0.62 -8.08 12.62
C ASN A 52 2.08 -8.41 12.34
N GLU A 53 2.76 -9.00 13.32
CA GLU A 53 4.16 -9.36 13.16
C GLU A 53 4.32 -10.45 12.10
N PHE A 54 3.45 -11.44 12.14
CA PHE A 54 3.51 -12.54 11.17
C PHE A 54 3.20 -12.03 9.77
N ALA A 55 1.95 -11.63 9.56
CA ALA A 55 1.52 -11.12 8.26
C ALA A 55 2.61 -10.26 7.63
N ARG A 56 3.27 -9.45 8.45
CA ARG A 56 4.34 -8.58 7.96
C ARG A 56 5.61 -9.38 7.73
N ASN A 57 5.85 -10.36 8.60
CA ASN A 57 7.04 -11.19 8.49
C ASN A 57 7.20 -11.75 7.07
N SER A 58 6.11 -12.30 6.55
CA SER A 58 6.10 -12.92 5.22
C SER A 58 5.75 -11.93 4.11
N LEU A 59 4.77 -11.07 4.34
CA LEU A 59 4.37 -10.12 3.32
C LEU A 59 5.57 -9.36 2.79
N ASN A 60 6.26 -8.62 3.65
CA ASN A 60 7.43 -7.87 3.21
C ASN A 60 8.54 -8.81 2.77
N ASP A 61 8.43 -10.09 3.10
CA ASP A 61 9.44 -11.05 2.69
C ASP A 61 9.35 -11.28 1.18
N ASN A 62 8.14 -11.09 0.66
CA ASN A 62 7.89 -11.28 -0.76
C ASN A 62 6.52 -10.70 -1.14
N SER A 63 6.53 -9.48 -1.66
CA SER A 63 5.29 -8.83 -2.07
C SER A 63 5.42 -8.23 -3.46
N GLU A 64 5.55 -9.10 -4.46
CA GLU A 64 5.69 -8.66 -5.84
C GLU A 64 4.38 -8.08 -6.36
N ILE A 65 3.69 -7.30 -5.53
CA ILE A 65 2.42 -6.73 -5.94
C ILE A 65 2.60 -5.77 -7.11
N ILE A 66 3.85 -5.50 -7.49
CA ILE A 66 4.14 -4.60 -8.61
C ILE A 66 4.23 -5.40 -9.91
N HIS A 67 4.22 -6.71 -9.78
CA HIS A 67 4.29 -7.62 -10.94
C HIS A 67 2.90 -7.86 -11.50
N LEU A 68 1.89 -7.29 -10.86
CA LEU A 68 0.50 -7.38 -11.34
C LEU A 68 -0.11 -5.99 -11.33
N ALA A 69 0.11 -5.28 -10.23
CA ALA A 69 -0.42 -3.93 -10.08
C ALA A 69 0.11 -3.00 -11.17
N GLU A 70 1.26 -3.37 -11.74
CA GLU A 70 1.88 -2.55 -12.78
C GLU A 70 1.00 -2.45 -14.02
N SER A 71 -0.31 -2.45 -13.82
CA SER A 71 -1.25 -2.35 -14.95
C SER A 71 -2.22 -1.21 -14.74
N LEU A 72 -3.04 -1.32 -13.70
CA LEU A 72 -4.02 -0.28 -13.40
C LEU A 72 -3.41 1.11 -13.54
N TYR A 73 -2.11 1.20 -13.29
CA TYR A 73 -1.41 2.49 -13.40
C TYR A 73 -0.31 2.41 -14.45
N GLU A 74 0.19 3.57 -14.86
CA GLU A 74 1.26 3.62 -15.85
C GLU A 74 2.40 2.71 -15.46
N GLY A 75 2.50 2.42 -14.16
CA GLY A 75 3.56 1.54 -13.66
C GLY A 75 3.90 1.88 -12.21
N ILE A 76 3.24 1.20 -11.27
CA ILE A 76 3.48 1.43 -9.86
C ILE A 76 4.98 1.38 -9.56
N LYS A 77 5.42 2.21 -8.62
CA LYS A 77 6.84 2.25 -8.26
C LYS A 77 7.15 1.12 -7.29
N SER A 78 6.25 0.87 -6.35
CA SER A 78 6.45 -0.19 -5.37
C SER A 78 5.21 -0.34 -4.47
N VAL A 79 5.27 -1.31 -3.57
CA VAL A 79 4.17 -1.56 -2.64
C VAL A 79 4.73 -2.09 -1.32
N ASN A 80 4.05 -1.77 -0.21
CA ASN A 80 4.52 -2.24 1.09
C ASN A 80 3.53 -1.94 2.21
N PHE A 81 3.68 -2.66 3.31
CA PHE A 81 2.82 -2.50 4.48
C PHE A 81 3.70 -2.31 5.71
N VAL A 82 3.23 -1.52 6.67
CA VAL A 82 4.01 -1.26 7.89
C VAL A 82 3.11 -1.09 9.10
N ASN A 83 3.63 -0.41 10.13
CA ASN A 83 2.88 -0.19 11.35
C ASN A 83 2.39 1.25 11.45
N GLU A 84 1.40 1.47 12.30
CA GLU A 84 0.83 2.81 12.48
C GLU A 84 1.88 3.90 12.36
N GLN A 85 2.77 3.97 13.35
CA GLN A 85 3.81 4.99 13.34
C GLN A 85 4.54 5.03 12.00
N ASP A 86 4.97 3.87 11.53
CA ASP A 86 5.68 3.80 10.26
C ASP A 86 4.86 4.46 9.16
N PHE A 87 3.69 3.90 8.85
CA PHE A 87 2.84 4.46 7.81
C PHE A 87 2.74 5.98 7.97
N PHE A 88 2.56 6.43 9.20
CA PHE A 88 2.46 7.85 9.48
C PHE A 88 3.72 8.57 8.98
N PHE A 89 4.84 8.29 9.62
CA PHE A 89 6.11 8.89 9.24
C PHE A 89 6.19 9.07 7.72
N ASN A 90 5.52 8.19 6.99
CA ASN A 90 5.53 8.25 5.54
C ASN A 90 4.64 9.38 5.04
N LEU A 91 3.39 9.42 5.52
CA LEU A 91 2.45 10.46 5.10
C LEU A 91 2.64 11.72 5.93
N ALA A 92 3.29 11.58 7.08
CA ALA A 92 3.52 12.72 7.96
C ALA A 92 4.39 13.77 7.26
N LYS A 93 4.83 13.46 6.04
CA LYS A 93 5.66 14.38 5.29
C LYS A 93 4.82 15.24 4.34
N LEU A 94 4.55 14.73 3.15
CA LEU A 94 3.75 15.46 2.16
C LEU A 94 4.43 16.77 1.76
N GLU A 95 5.17 17.36 2.70
CA GLU A 95 5.88 18.61 2.44
C GLU A 95 4.94 19.81 2.61
N GLU A 96 4.04 20.00 1.66
CA GLU A 96 3.10 21.12 1.72
C GLU A 96 1.77 20.68 2.32
N ASN A 97 1.77 19.53 2.98
CA ASN A 97 0.56 19.02 3.61
C ASN A 97 -0.64 19.20 2.68
N SER A 98 -0.37 19.37 1.39
CA SER A 98 -1.42 19.56 0.40
C SER A 98 -0.98 19.05 -0.96
N ARG A 99 -1.38 19.76 -2.01
CA ARG A 99 -1.01 19.37 -3.37
C ARG A 99 0.35 19.93 -3.75
N ASP A 100 1.31 19.04 -3.97
CA ASP A 100 2.66 19.45 -4.34
C ASP A 100 2.89 19.24 -5.84
N THR A 101 2.90 20.34 -6.58
CA THR A 101 3.11 20.27 -8.03
C THR A 101 4.50 20.77 -8.40
N LEU A 102 5.52 20.01 -7.98
CA LEU A 102 6.90 20.38 -8.27
C LEU A 102 7.32 19.82 -9.63
N TYR A 103 8.23 20.54 -10.30
CA TYR A 103 8.71 20.11 -11.60
C TYR A 103 9.05 18.61 -11.59
N GLN A 104 9.35 18.07 -12.76
CA GLN A 104 9.70 16.66 -12.88
C GLN A 104 10.91 16.47 -13.79
N ASN A 105 11.58 15.33 -13.64
CA ASN A 105 12.77 15.05 -14.46
C ASN A 105 12.36 14.70 -15.88
N SER A 106 13.31 14.21 -16.66
CA SER A 106 13.04 13.83 -18.05
C SER A 106 14.11 12.88 -18.56
N GLY A 107 15.20 12.75 -17.81
CA GLY A 107 16.29 11.87 -18.20
C GLY A 107 15.92 10.41 -17.94
#